data_3HUI
# 
_entry.id   3HUI 
# 
_audit_conform.dict_name       mmcif_pdbx.dic 
_audit_conform.dict_version    5.380 
_audit_conform.dict_location   http://mmcif.pdb.org/dictionaries/ascii/mmcif_pdbx.dic 
# 
loop_
_database_2.database_id 
_database_2.database_code 
_database_2.pdbx_database_accession 
_database_2.pdbx_DOI 
PDB   3HUI         pdb_00003hui 10.2210/pdb3hui/pdb 
RCSB  RCSB053597   ?            ?                   
WWPDB D_1000053597 ?            ?                   
# 
loop_
_pdbx_database_related.db_name 
_pdbx_database_related.db_id 
_pdbx_database_related.details 
_pdbx_database_related.content_type 
PDB 3FG2 . unspecified 
PDB 2FR7 . unspecified 
# 
_pdbx_database_status.status_code                     REL 
_pdbx_database_status.entry_id                        3HUI 
_pdbx_database_status.recvd_initial_deposition_date   2009-06-14 
_pdbx_database_status.deposit_site                    RCSB 
_pdbx_database_status.process_site                    PDBJ 
_pdbx_database_status.status_code_sf                  REL 
_pdbx_database_status.status_code_mr                  ? 
_pdbx_database_status.SG_entry                        ? 
_pdbx_database_status.status_code_cs                  ? 
_pdbx_database_status.pdb_format_compatible           Y 
_pdbx_database_status.status_code_nmr_data            ? 
_pdbx_database_status.methods_development_category    ? 
# 
loop_
_audit_author.name 
_audit_author.pdbx_ordinal 
'Bell, S.G.'  1 
'Xu, F.'      2 
'Rao, Z.'     3 
'Wong, L.-L.' 4 
# 
_citation.id                        primary 
_citation.title                     
'Protein recognition in ferredoxin-P450 electron transfer in the class I CYP199A2 system from Rhodopseudomonas palustris' 
_citation.journal_abbrev            J.Biol.Inorg.Chem. 
_citation.journal_volume            15 
_citation.page_first                315 
_citation.page_last                 328 
_citation.year                      2010 
_citation.journal_id_ASTM           JJBCFA 
_citation.country                   GW 
_citation.journal_id_ISSN           0949-8257 
_citation.journal_id_CSD            2154 
_citation.book_publisher            ? 
_citation.pdbx_database_id_PubMed   19904564 
_citation.pdbx_database_id_DOI      10.1007/s00775-009-0604-7 
# 
loop_
_citation_author.citation_id 
_citation_author.name 
_citation_author.ordinal 
_citation_author.identifier_ORCID 
primary 'Bell, S.G.'    1 ? 
primary 'Xu, F.'        2 ? 
primary 'Johnson, E.O.' 3 ? 
primary 'Forward, I.M.' 4 ? 
primary 'Bartlam, M.'   5 ? 
primary 'Rao, Z.'       6 ? 
primary 'Wong, L.L.'    7 ? 
# 
_cell.entry_id           3HUI 
_cell.length_a           69.168 
_cell.length_b           32.402 
_cell.length_c           47.867 
_cell.angle_alpha        90.00 
_cell.angle_beta         92.14 
_cell.angle_gamma        90.00 
_cell.Z_PDB              4 
_cell.pdbx_unique_axis   ? 
_cell.length_a_esd       ? 
_cell.length_b_esd       ? 
_cell.length_c_esd       ? 
_cell.angle_alpha_esd    ? 
_cell.angle_beta_esd     ? 
_cell.angle_gamma_esd    ? 
# 
_symmetry.entry_id                         3HUI 
_symmetry.space_group_name_H-M             'C 1 2 1' 
_symmetry.pdbx_full_space_group_name_H-M   ? 
_symmetry.cell_setting                     ? 
_symmetry.Int_Tables_number                5 
_symmetry.space_group_name_Hall            ? 
# 
loop_
_entity.id 
_entity.type 
_entity.src_method 
_entity.pdbx_description 
_entity.formula_weight 
_entity.pdbx_number_of_molecules 
_entity.pdbx_ec 
_entity.pdbx_mutation 
_entity.pdbx_fragment 
_entity.details 
1 polymer     man Ferredoxin                   13757.359 1  ? A105R ? ? 
2 non-polymer syn 'FE2/S2 (INORGANIC) CLUSTER' 175.820   1  ? ?     ? ? 
3 water       nat water                        18.015    75 ? ?     ? ? 
# 
_entity_poly.entity_id                      1 
_entity_poly.type                           'polypeptide(L)' 
_entity_poly.nstd_linkage                   no 
_entity_poly.nstd_monomer                   no 
_entity_poly.pdbx_seq_one_letter_code       
;MGSSHHHHHHSSGLVPRGSHMAKINFVDHTGETRTVEVEEGATVMEAAIRNAIPGVEAECGGACACATCHVYVDEAWREK
VGGPSPMEEDMLDFGYDVRPNSRLSCQIKVSNELDGLIVTTPERQR
;
_entity_poly.pdbx_seq_one_letter_code_can   
;MGSSHHHHHHSSGLVPRGSHMAKINFVDHTGETRTVEVEEGATVMEAAIRNAIPGVEAECGGACACATCHVYVDEAWREK
VGGPSPMEEDMLDFGYDVRPNSRLSCQIKVSNELDGLIVTTPERQR
;
_entity_poly.pdbx_strand_id                 A 
_entity_poly.pdbx_target_identifier         ? 
# 
loop_
_entity_poly_seq.entity_id 
_entity_poly_seq.num 
_entity_poly_seq.mon_id 
_entity_poly_seq.hetero 
1 1   MET n 
1 2   GLY n 
1 3   SER n 
1 4   SER n 
1 5   HIS n 
1 6   HIS n 
1 7   HIS n 
1 8   HIS n 
1 9   HIS n 
1 10  HIS n 
1 11  SER n 
1 12  SER n 
1 13  GLY n 
1 14  LEU n 
1 15  VAL n 
1 16  PRO n 
1 17  ARG n 
1 18  GLY n 
1 19  SER n 
1 20  HIS n 
1 21  MET n 
1 22  ALA n 
1 23  LYS n 
1 24  ILE n 
1 25  ASN n 
1 26  PHE n 
1 27  VAL n 
1 28  ASP n 
1 29  HIS n 
1 30  THR n 
1 31  GLY n 
1 32  GLU n 
1 33  THR n 
1 34  ARG n 
1 35  THR n 
1 36  VAL n 
1 37  GLU n 
1 38  VAL n 
1 39  GLU n 
1 40  GLU n 
1 41  GLY n 
1 42  ALA n 
1 43  THR n 
1 44  VAL n 
1 45  MET n 
1 46  GLU n 
1 47  ALA n 
1 48  ALA n 
1 49  ILE n 
1 50  ARG n 
1 51  ASN n 
1 52  ALA n 
1 53  ILE n 
1 54  PRO n 
1 55  GLY n 
1 56  VAL n 
1 57  GLU n 
1 58  ALA n 
1 59  GLU n 
1 60  CYS n 
1 61  GLY n 
1 62  GLY n 
1 63  ALA n 
1 64  CYS n 
1 65  ALA n 
1 66  CYS n 
1 67  ALA n 
1 68  THR n 
1 69  CYS n 
1 70  HIS n 
1 71  VAL n 
1 72  TYR n 
1 73  VAL n 
1 74  ASP n 
1 75  GLU n 
1 76  ALA n 
1 77  TRP n 
1 78  ARG n 
1 79  GLU n 
1 80  LYS n 
1 81  VAL n 
1 82  GLY n 
1 83  GLY n 
1 84  PRO n 
1 85  SER n 
1 86  PRO n 
1 87  MET n 
1 88  GLU n 
1 89  GLU n 
1 90  ASP n 
1 91  MET n 
1 92  LEU n 
1 93  ASP n 
1 94  PHE n 
1 95  GLY n 
1 96  TYR n 
1 97  ASP n 
1 98  VAL n 
1 99  ARG n 
1 100 PRO n 
1 101 ASN n 
1 102 SER n 
1 103 ARG n 
1 104 LEU n 
1 105 SER n 
1 106 CYS n 
1 107 GLN n 
1 108 ILE n 
1 109 LYS n 
1 110 VAL n 
1 111 SER n 
1 112 ASN n 
1 113 GLU n 
1 114 LEU n 
1 115 ASP n 
1 116 GLY n 
1 117 LEU n 
1 118 ILE n 
1 119 VAL n 
1 120 THR n 
1 121 THR n 
1 122 PRO n 
1 123 GLU n 
1 124 ARG n 
1 125 GLN n 
1 126 ARG n 
# 
_entity_src_gen.entity_id                          1 
_entity_src_gen.pdbx_src_id                        1 
_entity_src_gen.pdbx_alt_source_flag               sample 
_entity_src_gen.pdbx_seq_type                      ? 
_entity_src_gen.pdbx_beg_seq_num                   ? 
_entity_src_gen.pdbx_end_seq_num                   ? 
_entity_src_gen.gene_src_common_name               ? 
_entity_src_gen.gene_src_genus                     ? 
_entity_src_gen.pdbx_gene_src_gene                 ? 
_entity_src_gen.gene_src_species                   ? 
_entity_src_gen.gene_src_strain                    ? 
_entity_src_gen.gene_src_tissue                    ? 
_entity_src_gen.gene_src_tissue_fraction           ? 
_entity_src_gen.gene_src_details                   ? 
_entity_src_gen.pdbx_gene_src_fragment             ? 
_entity_src_gen.pdbx_gene_src_scientific_name      'Rhodopseudomonas palustris' 
_entity_src_gen.pdbx_gene_src_ncbi_taxonomy_id     1076 
_entity_src_gen.pdbx_gene_src_variant              ? 
_entity_src_gen.pdbx_gene_src_cell_line            ? 
_entity_src_gen.pdbx_gene_src_atcc                 ? 
_entity_src_gen.pdbx_gene_src_organ                ? 
_entity_src_gen.pdbx_gene_src_organelle            ? 
_entity_src_gen.pdbx_gene_src_cell                 ? 
_entity_src_gen.pdbx_gene_src_cellular_location    ? 
_entity_src_gen.host_org_common_name               ? 
_entity_src_gen.pdbx_host_org_scientific_name      'Escherichia coli BL21(DE3)' 
_entity_src_gen.pdbx_host_org_ncbi_taxonomy_id     469008 
_entity_src_gen.host_org_genus                     ? 
_entity_src_gen.pdbx_host_org_gene                 ? 
_entity_src_gen.pdbx_host_org_organ                ? 
_entity_src_gen.host_org_species                   ? 
_entity_src_gen.pdbx_host_org_tissue               ? 
_entity_src_gen.pdbx_host_org_tissue_fraction      ? 
_entity_src_gen.pdbx_host_org_strain               'BL21(DE3)' 
_entity_src_gen.pdbx_host_org_variant              ? 
_entity_src_gen.pdbx_host_org_cell_line            ? 
_entity_src_gen.pdbx_host_org_atcc                 ? 
_entity_src_gen.pdbx_host_org_culture_collection   ? 
_entity_src_gen.pdbx_host_org_cell                 ? 
_entity_src_gen.pdbx_host_org_organelle            ? 
_entity_src_gen.pdbx_host_org_cellular_location    ? 
_entity_src_gen.pdbx_host_org_vector_type          plasmid 
_entity_src_gen.pdbx_host_org_vector               ? 
_entity_src_gen.host_org_details                   ? 
_entity_src_gen.expression_system_id               ? 
_entity_src_gen.plasmid_name                       pET26 
_entity_src_gen.plasmid_details                    ? 
_entity_src_gen.pdbx_description                   ? 
# 
_struct_ref.id                         1 
_struct_ref.db_name                    UNP 
_struct_ref.db_code                    Q6N2U2_RHOPA 
_struct_ref.pdbx_db_accession          Q6N2U2 
_struct_ref.entity_id                  1 
_struct_ref.pdbx_seq_one_letter_code   
;MAKINFVDHTGETRTVEVEEGATVMEAAIRNAIPGVEAECGGACACATCHVYVDEAWREKVGGPSPMEEDMLDFGYDVRP
NSRLSCQIKVSNELDGLIVTTPERQA
;
_struct_ref.pdbx_align_begin           1 
_struct_ref.pdbx_db_isoform            ? 
# 
_struct_ref_seq.align_id                      1 
_struct_ref_seq.ref_id                        1 
_struct_ref_seq.pdbx_PDB_id_code              3HUI 
_struct_ref_seq.pdbx_strand_id                A 
_struct_ref_seq.seq_align_beg                 21 
_struct_ref_seq.pdbx_seq_align_beg_ins_code   ? 
_struct_ref_seq.seq_align_end                 126 
_struct_ref_seq.pdbx_seq_align_end_ins_code   ? 
_struct_ref_seq.pdbx_db_accession             Q6N2U2 
_struct_ref_seq.db_align_beg                  1 
_struct_ref_seq.pdbx_db_align_beg_ins_code    ? 
_struct_ref_seq.db_align_end                  106 
_struct_ref_seq.pdbx_db_align_end_ins_code    ? 
_struct_ref_seq.pdbx_auth_seq_align_beg       0 
_struct_ref_seq.pdbx_auth_seq_align_end       105 
# 
loop_
_struct_ref_seq_dif.align_id 
_struct_ref_seq_dif.pdbx_pdb_id_code 
_struct_ref_seq_dif.mon_id 
_struct_ref_seq_dif.pdbx_pdb_strand_id 
_struct_ref_seq_dif.seq_num 
_struct_ref_seq_dif.pdbx_pdb_ins_code 
_struct_ref_seq_dif.pdbx_seq_db_name 
_struct_ref_seq_dif.pdbx_seq_db_accession_code 
_struct_ref_seq_dif.db_mon_id 
_struct_ref_seq_dif.pdbx_seq_db_seq_num 
_struct_ref_seq_dif.details 
_struct_ref_seq_dif.pdbx_auth_seq_num 
_struct_ref_seq_dif.pdbx_ordinal 
1 3HUI MET A 1   ? UNP Q6N2U2 ?   ?   'expression tag'      -20 1  
1 3HUI GLY A 2   ? UNP Q6N2U2 ?   ?   'expression tag'      -19 2  
1 3HUI SER A 3   ? UNP Q6N2U2 ?   ?   'expression tag'      -18 3  
1 3HUI SER A 4   ? UNP Q6N2U2 ?   ?   'expression tag'      -17 4  
1 3HUI HIS A 5   ? UNP Q6N2U2 ?   ?   'expression tag'      -16 5  
1 3HUI HIS A 6   ? UNP Q6N2U2 ?   ?   'expression tag'      -15 6  
1 3HUI HIS A 7   ? UNP Q6N2U2 ?   ?   'expression tag'      -14 7  
1 3HUI HIS A 8   ? UNP Q6N2U2 ?   ?   'expression tag'      -13 8  
1 3HUI HIS A 9   ? UNP Q6N2U2 ?   ?   'expression tag'      -12 9  
1 3HUI HIS A 10  ? UNP Q6N2U2 ?   ?   'expression tag'      -11 10 
1 3HUI SER A 11  ? UNP Q6N2U2 ?   ?   'expression tag'      -10 11 
1 3HUI SER A 12  ? UNP Q6N2U2 ?   ?   'expression tag'      -9  12 
1 3HUI GLY A 13  ? UNP Q6N2U2 ?   ?   'expression tag'      -8  13 
1 3HUI LEU A 14  ? UNP Q6N2U2 ?   ?   'expression tag'      -7  14 
1 3HUI VAL A 15  ? UNP Q6N2U2 ?   ?   'expression tag'      -6  15 
1 3HUI PRO A 16  ? UNP Q6N2U2 ?   ?   'expression tag'      -5  16 
1 3HUI ARG A 17  ? UNP Q6N2U2 ?   ?   'expression tag'      -4  17 
1 3HUI GLY A 18  ? UNP Q6N2U2 ?   ?   'expression tag'      -3  18 
1 3HUI SER A 19  ? UNP Q6N2U2 ?   ?   'expression tag'      -2  19 
1 3HUI HIS A 20  ? UNP Q6N2U2 ?   ?   'expression tag'      -1  20 
1 3HUI ARG A 126 ? UNP Q6N2U2 ALA 106 'engineered mutation' 105 21 
# 
loop_
_chem_comp.id 
_chem_comp.type 
_chem_comp.mon_nstd_flag 
_chem_comp.name 
_chem_comp.pdbx_synonyms 
_chem_comp.formula 
_chem_comp.formula_weight 
ALA 'L-peptide linking' y ALANINE                      ? 'C3 H7 N O2'     89.093  
ARG 'L-peptide linking' y ARGININE                     ? 'C6 H15 N4 O2 1' 175.209 
ASN 'L-peptide linking' y ASPARAGINE                   ? 'C4 H8 N2 O3'    132.118 
ASP 'L-peptide linking' y 'ASPARTIC ACID'              ? 'C4 H7 N O4'     133.103 
CYS 'L-peptide linking' y CYSTEINE                     ? 'C3 H7 N O2 S'   121.158 
FES non-polymer         . 'FE2/S2 (INORGANIC) CLUSTER' ? 'Fe2 S2'         175.820 
GLN 'L-peptide linking' y GLUTAMINE                    ? 'C5 H10 N2 O3'   146.144 
GLU 'L-peptide linking' y 'GLUTAMIC ACID'              ? 'C5 H9 N O4'     147.129 
GLY 'peptide linking'   y GLYCINE                      ? 'C2 H5 N O2'     75.067  
HIS 'L-peptide linking' y HISTIDINE                    ? 'C6 H10 N3 O2 1' 156.162 
HOH non-polymer         . WATER                        ? 'H2 O'           18.015  
ILE 'L-peptide linking' y ISOLEUCINE                   ? 'C6 H13 N O2'    131.173 
LEU 'L-peptide linking' y LEUCINE                      ? 'C6 H13 N O2'    131.173 
LYS 'L-peptide linking' y LYSINE                       ? 'C6 H15 N2 O2 1' 147.195 
MET 'L-peptide linking' y METHIONINE                   ? 'C5 H11 N O2 S'  149.211 
PHE 'L-peptide linking' y PHENYLALANINE                ? 'C9 H11 N O2'    165.189 
PRO 'L-peptide linking' y PROLINE                      ? 'C5 H9 N O2'     115.130 
SER 'L-peptide linking' y SERINE                       ? 'C3 H7 N O3'     105.093 
THR 'L-peptide linking' y THREONINE                    ? 'C4 H9 N O3'     119.119 
TRP 'L-peptide linking' y TRYPTOPHAN                   ? 'C11 H12 N2 O2'  204.225 
TYR 'L-peptide linking' y TYROSINE                     ? 'C9 H11 N O3'    181.189 
VAL 'L-peptide linking' y VALINE                       ? 'C5 H11 N O2'    117.146 
# 
_exptl.entry_id          3HUI 
_exptl.method            'X-RAY DIFFRACTION' 
_exptl.crystals_number   1 
# 
_exptl_crystal.id                    1 
_exptl_crystal.density_meas          ? 
_exptl_crystal.density_Matthews      1.95 
_exptl_crystal.density_percent_sol   36.86 
_exptl_crystal.description           ? 
_exptl_crystal.F_000                 ? 
_exptl_crystal.preparation           ? 
# 
_exptl_crystal_grow.crystal_id      1 
_exptl_crystal_grow.method          'VAPOR DIFFUSION, HANGING DROP' 
_exptl_crystal_grow.temp            289 
_exptl_crystal_grow.temp_details    ? 
_exptl_crystal_grow.pH              6.5 
_exptl_crystal_grow.pdbx_details    
'0.2M Ammonium Sulfate, 30% PEG8000, 0.1M Sodium Cacodylate, pH 6.5, VAPOR DIFFUSION, HANGING DROP, temperature 289K' 
_exptl_crystal_grow.pdbx_pH_range   . 
# 
_diffrn.id                     1 
_diffrn.ambient_temp           100 
_diffrn.ambient_temp_details   ? 
_diffrn.crystal_id             1 
# 
_diffrn_detector.diffrn_id              1 
_diffrn_detector.detector               'IMAGE PLATE' 
_diffrn_detector.type                   'RIGAKU RAXIS IV' 
_diffrn_detector.pdbx_collection_date   2006-03-20 
_diffrn_detector.details                ? 
# 
_diffrn_radiation.diffrn_id                        1 
_diffrn_radiation.wavelength_id                    1 
_diffrn_radiation.pdbx_monochromatic_or_laue_m_l   M 
_diffrn_radiation.monochromator                    'SAGITALLY FOCUSED SI(III)' 
_diffrn_radiation.pdbx_diffrn_protocol             'SINGLE WAVELENGTH' 
_diffrn_radiation.pdbx_scattering_type             x-ray 
# 
_diffrn_radiation_wavelength.id           1 
_diffrn_radiation_wavelength.wavelength   1.5418 
_diffrn_radiation_wavelength.wt           1.0 
# 
_diffrn_source.diffrn_id                   1 
_diffrn_source.source                      'ROTATING ANODE' 
_diffrn_source.type                        'RIGAKU MICROMAX-007' 
_diffrn_source.pdbx_synchrotron_site       ? 
_diffrn_source.pdbx_synchrotron_beamline   ? 
_diffrn_source.pdbx_wavelength             ? 
_diffrn_source.pdbx_wavelength_list        1.5418 
# 
_reflns.entry_id                     3HUI 
_reflns.observed_criterion_sigma_I   2.0 
_reflns.observed_criterion_sigma_F   2.0 
_reflns.d_resolution_low             50 
_reflns.d_resolution_high            2.01 
_reflns.number_obs                   6641 
_reflns.number_all                   7222 
_reflns.percent_possible_obs         92.6 
_reflns.pdbx_Rmerge_I_obs            0.076 
_reflns.pdbx_Rsym_value              ? 
_reflns.pdbx_netI_over_sigmaI        ? 
_reflns.B_iso_Wilson_estimate        ? 
_reflns.pdbx_redundancy              2.4 
_reflns.R_free_details               ? 
_reflns.limit_h_max                  ? 
_reflns.limit_h_min                  ? 
_reflns.limit_k_max                  ? 
_reflns.limit_k_min                  ? 
_reflns.limit_l_max                  ? 
_reflns.limit_l_min                  ? 
_reflns.observed_criterion_F_max     ? 
_reflns.observed_criterion_F_min     ? 
_reflns.pdbx_chi_squared             ? 
_reflns.pdbx_scaling_rejects         ? 
_reflns.pdbx_ordinal                 1 
_reflns.pdbx_diffrn_id               1 
# 
_reflns_shell.d_res_high             2.01 
_reflns_shell.d_res_low              2.08 
_reflns_shell.percent_possible_all   63.6 
_reflns_shell.Rmerge_I_obs           0.140 
_reflns_shell.pdbx_Rsym_value        ? 
_reflns_shell.meanI_over_sigI_obs    ? 
_reflns_shell.pdbx_redundancy        ? 
_reflns_shell.percent_possible_obs   ? 
_reflns_shell.number_unique_all      ? 
_reflns_shell.number_measured_all    ? 
_reflns_shell.number_measured_obs    ? 
_reflns_shell.number_unique_obs      ? 
_reflns_shell.pdbx_chi_squared       ? 
_reflns_shell.pdbx_ordinal           1 
_reflns_shell.pdbx_diffrn_id         1 
# 
_refine.entry_id                                 3HUI 
_refine.ls_number_reflns_obs                     6515 
_refine.ls_number_reflns_all                     7222 
_refine.pdbx_ls_sigma_I                          2.0 
_refine.pdbx_ls_sigma_F                          2.0 
_refine.pdbx_data_cutoff_high_absF               ? 
_refine.pdbx_data_cutoff_low_absF                ? 
_refine.pdbx_data_cutoff_high_rms_absF           ? 
_refine.ls_d_res_low                             50 
_refine.ls_d_res_high                            2.01 
_refine.ls_percent_reflns_obs                    90.2 
_refine.ls_R_factor_obs                          0.213 
_refine.ls_R_factor_all                          0.223 
_refine.ls_R_factor_R_work                       0.192 
_refine.ls_R_factor_R_free                       0.239 
_refine.ls_R_factor_R_free_error                 ? 
_refine.ls_R_factor_R_free_error_details         ? 
_refine.ls_percent_reflns_R_free                 ? 
_refine.ls_number_reflns_R_free                  700 
_refine.ls_number_parameters                     ? 
_refine.ls_number_restraints                     ? 
_refine.occupancy_min                            ? 
_refine.occupancy_max                            ? 
_refine.correlation_coeff_Fo_to_Fc               ? 
_refine.correlation_coeff_Fo_to_Fc_free          ? 
_refine.B_iso_mean                               ? 
_refine.aniso_B[1][1]                            ? 
_refine.aniso_B[2][2]                            ? 
_refine.aniso_B[3][3]                            ? 
_refine.aniso_B[1][2]                            ? 
_refine.aniso_B[1][3]                            ? 
_refine.aniso_B[2][3]                            ? 
_refine.solvent_model_details                    ? 
_refine.solvent_model_param_ksol                 ? 
_refine.solvent_model_param_bsol                 ? 
_refine.pdbx_solvent_vdw_probe_radii             ? 
_refine.pdbx_solvent_ion_probe_radii             ? 
_refine.pdbx_solvent_shrinkage_radii             ? 
_refine.pdbx_ls_cross_valid_method               ? 
_refine.details                                  ? 
_refine.pdbx_starting_model                      'PDB ENTRY 1E9M' 
_refine.pdbx_method_to_determine_struct          'MOLECULAR REPLACEMENT' 
_refine.pdbx_isotropic_thermal_model             ? 
_refine.pdbx_stereochemistry_target_values       'Engh & Huber' 
_refine.pdbx_stereochem_target_val_spec_case     ? 
_refine.pdbx_R_Free_selection_details            Random 
_refine.pdbx_overall_ESU_R                       ? 
_refine.pdbx_overall_ESU_R_Free                  ? 
_refine.overall_SU_ML                            ? 
_refine.overall_SU_B                             ? 
_refine.ls_redundancy_reflns_obs                 ? 
_refine.B_iso_min                                ? 
_refine.B_iso_max                                ? 
_refine.overall_SU_R_Cruickshank_DPI             ? 
_refine.overall_SU_R_free                        ? 
_refine.ls_wR_factor_R_free                      ? 
_refine.ls_wR_factor_R_work                      ? 
_refine.overall_FOM_free_R_set                   ? 
_refine.overall_FOM_work_R_set                   ? 
_refine.pdbx_refine_id                           'X-RAY DIFFRACTION' 
_refine.pdbx_overall_phase_error                 ? 
_refine.pdbx_diffrn_id                           1 
_refine.pdbx_TLS_residual_ADP_flag               ? 
_refine.pdbx_overall_SU_R_free_Cruickshank_DPI   ? 
_refine.pdbx_overall_SU_R_Blow_DPI               ? 
_refine.pdbx_overall_SU_R_free_Blow_DPI          ? 
# 
_refine_hist.pdbx_refine_id                   'X-RAY DIFFRACTION' 
_refine_hist.cycle_id                         LAST 
_refine_hist.pdbx_number_atoms_protein        850 
_refine_hist.pdbx_number_atoms_nucleic_acid   0 
_refine_hist.pdbx_number_atoms_ligand         4 
_refine_hist.number_atoms_solvent             75 
_refine_hist.number_atoms_total               929 
_refine_hist.d_res_high                       2.01 
_refine_hist.d_res_low                        50 
# 
loop_
_refine_ls_restr.type 
_refine_ls_restr.dev_ideal 
_refine_ls_restr.dev_ideal_target 
_refine_ls_restr.weight 
_refine_ls_restr.number 
_refine_ls_restr.pdbx_refine_id 
_refine_ls_restr.pdbx_restraint_function 
c_angle_deg 1.149 ? ? ? 'X-RAY DIFFRACTION' ? 
c_bond_d    0.005 ? ? ? 'X-RAY DIFFRACTION' ? 
# 
_struct.entry_id                  3HUI 
_struct.title                     
'Crystal Structure of the mutant A105R of [2Fe-2S] Ferredoxin in the Class I CYP199A2 System from Rhodopseudomonas palustris' 
_struct.pdbx_model_details        ? 
_struct.pdbx_CASP_flag            ? 
_struct.pdbx_model_type_details   ? 
# 
_struct_keywords.entry_id        3HUI 
_struct_keywords.pdbx_keywords   'ELECTRON TRANSPORT' 
_struct_keywords.text            
'cytochrome P450, ferredoxin, rhodopseudomonas palustris, electron transfer, Iron, Iron-sulfur, Metal-binding, ELECTRON TRANSPORT' 
# 
loop_
_struct_asym.id 
_struct_asym.pdbx_blank_PDB_chainid_flag 
_struct_asym.pdbx_modified 
_struct_asym.entity_id 
_struct_asym.details 
A N N 1 ? 
B N N 2 ? 
C N N 3 ? 
# 
_struct_biol.id        1 
_struct_biol.details   ? 
# 
loop_
_struct_conf.conf_type_id 
_struct_conf.id 
_struct_conf.pdbx_PDB_helix_id 
_struct_conf.beg_label_comp_id 
_struct_conf.beg_label_asym_id 
_struct_conf.beg_label_seq_id 
_struct_conf.pdbx_beg_PDB_ins_code 
_struct_conf.end_label_comp_id 
_struct_conf.end_label_asym_id 
_struct_conf.end_label_seq_id 
_struct_conf.pdbx_end_PDB_ins_code 
_struct_conf.beg_auth_comp_id 
_struct_conf.beg_auth_asym_id 
_struct_conf.beg_auth_seq_id 
_struct_conf.end_auth_comp_id 
_struct_conf.end_auth_asym_id 
_struct_conf.end_auth_seq_id 
_struct_conf.pdbx_PDB_helix_class 
_struct_conf.details 
_struct_conf.pdbx_PDB_helix_length 
HELX_P HELX_P1 1 THR A 43  ? ARG A 50  ? THR A 22 ARG A 29 1 ? 8 
HELX_P HELX_P2 2 TRP A 77  ? GLY A 82  ? TRP A 56 GLY A 61 1 ? 6 
HELX_P HELX_P3 3 SER A 85  ? ASP A 93  ? SER A 64 ASP A 72 1 ? 9 
HELX_P HELX_P4 4 CYS A 106 ? ILE A 108 ? CYS A 85 ILE A 87 5 ? 3 
HELX_P HELX_P5 5 SER A 111 ? ASP A 115 ? SER A 90 ASP A 94 5 ? 5 
# 
_struct_conf_type.id          HELX_P 
_struct_conf_type.criteria    ? 
_struct_conf_type.reference   ? 
# 
loop_
_struct_conn.id 
_struct_conn.conn_type_id 
_struct_conn.pdbx_leaving_atom_flag 
_struct_conn.pdbx_PDB_id 
_struct_conn.ptnr1_label_asym_id 
_struct_conn.ptnr1_label_comp_id 
_struct_conn.ptnr1_label_seq_id 
_struct_conn.ptnr1_label_atom_id 
_struct_conn.pdbx_ptnr1_label_alt_id 
_struct_conn.pdbx_ptnr1_PDB_ins_code 
_struct_conn.pdbx_ptnr1_standard_comp_id 
_struct_conn.ptnr1_symmetry 
_struct_conn.ptnr2_label_asym_id 
_struct_conn.ptnr2_label_comp_id 
_struct_conn.ptnr2_label_seq_id 
_struct_conn.ptnr2_label_atom_id 
_struct_conn.pdbx_ptnr2_label_alt_id 
_struct_conn.pdbx_ptnr2_PDB_ins_code 
_struct_conn.ptnr1_auth_asym_id 
_struct_conn.ptnr1_auth_comp_id 
_struct_conn.ptnr1_auth_seq_id 
_struct_conn.ptnr2_auth_asym_id 
_struct_conn.ptnr2_auth_comp_id 
_struct_conn.ptnr2_auth_seq_id 
_struct_conn.ptnr2_symmetry 
_struct_conn.pdbx_ptnr3_label_atom_id 
_struct_conn.pdbx_ptnr3_label_seq_id 
_struct_conn.pdbx_ptnr3_label_comp_id 
_struct_conn.pdbx_ptnr3_label_asym_id 
_struct_conn.pdbx_ptnr3_label_alt_id 
_struct_conn.pdbx_ptnr3_PDB_ins_code 
_struct_conn.details 
_struct_conn.pdbx_dist_value 
_struct_conn.pdbx_value_order 
_struct_conn.pdbx_role 
metalc1 metalc ? ? A CYS 60  SG ? ? ? 1_555 B FES . FE1 ? ? A CYS 39 A FES 106 1_555 ? ? ? ? ? ? ? 2.350 ? ? 
metalc2 metalc ? ? A CYS 66  SG ? ? ? 1_555 B FES . FE1 ? ? A CYS 45 A FES 106 1_555 ? ? ? ? ? ? ? 2.400 ? ? 
metalc3 metalc ? ? A CYS 69  SG ? ? ? 1_555 B FES . FE2 ? ? A CYS 48 A FES 106 1_555 ? ? ? ? ? ? ? 2.449 ? ? 
metalc4 metalc ? ? A CYS 106 SG ? ? ? 1_555 B FES . FE2 ? ? A CYS 85 A FES 106 1_555 ? ? ? ? ? ? ? 2.430 ? ? 
# 
_struct_conn_type.id          metalc 
_struct_conn_type.criteria    ? 
_struct_conn_type.reference   ? 
# 
_struct_sheet.id               A 
_struct_sheet.type             ? 
_struct_sheet.number_strands   5 
_struct_sheet.details          ? 
# 
loop_
_struct_sheet_order.sheet_id 
_struct_sheet_order.range_id_1 
_struct_sheet_order.range_id_2 
_struct_sheet_order.offset 
_struct_sheet_order.sense 
A 1 2 ? anti-parallel 
A 2 3 ? parallel      
A 3 4 ? anti-parallel 
A 4 5 ? anti-parallel 
# 
loop_
_struct_sheet_range.sheet_id 
_struct_sheet_range.id 
_struct_sheet_range.beg_label_comp_id 
_struct_sheet_range.beg_label_asym_id 
_struct_sheet_range.beg_label_seq_id 
_struct_sheet_range.pdbx_beg_PDB_ins_code 
_struct_sheet_range.end_label_comp_id 
_struct_sheet_range.end_label_asym_id 
_struct_sheet_range.end_label_seq_id 
_struct_sheet_range.pdbx_end_PDB_ins_code 
_struct_sheet_range.beg_auth_comp_id 
_struct_sheet_range.beg_auth_asym_id 
_struct_sheet_range.beg_auth_seq_id 
_struct_sheet_range.end_auth_comp_id 
_struct_sheet_range.end_auth_asym_id 
_struct_sheet_range.end_auth_seq_id 
A 1 THR A 33  ? GLU A 39  ? THR A 12 GLU A 18 
A 2 MET A 21  ? VAL A 27  ? MET A 0  VAL A 6  
A 3 LEU A 117 ? THR A 120 ? LEU A 96 THR A 99 
A 4 HIS A 70  ? VAL A 73  ? HIS A 49 VAL A 52 
A 5 SER A 102 ? LEU A 104 ? SER A 81 LEU A 83 
# 
loop_
_pdbx_struct_sheet_hbond.sheet_id 
_pdbx_struct_sheet_hbond.range_id_1 
_pdbx_struct_sheet_hbond.range_id_2 
_pdbx_struct_sheet_hbond.range_1_label_atom_id 
_pdbx_struct_sheet_hbond.range_1_label_comp_id 
_pdbx_struct_sheet_hbond.range_1_label_asym_id 
_pdbx_struct_sheet_hbond.range_1_label_seq_id 
_pdbx_struct_sheet_hbond.range_1_PDB_ins_code 
_pdbx_struct_sheet_hbond.range_1_auth_atom_id 
_pdbx_struct_sheet_hbond.range_1_auth_comp_id 
_pdbx_struct_sheet_hbond.range_1_auth_asym_id 
_pdbx_struct_sheet_hbond.range_1_auth_seq_id 
_pdbx_struct_sheet_hbond.range_2_label_atom_id 
_pdbx_struct_sheet_hbond.range_2_label_comp_id 
_pdbx_struct_sheet_hbond.range_2_label_asym_id 
_pdbx_struct_sheet_hbond.range_2_label_seq_id 
_pdbx_struct_sheet_hbond.range_2_PDB_ins_code 
_pdbx_struct_sheet_hbond.range_2_auth_atom_id 
_pdbx_struct_sheet_hbond.range_2_auth_comp_id 
_pdbx_struct_sheet_hbond.range_2_auth_asym_id 
_pdbx_struct_sheet_hbond.range_2_auth_seq_id 
A 1 2 O ARG A 34  ? O ARG A 13 N PHE A 26  ? N PHE A 5  
A 2 3 N ASN A 25  ? N ASN A 4  O LEU A 117 ? O LEU A 96 
A 3 4 O THR A 120 ? O THR A 99 N TYR A 72  ? N TYR A 51 
A 4 5 N VAL A 71  ? N VAL A 50 O ARG A 103 ? O ARG A 82 
# 
_struct_site.id                   AC1 
_struct_site.pdbx_evidence_code   Software 
_struct_site.pdbx_auth_asym_id    A 
_struct_site.pdbx_auth_comp_id    FES 
_struct_site.pdbx_auth_seq_id     106 
_struct_site.pdbx_auth_ins_code   ? 
_struct_site.pdbx_num_residues    8 
_struct_site.details              'BINDING SITE FOR RESIDUE FES A 106' 
# 
loop_
_struct_site_gen.id 
_struct_site_gen.site_id 
_struct_site_gen.pdbx_num_res 
_struct_site_gen.label_comp_id 
_struct_site_gen.label_asym_id 
_struct_site_gen.label_seq_id 
_struct_site_gen.pdbx_auth_ins_code 
_struct_site_gen.auth_comp_id 
_struct_site_gen.auth_asym_id 
_struct_site_gen.auth_seq_id 
_struct_site_gen.label_atom_id 
_struct_site_gen.label_alt_id 
_struct_site_gen.symmetry 
_struct_site_gen.details 
1 AC1 8 ALA A 58  ? ALA A 37 . ? 1_555 ? 
2 AC1 8 CYS A 60  ? CYS A 39 . ? 1_555 ? 
3 AC1 8 GLY A 62  ? GLY A 41 . ? 1_555 ? 
4 AC1 8 CYS A 64  ? CYS A 43 . ? 1_555 ? 
5 AC1 8 ALA A 65  ? ALA A 44 . ? 1_555 ? 
6 AC1 8 CYS A 66  ? CYS A 45 . ? 1_555 ? 
7 AC1 8 CYS A 69  ? CYS A 48 . ? 1_555 ? 
8 AC1 8 CYS A 106 ? CYS A 85 . ? 1_555 ? 
# 
_atom_sites.entry_id                    3HUI 
_atom_sites.fract_transf_matrix[1][1]   -0.01361280 
_atom_sites.fract_transf_matrix[1][2]   -0.00367934 
_atom_sites.fract_transf_matrix[1][3]   -0.00323719 
_atom_sites.fract_transf_matrix[2][1]   -0.00742321 
_atom_sites.fract_transf_matrix[2][2]   0.00112691 
_atom_sites.fract_transf_matrix[2][3]   0.02993475 
_atom_sites.fract_transf_matrix[3][1]   -0.00571670 
_atom_sites.fract_transf_matrix[3][2]   0.01999176 
_atom_sites.fract_transf_matrix[3][3]   -0.00217022 
_atom_sites.fract_transf_vector[1]      0.225424 
_atom_sites.fract_transf_vector[2]      1.250680 
_atom_sites.fract_transf_vector[3]      0.727245 
# 
loop_
_atom_type.symbol 
C  
FE 
N  
O  
S  
# 
loop_
_atom_site.group_PDB 
_atom_site.id 
_atom_site.type_symbol 
_atom_site.label_atom_id 
_atom_site.label_alt_id 
_atom_site.label_comp_id 
_atom_site.label_asym_id 
_atom_site.label_entity_id 
_atom_site.label_seq_id 
_atom_site.pdbx_PDB_ins_code 
_atom_site.Cartn_x 
_atom_site.Cartn_y 
_atom_site.Cartn_z 
_atom_site.occupancy 
_atom_site.B_iso_or_equiv 
_atom_site.pdbx_formal_charge 
_atom_site.auth_seq_id 
_atom_site.auth_comp_id 
_atom_site.auth_asym_id 
_atom_site.auth_atom_id 
_atom_site.pdbx_PDB_model_num 
ATOM   1   N  N   . VAL A 1 15  ? -13.214 -9.208  -6.238  1.00 35.73 ? -6  VAL A N   1 
ATOM   2   C  CA  . VAL A 1 15  ? -12.733 -10.486 -6.822  1.00 33.47 ? -6  VAL A CA  1 
ATOM   3   C  C   . VAL A 1 15  ? -13.121 -10.581 -8.303  1.00 32.71 ? -6  VAL A C   1 
ATOM   4   O  O   . VAL A 1 15  ? -12.340 -11.097 -9.112  1.00 32.89 ? -6  VAL A O   1 
ATOM   5   C  CB  . VAL A 1 15  ? -13.275 -11.692 -6.012  1.00 34.13 ? -6  VAL A CB  1 
ATOM   6   C  CG1 . VAL A 1 15  ? -14.754 -11.898 -6.284  1.00 33.73 ? -6  VAL A CG1 1 
ATOM   7   C  CG2 . VAL A 1 15  ? -12.488 -12.925 -6.327  1.00 34.67 ? -6  VAL A CG2 1 
ATOM   8   N  N   . PRO A 1 16  ? -14.322 -10.078 -8.684  1.00 30.17 ? -5  PRO A N   1 
ATOM   9   C  CA  . PRO A 1 16  ? -14.724 -10.142 -10.096 1.00 27.44 ? -5  PRO A CA  1 
ATOM   10  C  C   . PRO A 1 16  ? -13.787 -9.241  -10.897 1.00 25.00 ? -5  PRO A C   1 
ATOM   11  O  O   . PRO A 1 16  ? -13.759 -8.027  -10.690 1.00 23.93 ? -5  PRO A O   1 
ATOM   12  C  CB  . PRO A 1 16  ? -16.172 -9.621  -10.077 1.00 28.04 ? -5  PRO A CB  1 
ATOM   13  C  CG  . PRO A 1 16  ? -16.612 -9.825  -8.650  1.00 28.64 ? -5  PRO A CG  1 
ATOM   14  C  CD  . PRO A 1 16  ? -15.372 -9.413  -7.897  1.00 29.13 ? -5  PRO A CD  1 
ATOM   15  N  N   . ARG A 1 17  ? -13.020 -9.840  -11.801 1.00 22.71 ? -4  ARG A N   1 
ATOM   16  C  CA  . ARG A 1 17  ? -12.053 -9.094  -12.586 1.00 21.07 ? -4  ARG A CA  1 
ATOM   17  C  C   . ARG A 1 17  ? -12.561 -7.809  -13.235 1.00 20.96 ? -4  ARG A C   1 
ATOM   18  O  O   . ARG A 1 17  ? -13.639 -7.769  -13.828 1.00 19.10 ? -4  ARG A O   1 
ATOM   19  C  CB  . ARG A 1 17  ? -11.420 -10.019 -13.622 1.00 20.43 ? -4  ARG A CB  1 
ATOM   20  C  CG  . ARG A 1 17  ? -10.618 -11.143 -12.974 1.00 18.64 ? -4  ARG A CG  1 
ATOM   21  C  CD  . ARG A 1 17  ? -10.241 -12.225 -13.958 1.00 18.35 ? -4  ARG A CD  1 
ATOM   22  N  NE  . ARG A 1 17  ? -11.419 -12.898 -14.492 1.00 16.99 ? -4  ARG A NE  1 
ATOM   23  C  CZ  . ARG A 1 17  ? -11.373 -13.991 -15.247 1.00 17.08 ? -4  ARG A CZ  1 
ATOM   24  N  NH1 . ARG A 1 17  ? -12.495 -14.542 -15.691 1.00 16.28 ? -4  ARG A NH1 1 
ATOM   25  N  NH2 . ARG A 1 17  ? -10.204 -14.538 -15.552 1.00 15.98 ? -4  ARG A NH2 1 
ATOM   26  N  N   . GLY A 1 18  ? -11.767 -6.750  -13.084 1.00 20.62 ? -3  GLY A N   1 
ATOM   27  C  CA  . GLY A 1 18  ? -12.101 -5.453  -13.645 1.00 19.24 ? -3  GLY A CA  1 
ATOM   28  C  C   . GLY A 1 18  ? -13.396 -4.847  -13.143 1.00 18.95 ? -3  GLY A C   1 
ATOM   29  O  O   . GLY A 1 18  ? -13.933 -3.944  -13.775 1.00 18.59 ? -3  GLY A O   1 
ATOM   30  N  N   . SER A 1 19  ? -13.890 -5.319  -12.003 1.00 19.76 ? -2  SER A N   1 
ATOM   31  C  CA  . SER A 1 19  ? -15.148 -4.814  -11.463 1.00 19.68 ? -2  SER A CA  1 
ATOM   32  C  C   . SER A 1 19  ? -14.980 -3.939  -10.221 1.00 22.06 ? -2  SER A C   1 
ATOM   33  O  O   . SER A 1 19  ? -14.015 -4.084  -9.470  1.00 21.63 ? -2  SER A O   1 
ATOM   34  C  CB  . SER A 1 19  ? -16.076 -5.990  -11.149 1.00 18.72 ? -2  SER A CB  1 
ATOM   35  O  OG  . SER A 1 19  ? -16.166 -6.872  -12.259 1.00 18.61 ? -2  SER A OG  1 
ATOM   36  N  N   . HIS A 1 20  ? -15.936 -3.033  -10.021 1.00 22.77 ? -1  HIS A N   1 
ATOM   37  C  CA  . HIS A 1 20  ? -15.927 -2.116  -8.887  1.00 24.33 ? -1  HIS A CA  1 
ATOM   38  C  C   . HIS A 1 20  ? -14.521 -1.581  -8.652  1.00 23.06 ? -1  HIS A C   1 
ATOM   39  O  O   . HIS A 1 20  ? -13.958 -1.753  -7.573  1.00 23.01 ? -1  HIS A O   1 
ATOM   40  C  CB  . HIS A 1 20  ? -16.418 -2.831  -7.628  1.00 27.44 ? -1  HIS A CB  1 
ATOM   41  C  CG  . HIS A 1 20  ? -17.779 -3.436  -7.767  1.00 31.69 ? -1  HIS A CG  1 
ATOM   42  N  ND1 . HIS A 1 20  ? -18.387 -4.137  -6.747  1.00 35.02 ? -1  HIS A ND1 1 
ATOM   43  C  CD2 . HIS A 1 20  ? -18.647 -3.455  -8.806  1.00 34.00 ? -1  HIS A CD2 1 
ATOM   44  C  CE1 . HIS A 1 20  ? -19.570 -4.561  -7.153  1.00 37.50 ? -1  HIS A CE1 1 
ATOM   45  N  NE2 . HIS A 1 20  ? -19.753 -4.160  -8.399  1.00 36.71 ? -1  HIS A NE2 1 
ATOM   46  N  N   . MET A 1 21  ? -13.965 -0.927  -9.664  1.00 22.15 ? 0   MET A N   1 
ATOM   47  C  CA  . MET A 1 21  ? -12.614 -0.394  -9.584  1.00 21.51 ? 0   MET A CA  1 
ATOM   48  C  C   . MET A 1 21  ? -12.496 0.850   -8.717  1.00 21.58 ? 0   MET A C   1 
ATOM   49  O  O   . MET A 1 21  ? -13.379 1.706   -8.702  1.00 21.30 ? 0   MET A O   1 
ATOM   50  C  CB  . MET A 1 21  ? -12.092 -0.080  -10.988 1.00 22.52 ? 0   MET A CB  1 
ATOM   51  C  CG  . MET A 1 21  ? -12.186 -1.244  -11.962 1.00 23.75 ? 0   MET A CG  1 
ATOM   52  S  SD  . MET A 1 21  ? -11.220 -2.678  -11.450 1.00 23.89 ? 0   MET A SD  1 
ATOM   53  C  CE  . MET A 1 21  ? -9.724  -2.394  -12.360 1.00 23.50 ? 0   MET A CE  1 
ATOM   54  N  N   . ALA A 1 22  ? -11.387 0.936   -7.996  1.00 19.92 ? 1   ALA A N   1 
ATOM   55  C  CA  . ALA A 1 22  ? -11.110 2.068   -7.134  1.00 18.28 ? 1   ALA A CA  1 
ATOM   56  C  C   . ALA A 1 22  ? -9.796  2.682   -7.597  1.00 17.98 ? 1   ALA A C   1 
ATOM   57  O  O   . ALA A 1 22  ? -8.887  1.969   -8.027  1.00 16.00 ? 1   ALA A O   1 
ATOM   58  C  CB  . ALA A 1 22  ? -10.998 1.607   -5.686  1.00 16.67 ? 1   ALA A CB  1 
ATOM   59  N  N   . LYS A 1 23  ? -9.705  4.004   -7.532  1.00 17.36 ? 2   LYS A N   1 
ATOM   60  C  CA  . LYS A 1 23  ? -8.486  4.688   -7.934  1.00 17.23 ? 2   LYS A CA  1 
ATOM   61  C  C   . LYS A 1 23  ? -7.511  4.699   -6.764  1.00 16.84 ? 2   LYS A C   1 
ATOM   62  O  O   . LYS A 1 23  ? -7.893  4.995   -5.635  1.00 15.59 ? 2   LYS A O   1 
ATOM   63  C  CB  . LYS A 1 23  ? -8.786  6.134   -8.355  1.00 19.85 ? 2   LYS A CB  1 
ATOM   64  C  CG  . LYS A 1 23  ? -9.667  6.263   -9.586  1.00 22.06 ? 2   LYS A CG  1 
ATOM   65  C  CD  . LYS A 1 23  ? -9.854  7.722   -9.999  1.00 23.85 ? 2   LYS A CD  1 
ATOM   66  C  CE  . LYS A 1 23  ? -10.504 8.542   -8.894  1.00 24.93 ? 2   LYS A CE  1 
ATOM   67  N  NZ  . LYS A 1 23  ? -11.839 7.998   -8.512  1.00 25.90 ? 2   LYS A NZ  1 
ATOM   68  N  N   . ILE A 1 24  ? -6.256  4.362   -7.040  1.00 16.39 ? 3   ILE A N   1 
ATOM   69  C  CA  . ILE A 1 24  ? -5.210  4.370   -6.025  1.00 16.04 ? 3   ILE A CA  1 
ATOM   70  C  C   . ILE A 1 24  ? -4.056  5.193   -6.584  1.00 15.76 ? 3   ILE A C   1 
ATOM   71  O  O   . ILE A 1 24  ? -3.576  4.920   -7.685  1.00 14.32 ? 3   ILE A O   1 
ATOM   72  C  CB  . ILE A 1 24  ? -4.659  2.953   -5.716  1.00 15.28 ? 3   ILE A CB  1 
ATOM   73  C  CG1 . ILE A 1 24  ? -5.793  1.999   -5.329  1.00 15.41 ? 3   ILE A CG1 1 
ATOM   74  C  CG2 . ILE A 1 24  ? -3.623  3.052   -4.600  1.00 15.33 ? 3   ILE A CG2 1 
ATOM   75  C  CD1 . ILE A 1 24  ? -6.497  2.345   -4.030  1.00 16.65 ? 3   ILE A CD1 1 
ATOM   76  N  N   . ASN A 1 25  ? -3.615  6.193   -5.827  1.00 16.56 ? 4   ASN A N   1 
ATOM   77  C  CA  . ASN A 1 25  ? -2.513  7.053   -6.251  1.00 15.89 ? 4   ASN A CA  1 
ATOM   78  C  C   . ASN A 1 25  ? -1.203  6.707   -5.542  1.00 16.52 ? 4   ASN A C   1 
ATOM   79  O  O   . ASN A 1 25  ? -1.109  6.774   -4.316  1.00 15.06 ? 4   ASN A O   1 
ATOM   80  C  CB  . ASN A 1 25  ? -2.868  8.519   -5.993  1.00 17.22 ? 4   ASN A CB  1 
ATOM   81  C  CG  . ASN A 1 25  ? -4.021  8.998   -6.856  1.00 19.65 ? 4   ASN A CG  1 
ATOM   82  O  OD1 . ASN A 1 25  ? -3.874  9.180   -8.063  1.00 17.47 ? 4   ASN A OD1 1 
ATOM   83  N  ND2 . ASN A 1 25  ? -5.180  9.196   -6.239  1.00 18.95 ? 4   ASN A ND2 1 
ATOM   84  N  N   . PHE A 1 26  ? -0.198  6.334   -6.328  1.00 16.98 ? 5   PHE A N   1 
ATOM   85  C  CA  . PHE A 1 26  ? 1.117   5.981   -5.804  1.00 17.47 ? 5   PHE A CA  1 
ATOM   86  C  C   . PHE A 1 26  ? 2.111   7.104   -6.082  1.00 18.15 ? 5   PHE A C   1 
ATOM   87  O  O   . PHE A 1 26  ? 2.417   7.395   -7.238  1.00 18.33 ? 5   PHE A O   1 
ATOM   88  C  CB  . PHE A 1 26  ? 1.629   4.698   -6.465  1.00 17.39 ? 5   PHE A CB  1 
ATOM   89  C  CG  . PHE A 1 26  ? 0.933   3.448   -6.007  1.00 16.85 ? 5   PHE A CG  1 
ATOM   90  C  CD1 . PHE A 1 26  ? 1.268   2.851   -4.795  1.00 18.02 ? 5   PHE A CD1 1 
ATOM   91  C  CD2 . PHE A 1 26  ? -0.056  2.862   -6.789  1.00 15.79 ? 5   PHE A CD2 1 
ATOM   92  C  CE1 . PHE A 1 26  ? 0.633   1.680   -4.371  1.00 16.04 ? 5   PHE A CE1 1 
ATOM   93  C  CE2 . PHE A 1 26  ? -0.698  1.696   -6.377  1.00 15.23 ? 5   PHE A CE2 1 
ATOM   94  C  CZ  . PHE A 1 26  ? -0.354  1.105   -5.163  1.00 15.59 ? 5   PHE A CZ  1 
ATOM   95  N  N   . VAL A 1 27  ? 2.610   7.734   -5.025  1.00 18.63 ? 6   VAL A N   1 
ATOM   96  C  CA  . VAL A 1 27  ? 3.584   8.813   -5.168  1.00 19.63 ? 6   VAL A CA  1 
ATOM   97  C  C   . VAL A 1 27  ? 4.940   8.251   -4.764  1.00 19.91 ? 6   VAL A C   1 
ATOM   98  O  O   . VAL A 1 27  ? 5.091   7.762   -3.646  1.00 19.90 ? 6   VAL A O   1 
ATOM   99  C  CB  . VAL A 1 27  ? 3.261   10.008  -4.234  1.00 20.59 ? 6   VAL A CB  1 
ATOM   100 C  CG1 . VAL A 1 27  ? 4.168   11.187  -4.566  1.00 21.28 ? 6   VAL A CG1 1 
ATOM   101 C  CG2 . VAL A 1 27  ? 1.796   10.396  -4.364  1.00 22.84 ? 6   VAL A CG2 1 
ATOM   102 N  N   . ASP A 1 28  ? 5.924   8.303   -5.658  1.00 22.06 ? 7   ASP A N   1 
ATOM   103 C  CA  . ASP A 1 28  ? 7.235   7.775   -5.307  1.00 23.39 ? 7   ASP A CA  1 
ATOM   104 C  C   . ASP A 1 28  ? 8.037   8.774   -4.484  1.00 24.56 ? 7   ASP A C   1 
ATOM   105 O  O   . ASP A 1 28  ? 7.578   9.885   -4.213  1.00 24.56 ? 7   ASP A O   1 
ATOM   106 C  CB  . ASP A 1 28  ? 8.029   7.336   -6.553  1.00 22.51 ? 7   ASP A CB  1 
ATOM   107 C  CG  . ASP A 1 28  ? 8.395   8.485   -7.476  1.00 23.72 ? 7   ASP A CG  1 
ATOM   108 O  OD1 . ASP A 1 28  ? 8.402   9.656   -7.034  1.00 25.87 ? 7   ASP A OD1 1 
ATOM   109 O  OD2 . ASP A 1 28  ? 8.706   8.203   -8.653  1.00 22.65 ? 7   ASP A OD2 1 
ATOM   110 N  N   . HIS A 1 29  ? 9.234   8.371   -4.084  1.00 26.04 ? 8   HIS A N   1 
ATOM   111 C  CA  . HIS A 1 29  ? 10.089  9.216   -3.265  1.00 27.91 ? 8   HIS A CA  1 
ATOM   112 C  C   . HIS A 1 29  ? 10.469  10.557  -3.900  1.00 28.16 ? 8   HIS A C   1 
ATOM   113 O  O   . HIS A 1 29  ? 10.812  11.501  -3.189  1.00 28.07 ? 8   HIS A O   1 
ATOM   114 C  CB  . HIS A 1 29  ? 11.359  8.449   -2.880  1.00 28.92 ? 8   HIS A CB  1 
ATOM   115 C  CG  . HIS A 1 29  ? 12.114  9.072   -1.752  1.00 31.41 ? 8   HIS A CG  1 
ATOM   116 N  ND1 . HIS A 1 29  ? 11.560  9.260   -0.500  1.00 32.90 ? 8   HIS A ND1 1 
ATOM   117 C  CD2 . HIS A 1 29  ? 13.368  9.578   -1.682  1.00 32.61 ? 8   HIS A CD2 1 
ATOM   118 C  CE1 . HIS A 1 29  ? 12.438  9.851   0.285   1.00 33.87 ? 8   HIS A CE1 1 
ATOM   119 N  NE2 . HIS A 1 29  ? 13.547  10.057  -0.409  1.00 33.57 ? 8   HIS A NE2 1 
ATOM   120 N  N   . THR A 1 30  ? 10.408  10.649  -5.225  1.00 28.28 ? 9   THR A N   1 
ATOM   121 C  CA  . THR A 1 30  ? 10.759  11.897  -5.907  1.00 28.76 ? 9   THR A CA  1 
ATOM   122 C  C   . THR A 1 30  ? 9.565   12.831  -6.076  1.00 27.75 ? 9   THR A C   1 
ATOM   123 O  O   . THR A 1 30  ? 9.721   13.989  -6.472  1.00 27.49 ? 9   THR A O   1 
ATOM   124 C  CB  . THR A 1 30  ? 11.371  11.630  -7.299  1.00 28.42 ? 9   THR A CB  1 
ATOM   125 O  OG1 . THR A 1 30  ? 10.373  11.085  -8.171  1.00 30.62 ? 9   THR A OG1 1 
ATOM   126 C  CG2 . THR A 1 30  ? 12.523  10.652  -7.190  1.00 29.56 ? 9   THR A CG2 1 
ATOM   127 N  N   . GLY A 1 31  ? 8.372   12.326  -5.782  1.00 26.20 ? 10  GLY A N   1 
ATOM   128 C  CA  . GLY A 1 31  ? 7.180   13.143  -5.901  1.00 25.46 ? 10  GLY A CA  1 
ATOM   129 C  C   . GLY A 1 31  ? 6.340   12.883  -7.137  1.00 25.70 ? 10  GLY A C   1 
ATOM   130 O  O   . GLY A 1 31  ? 5.306   13.519  -7.319  1.00 26.50 ? 10  GLY A O   1 
ATOM   131 N  N   . GLU A 1 32  ? 6.772   11.959  -7.988  1.00 26.37 ? 11  GLU A N   1 
ATOM   132 C  CA  . GLU A 1 32  ? 6.020   11.647  -9.202  1.00 28.86 ? 11  GLU A CA  1 
ATOM   133 C  C   . GLU A 1 32  ? 4.879   10.688  -8.868  1.00 28.94 ? 11  GLU A C   1 
ATOM   134 O  O   . GLU A 1 32  ? 5.100   9.627   -8.283  1.00 29.90 ? 11  GLU A O   1 
ATOM   135 C  CB  . GLU A 1 32  ? 6.936   11.020  -10.254 1.00 29.38 ? 11  GLU A CB  1 
ATOM   136 C  CG  . GLU A 1 32  ? 6.259   10.806  -11.597 1.00 34.43 ? 11  GLU A CG  1 
ATOM   137 C  CD  . GLU A 1 32  ? 5.902   12.111  -12.293 1.00 36.74 ? 11  GLU A CD  1 
ATOM   138 O  OE1 . GLU A 1 32  ? 5.053   12.085  -13.211 1.00 38.29 ? 11  GLU A OE1 1 
ATOM   139 O  OE2 . GLU A 1 32  ? 6.477   13.160  -11.933 1.00 39.65 ? 11  GLU A OE2 1 
ATOM   140 N  N   . THR A 1 33  ? 3.656   11.062  -9.236  1.00 28.57 ? 12  THR A N   1 
ATOM   141 C  CA  . THR A 1 33  ? 2.491   10.232  -8.951  1.00 28.87 ? 12  THR A CA  1 
ATOM   142 C  C   . THR A 1 33  ? 2.069   9.345   -10.111 1.00 29.05 ? 12  THR A C   1 
ATOM   143 O  O   . THR A 1 33  ? 2.088   9.757   -11.270 1.00 29.53 ? 12  THR A O   1 
ATOM   144 C  CB  . THR A 1 33  ? 1.269   11.090  -8.559  1.00 29.65 ? 12  THR A CB  1 
ATOM   145 O  OG1 . THR A 1 33  ? 1.561   11.833  -7.369  1.00 33.82 ? 12  THR A OG1 1 
ATOM   146 C  CG2 . THR A 1 33  ? 0.053   10.205  -8.311  1.00 28.99 ? 12  THR A CG2 1 
ATOM   147 N  N   . ARG A 1 34  ? 1.684   8.119   -9.778  1.00 29.03 ? 13  ARG A N   1 
ATOM   148 C  CA  . ARG A 1 34  ? 1.217   7.148   -10.754 1.00 27.71 ? 13  ARG A CA  1 
ATOM   149 C  C   . ARG A 1 34  ? -0.130  6.648   -10.247 1.00 26.90 ? 13  ARG A C   1 
ATOM   150 O  O   . ARG A 1 34  ? -0.239  6.174   -9.117  1.00 28.71 ? 13  ARG A O   1 
ATOM   151 C  CB  . ARG A 1 34  ? 2.203   5.986   -10.867 1.00 27.08 ? 13  ARG A CB  1 
ATOM   152 C  CG  . ARG A 1 34  ? 3.569   6.397   -11.381 1.00 29.38 ? 13  ARG A CG  1 
ATOM   153 C  CD  . ARG A 1 34  ? 4.526   5.217   -11.445 1.00 29.31 ? 13  ARG A CD  1 
ATOM   154 N  NE  . ARG A 1 34  ? 5.816   5.600   -12.010 1.00 29.88 ? 13  ARG A NE  1 
ATOM   155 C  CZ  . ARG A 1 34  ? 6.667   6.446   -11.438 1.00 30.20 ? 13  ARG A CZ  1 
ATOM   156 N  NH1 . ARG A 1 34  ? 6.372   7.002   -10.273 1.00 29.81 ? 13  ARG A NH1 1 
ATOM   157 N  NH2 . ARG A 1 34  ? 7.812   6.742   -12.040 1.00 30.03 ? 13  ARG A NH2 1 
ATOM   158 N  N   . THR A 1 35  ? -1.161  6.771   -11.072 1.00 25.59 ? 14  THR A N   1 
ATOM   159 C  CA  . THR A 1 35  ? -2.489  6.338   -10.672 1.00 22.75 ? 14  THR A CA  1 
ATOM   160 C  C   . THR A 1 35  ? -2.887  5.050   -11.364 1.00 21.11 ? 14  THR A C   1 
ATOM   161 O  O   . THR A 1 35  ? -2.610  4.845   -12.543 1.00 18.26 ? 14  THR A O   1 
ATOM   162 C  CB  . THR A 1 35  ? -3.546  7.409   -10.995 1.00 24.25 ? 14  THR A CB  1 
ATOM   163 O  OG1 . THR A 1 35  ? -3.110  8.676   -10.495 1.00 27.67 ? 14  THR A OG1 1 
ATOM   164 C  CG2 . THR A 1 35  ? -4.871  7.056   -10.342 1.00 24.56 ? 14  THR A CG2 1 
ATOM   165 N  N   . VAL A 1 36  ? -3.539  4.177   -10.612 1.00 20.25 ? 15  VAL A N   1 
ATOM   166 C  CA  . VAL A 1 36  ? -3.993  2.908   -11.147 1.00 19.92 ? 15  VAL A CA  1 
ATOM   167 C  C   . VAL A 1 36  ? -5.361  2.616   -10.563 1.00 20.56 ? 15  VAL A C   1 
ATOM   168 O  O   . VAL A 1 36  ? -5.763  3.211   -9.566  1.00 21.33 ? 15  VAL A O   1 
ATOM   169 C  CB  . VAL A 1 36  ? -3.038  1.750   -10.766 1.00 20.05 ? 15  VAL A CB  1 
ATOM   170 C  CG1 . VAL A 1 36  ? -1.623  2.049   -11.255 1.00 19.36 ? 15  VAL A CG1 1 
ATOM   171 C  CG2 . VAL A 1 36  ? -3.047  1.541   -9.256  1.00 20.99 ? 15  VAL A CG2 1 
ATOM   172 N  N   . GLU A 1 37  ? -6.082  1.711   -11.207 1.00 20.65 ? 16  GLU A N   1 
ATOM   173 C  CA  . GLU A 1 37  ? -7.389  1.308   -10.732 1.00 21.15 ? 16  GLU A CA  1 
ATOM   174 C  C   . GLU A 1 37  ? -7.245  -0.154  -10.360 1.00 19.24 ? 16  GLU A C   1 
ATOM   175 O  O   . GLU A 1 37  ? -6.619  -0.922  -11.087 1.00 16.95 ? 16  GLU A O   1 
ATOM   176 C  CB  . GLU A 1 37  ? -8.438  1.459   -11.832 1.00 22.60 ? 16  GLU A CB  1 
ATOM   177 C  CG  . GLU A 1 37  ? -8.558  2.865   -12.368 1.00 26.67 ? 16  GLU A CG  1 
ATOM   178 C  CD  . GLU A 1 37  ? -9.825  3.073   -13.162 1.00 29.50 ? 16  GLU A CD  1 
ATOM   179 O  OE1 . GLU A 1 37  ? -10.005 4.180   -13.706 1.00 32.37 ? 16  GLU A OE1 1 
ATOM   180 O  OE2 . GLU A 1 37  ? -10.645 2.133   -13.237 1.00 32.95 ? 16  GLU A OE2 1 
ATOM   181 N  N   . VAL A 1 38  ? -7.800  -0.530  -9.218  1.00 17.61 ? 17  VAL A N   1 
ATOM   182 C  CA  . VAL A 1 38  ? -7.732  -1.910  -8.766  1.00 17.53 ? 17  VAL A CA  1 
ATOM   183 C  C   . VAL A 1 38  ? -9.111  -2.281  -8.241  1.00 17.94 ? 17  VAL A C   1 
ATOM   184 O  O   . VAL A 1 38  ? -9.811  -1.437  -7.677  1.00 18.04 ? 17  VAL A O   1 
ATOM   185 C  CB  . VAL A 1 38  ? -6.681  -2.086  -7.641  1.00 18.44 ? 17  VAL A CB  1 
ATOM   186 C  CG1 . VAL A 1 38  ? -7.195  -1.480  -6.346  1.00 17.86 ? 17  VAL A CG1 1 
ATOM   187 C  CG2 . VAL A 1 38  ? -6.349  -3.563  -7.459  1.00 20.14 ? 17  VAL A CG2 1 
ATOM   188 N  N   . GLU A 1 39  ? -9.502  -3.536  -8.436  1.00 16.89 ? 18  GLU A N   1 
ATOM   189 C  CA  . GLU A 1 39  ? -10.806 -4.005  -7.984  1.00 17.22 ? 18  GLU A CA  1 
ATOM   190 C  C   . GLU A 1 39  ? -10.947 -3.918  -6.466  1.00 17.57 ? 18  GLU A C   1 
ATOM   191 O  O   . GLU A 1 39  ? -9.978  -4.115  -5.735  1.00 17.69 ? 18  GLU A O   1 
ATOM   192 C  CB  . GLU A 1 39  ? -11.031 -5.465  -8.399  1.00 17.82 ? 18  GLU A CB  1 
ATOM   193 C  CG  . GLU A 1 39  ? -11.031 -5.752  -9.894  1.00 15.84 ? 18  GLU A CG  1 
ATOM   194 C  CD  . GLU A 1 39  ? -9.640  -5.996  -10.454 1.00 16.93 ? 18  GLU A CD  1 
ATOM   195 O  OE1 . GLU A 1 39  ? -9.541  -6.457  -11.613 1.00 15.57 ? 18  GLU A OE1 1 
ATOM   196 O  OE2 . GLU A 1 39  ? -8.648  -5.723  -9.744  1.00 13.57 ? 18  GLU A OE2 1 
ATOM   197 N  N   . GLU A 1 40  ? -12.154 -3.626  -5.993  1.00 16.07 ? 19  GLU A N   1 
ATOM   198 C  CA  . GLU A 1 40  ? -12.397 -3.568  -4.556  1.00 17.73 ? 19  GLU A CA  1 
ATOM   199 C  C   . GLU A 1 40  ? -12.205 -4.999  -4.052  1.00 17.46 ? 19  GLU A C   1 
ATOM   200 O  O   . GLU A 1 40  ? -12.614 -5.953  -4.710  1.00 18.67 ? 19  GLU A O   1 
ATOM   201 C  CB  . GLU A 1 40  ? -13.825 -3.077  -4.267  1.00 19.65 ? 19  GLU A CB  1 
ATOM   202 C  CG  . GLU A 1 40  ? -14.054 -1.604  -4.625  1.00 23.75 ? 19  GLU A CG  1 
ATOM   203 C  CD  . GLU A 1 40  ? -15.504 -1.157  -4.472  1.00 25.70 ? 19  GLU A CD  1 
ATOM   204 O  OE1 . GLU A 1 40  ? -15.789 0.038   -4.712  1.00 27.39 ? 19  GLU A OE1 1 
ATOM   205 O  OE2 . GLU A 1 40  ? -16.359 -1.992  -4.118  1.00 27.77 ? 19  GLU A OE2 1 
ATOM   206 N  N   . GLY A 1 41  ? -11.573 -5.154  -2.895  1.00 16.97 ? 20  GLY A N   1 
ATOM   207 C  CA  . GLY A 1 41  ? -11.335 -6.485  -2.369  1.00 16.28 ? 20  GLY A CA  1 
ATOM   208 C  C   . GLY A 1 41  ? -9.874  -6.866  -2.509  1.00 16.41 ? 20  GLY A C   1 
ATOM   209 O  O   . GLY A 1 41  ? -9.367  -7.698  -1.762  1.00 15.48 ? 20  GLY A O   1 
ATOM   210 N  N   . ALA A 1 42  ? -9.196  -6.260  -3.478  1.00 16.13 ? 21  ALA A N   1 
ATOM   211 C  CA  . ALA A 1 42  ? -7.777  -6.517  -3.687  1.00 15.55 ? 21  ALA A CA  1 
ATOM   212 C  C   . ALA A 1 42  ? -7.025  -5.658  -2.679  1.00 15.82 ? 21  ALA A C   1 
ATOM   213 O  O   . ALA A 1 42  ? -7.622  -4.791  -2.048  1.00 18.03 ? 21  ALA A O   1 
ATOM   214 C  CB  . ALA A 1 42  ? -7.374  -6.127  -5.102  1.00 14.08 ? 21  ALA A CB  1 
ATOM   215 N  N   . THR A 1 43  ? -5.726  -5.896  -2.521  1.00 14.55 ? 22  THR A N   1 
ATOM   216 C  CA  . THR A 1 43  ? -4.934  -5.109  -1.583  1.00 14.02 ? 22  THR A CA  1 
ATOM   217 C  C   . THR A 1 43  ? -4.208  -4.008  -2.329  1.00 13.48 ? 22  THR A C   1 
ATOM   218 O  O   . THR A 1 43  ? -4.106  -4.042  -3.557  1.00 14.47 ? 22  THR A O   1 
ATOM   219 C  CB  . THR A 1 43  ? -3.881  -5.967  -0.856  1.00 11.33 ? 22  THR A CB  1 
ATOM   220 O  OG1 . THR A 1 43  ? -2.943  -6.488  -1.805  1.00 12.89 ? 22  THR A OG1 1 
ATOM   221 C  CG2 . THR A 1 43  ? -4.547  -7.118  -0.125  1.00 14.61 ? 22  THR A CG2 1 
ATOM   222 N  N   . VAL A 1 44  ? -3.700  -3.028  -1.592  1.00 14.37 ? 23  VAL A N   1 
ATOM   223 C  CA  . VAL A 1 44  ? -2.969  -1.935  -2.224  1.00 13.94 ? 23  VAL A CA  1 
ATOM   224 C  C   . VAL A 1 44  ? -1.673  -2.470  -2.832  1.00 13.04 ? 23  VAL A C   1 
ATOM   225 O  O   . VAL A 1 44  ? -1.218  -1.983  -3.869  1.00 12.80 ? 23  VAL A O   1 
ATOM   226 C  CB  . VAL A 1 44  ? -2.644  -0.816  -1.219  1.00 13.75 ? 23  VAL A CB  1 
ATOM   227 C  CG1 . VAL A 1 44  ? -1.841  0.279   -1.903  1.00 12.95 ? 23  VAL A CG1 1 
ATOM   228 C  CG2 . VAL A 1 44  ? -3.938  -0.242  -0.662  1.00 11.89 ? 23  VAL A CG2 1 
ATOM   229 N  N   . MET A 1 45  ? -1.081  -3.474  -2.187  1.00 11.68 ? 24  MET A N   1 
ATOM   230 C  CA  . MET A 1 45  ? 0.152   -4.083  -2.691  1.00 12.68 ? 24  MET A CA  1 
ATOM   231 C  C   . MET A 1 45  ? -0.110  -4.726  -4.055  1.00 12.64 ? 24  MET A C   1 
ATOM   232 O  O   . MET A 1 45  ? 0.719   -4.635  -4.954  1.00 15.46 ? 24  MET A O   1 
ATOM   233 C  CB  . MET A 1 45  ? 0.677   -5.136  -1.703  1.00 9.92  ? 24  MET A CB  1 
ATOM   234 C  CG  . MET A 1 45  ? 1.894   -5.926  -2.188  1.00 10.78 ? 24  MET A CG  1 
ATOM   235 S  SD  . MET A 1 45  ? 1.501   -7.282  -3.340  1.00 12.68 ? 24  MET A SD  1 
ATOM   236 C  CE  . MET A 1 45  ? 1.227   -8.632  -2.192  1.00 11.13 ? 24  MET A CE  1 
ATOM   237 N  N   . GLU A 1 46  ? -1.260  -5.376  -4.205  1.00 12.82 ? 25  GLU A N   1 
ATOM   238 C  CA  . GLU A 1 46  ? -1.609  -6.008  -5.477  1.00 13.08 ? 25  GLU A CA  1 
ATOM   239 C  C   . GLU A 1 46  ? -1.832  -4.948  -6.557  1.00 13.38 ? 25  GLU A C   1 
ATOM   240 O  O   . GLU A 1 46  ? -1.534  -5.171  -7.729  1.00 13.17 ? 25  GLU A O   1 
ATOM   241 C  CB  . GLU A 1 46  ? -2.856  -6.881  -5.314  1.00 13.47 ? 25  GLU A CB  1 
ATOM   242 C  CG  . GLU A 1 46  ? -2.595  -8.135  -4.492  1.00 15.17 ? 25  GLU A CG  1 
ATOM   243 C  CD  . GLU A 1 46  ? -3.842  -8.950  -4.224  1.00 16.56 ? 25  GLU A CD  1 
ATOM   244 O  OE1 . GLU A 1 46  ? -4.863  -8.361  -3.817  1.00 15.00 ? 25  GLU A OE1 1 
ATOM   245 O  OE2 . GLU A 1 46  ? -3.798  -10.184 -4.407  1.00 18.60 ? 25  GLU A OE2 1 
ATOM   246 N  N   . ALA A 1 47  ? -2.343  -3.791  -6.154  1.00 12.34 ? 26  ALA A N   1 
ATOM   247 C  CA  . ALA A 1 47  ? -2.575  -2.699  -7.094  1.00 13.92 ? 26  ALA A CA  1 
ATOM   248 C  C   . ALA A 1 47  ? -1.240  -2.199  -7.635  1.00 13.43 ? 26  ALA A C   1 
ATOM   249 O  O   . ALA A 1 47  ? -1.158  -1.731  -8.767  1.00 13.78 ? 26  ALA A O   1 
ATOM   250 C  CB  . ALA A 1 47  ? -3.311  -1.554  -6.399  1.00 12.84 ? 26  ALA A CB  1 
ATOM   251 N  N   . ALA A 1 48  ? -0.196  -2.295  -6.819  1.00 14.08 ? 27  ALA A N   1 
ATOM   252 C  CA  . ALA A 1 48  ? 1.134   -1.841  -7.220  1.00 12.79 ? 27  ALA A CA  1 
ATOM   253 C  C   . ALA A 1 48  ? 1.870   -2.901  -8.034  1.00 13.77 ? 27  ALA A C   1 
ATOM   254 O  O   . ALA A 1 48  ? 2.416   -2.615  -9.101  1.00 13.86 ? 27  ALA A O   1 
ATOM   255 C  CB  . ALA A 1 48  ? 1.956   -1.475  -5.977  1.00 15.21 ? 27  ALA A CB  1 
ATOM   256 N  N   . ILE A 1 49  ? 1.889   -4.126  -7.524  1.00 14.39 ? 28  ILE A N   1 
ATOM   257 C  CA  . ILE A 1 49  ? 2.569   -5.218  -8.205  1.00 15.57 ? 28  ILE A CA  1 
ATOM   258 C  C   . ILE A 1 49  ? 1.974   -5.523  -9.576  1.00 16.33 ? 28  ILE A C   1 
ATOM   259 O  O   . ILE A 1 49  ? 2.710   -5.720  -10.544 1.00 15.95 ? 28  ILE A O   1 
ATOM   260 C  CB  . ILE A 1 49  ? 2.541   -6.502  -7.351  1.00 15.86 ? 28  ILE A CB  1 
ATOM   261 C  CG1 . ILE A 1 49  ? 3.384   -6.302  -6.088  1.00 17.56 ? 28  ILE A CG1 1 
ATOM   262 C  CG2 . ILE A 1 49  ? 3.044   -7.683  -8.167  1.00 17.96 ? 28  ILE A CG2 1 
ATOM   263 C  CD1 . ILE A 1 49  ? 4.838   -5.974  -6.359  1.00 18.69 ? 28  ILE A CD1 1 
ATOM   264 N  N   . ARG A 1 50  ? 0.648   -5.567  -9.660  1.00 15.15 ? 29  ARG A N   1 
ATOM   265 C  CA  . ARG A 1 50  ? -0.025  -5.866  -10.925 1.00 16.18 ? 29  ARG A CA  1 
ATOM   266 C  C   . ARG A 1 50  ? 0.170   -4.768  -11.960 1.00 17.36 ? 29  ARG A C   1 
ATOM   267 O  O   . ARG A 1 50  ? -0.012  -4.997  -13.156 1.00 18.22 ? 29  ARG A O   1 
ATOM   268 C  CB  . ARG A 1 50  ? -1.521  -6.071  -10.695 1.00 14.05 ? 29  ARG A CB  1 
ATOM   269 C  CG  . ARG A 1 50  ? -1.865  -7.290  -9.862  1.00 14.51 ? 29  ARG A CG  1 
ATOM   270 C  CD  . ARG A 1 50  ? -3.373  -7.377  -9.650  1.00 15.54 ? 29  ARG A CD  1 
ATOM   271 N  NE  . ARG A 1 50  ? -3.749  -8.453  -8.734  1.00 14.81 ? 29  ARG A NE  1 
ATOM   272 C  CZ  . ARG A 1 50  ? -4.968  -8.595  -8.224  1.00 15.60 ? 29  ARG A CZ  1 
ATOM   273 N  NH1 . ARG A 1 50  ? -5.922  -7.728  -8.543  1.00 13.06 ? 29  ARG A NH1 1 
ATOM   274 N  NH2 . ARG A 1 50  ? -5.232  -9.594  -7.390  1.00 13.44 ? 29  ARG A NH2 1 
ATOM   275 N  N   . ASN A 1 51  ? 0.540   -3.578  -11.500 1.00 18.35 ? 30  ASN A N   1 
ATOM   276 C  CA  . ASN A 1 51  ? 0.742   -2.446  -12.394 1.00 18.70 ? 30  ASN A CA  1 
ATOM   277 C  C   . ASN A 1 51  ? 2.198   -2.007  -12.454 1.00 19.54 ? 30  ASN A C   1 
ATOM   278 O  O   . ASN A 1 51  ? 2.507   -0.903  -12.901 1.00 19.97 ? 30  ASN A O   1 
ATOM   279 C  CB  . ASN A 1 51  ? -0.147  -1.285  -11.955 1.00 18.04 ? 30  ASN A CB  1 
ATOM   280 C  CG  . ASN A 1 51  ? -1.614  -1.566  -12.193 1.00 17.98 ? 30  ASN A CG  1 
ATOM   281 O  OD1 . ASN A 1 51  ? -2.085  -1.513  -13.330 1.00 17.86 ? 30  ASN A OD1 1 
ATOM   282 N  ND2 . ASN A 1 51  ? -2.343  -1.888  -11.128 1.00 16.67 ? 30  ASN A ND2 1 
ATOM   283 N  N   . ALA A 1 52  ? 3.088   -2.882  -12.000 1.00 19.49 ? 31  ALA A N   1 
ATOM   284 C  CA  . ALA A 1 52  ? 4.520   -2.603  -12.006 1.00 21.58 ? 31  ALA A CA  1 
ATOM   285 C  C   . ALA A 1 52  ? 4.876   -1.235  -11.432 1.00 21.40 ? 31  ALA A C   1 
ATOM   286 O  O   . ALA A 1 52  ? 5.743   -0.540  -11.960 1.00 21.99 ? 31  ALA A O   1 
ATOM   287 C  CB  . ALA A 1 52  ? 5.060   -2.728  -13.433 1.00 21.05 ? 31  ALA A CB  1 
ATOM   288 N  N   . ILE A 1 53  ? 4.211   -0.847  -10.349 1.00 22.16 ? 32  ILE A N   1 
ATOM   289 C  CA  . ILE A 1 53  ? 4.494   0.436   -9.716  1.00 22.04 ? 32  ILE A CA  1 
ATOM   290 C  C   . ILE A 1 53  ? 5.865   0.383   -9.038  1.00 21.48 ? 32  ILE A C   1 
ATOM   291 O  O   . ILE A 1 53  ? 6.187   -0.588  -8.353  1.00 19.95 ? 32  ILE A O   1 
ATOM   292 C  CB  . ILE A 1 53  ? 3.435   0.782   -8.647  1.00 23.14 ? 32  ILE A CB  1 
ATOM   293 C  CG1 . ILE A 1 53  ? 2.066   0.972   -9.304  1.00 22.88 ? 32  ILE A CG1 1 
ATOM   294 C  CG2 . ILE A 1 53  ? 3.849   2.036   -7.887  1.00 23.22 ? 32  ILE A CG2 1 
ATOM   295 C  CD1 . ILE A 1 53  ? 1.984   2.159   -10.245 1.00 22.63 ? 32  ILE A CD1 1 
ATOM   296 N  N   . PRO A 1 54  ? 6.690   1.426   -9.230  1.00 20.99 ? 33  PRO A N   1 
ATOM   297 C  CA  . PRO A 1 54  ? 8.034   1.522   -8.643  1.00 21.30 ? 33  PRO A CA  1 
ATOM   298 C  C   . PRO A 1 54  ? 7.999   1.792   -7.140  1.00 21.59 ? 33  PRO A C   1 
ATOM   299 O  O   . PRO A 1 54  ? 7.070   2.429   -6.639  1.00 21.38 ? 33  PRO A O   1 
ATOM   300 C  CB  . PRO A 1 54  ? 8.660   2.711   -9.379  1.00 21.90 ? 33  PRO A CB  1 
ATOM   301 C  CG  . PRO A 1 54  ? 7.850   2.840   -10.630 1.00 22.90 ? 33  PRO A CG  1 
ATOM   302 C  CD  . PRO A 1 54  ? 6.457   2.538   -10.164 1.00 20.81 ? 33  PRO A CD  1 
ATOM   303 N  N   . GLY A 1 55  ? 9.021   1.320   -6.434  1.00 20.70 ? 34  GLY A N   1 
ATOM   304 C  CA  . GLY A 1 55  ? 9.111   1.566   -5.005  1.00 20.77 ? 34  GLY A CA  1 
ATOM   305 C  C   . GLY A 1 55  ? 8.357   0.610   -4.106  1.00 21.65 ? 34  GLY A C   1 
ATOM   306 O  O   . GLY A 1 55  ? 8.388   0.744   -2.879  1.00 19.94 ? 34  GLY A O   1 
ATOM   307 N  N   . VAL A 1 56  ? 7.675   -0.353  -4.710  1.00 20.79 ? 35  VAL A N   1 
ATOM   308 C  CA  . VAL A 1 56  ? 6.920   -1.339  -3.952  1.00 19.63 ? 35  VAL A CA  1 
ATOM   309 C  C   . VAL A 1 56  ? 7.320   -2.736  -4.387  1.00 19.07 ? 35  VAL A C   1 
ATOM   310 O  O   . VAL A 1 56  ? 7.405   -3.027  -5.581  1.00 19.67 ? 35  VAL A O   1 
ATOM   311 C  CB  . VAL A 1 56  ? 5.401   -1.190  -4.170  1.00 20.79 ? 35  VAL A CB  1 
ATOM   312 C  CG1 . VAL A 1 56  ? 4.663   -2.327  -3.479  1.00 20.55 ? 35  VAL A CG1 1 
ATOM   313 C  CG2 . VAL A 1 56  ? 4.928   0.132   -3.622  1.00 20.63 ? 35  VAL A CG2 1 
ATOM   314 N  N   . GLU A 1 57  ? 7.582   -3.594  -3.412  1.00 16.16 ? 36  GLU A N   1 
ATOM   315 C  CA  . GLU A 1 57  ? 7.950   -4.968  -3.692  1.00 17.77 ? 36  GLU A CA  1 
ATOM   316 C  C   . GLU A 1 57  ? 7.038   -5.853  -2.849  1.00 16.07 ? 36  GLU A C   1 
ATOM   317 O  O   . GLU A 1 57  ? 6.293   -5.355  -2.005  1.00 16.84 ? 36  GLU A O   1 
ATOM   318 C  CB  . GLU A 1 57  ? 9.418   -5.211  -3.338  1.00 20.19 ? 36  GLU A CB  1 
ATOM   319 C  CG  . GLU A 1 57  ? 10.374  -4.211  -3.976  1.00 23.62 ? 36  GLU A CG  1 
ATOM   320 C  CD  . GLU A 1 57  ? 11.824  -4.478  -3.620  1.00 27.01 ? 36  GLU A CD  1 
ATOM   321 O  OE1 . GLU A 1 57  ? 12.662  -3.575  -3.835  1.00 29.12 ? 36  GLU A OE1 1 
ATOM   322 O  OE2 . GLU A 1 57  ? 12.132  -5.589  -3.134  1.00 27.32 ? 36  GLU A OE2 1 
ATOM   323 N  N   . ALA A 1 58  ? 7.074   -7.154  -3.096  1.00 15.68 ? 37  ALA A N   1 
ATOM   324 C  CA  . ALA A 1 58  ? 6.245   -8.097  -2.352  1.00 16.15 ? 37  ALA A CA  1 
ATOM   325 C  C   . ALA A 1 58  ? 7.005   -9.406  -2.205  1.00 15.94 ? 37  ALA A C   1 
ATOM   326 O  O   . ALA A 1 58  ? 6.580   -10.447 -2.699  1.00 14.83 ? 37  ALA A O   1 
ATOM   327 C  CB  . ALA A 1 58  ? 4.929   -8.329  -3.083  1.00 14.72 ? 37  ALA A CB  1 
ATOM   328 N  N   . GLU A 1 59  ? 8.139   -9.337  -1.519  1.00 15.75 ? 38  GLU A N   1 
ATOM   329 C  CA  . GLU A 1 59  ? 8.984   -10.502 -1.304  1.00 15.66 ? 38  GLU A CA  1 
ATOM   330 C  C   . GLU A 1 59  ? 8.208   -11.755 -0.908  1.00 14.97 ? 38  GLU A C   1 
ATOM   331 O  O   . GLU A 1 59  ? 8.406   -12.815 -1.492  1.00 15.13 ? 38  GLU A O   1 
ATOM   332 C  CB  . GLU A 1 59  ? 10.032  -10.191 -0.233  1.00 17.70 ? 38  GLU A CB  1 
ATOM   333 C  CG  . GLU A 1 59  ? 10.972  -11.340 0.079   1.00 19.73 ? 38  GLU A CG  1 
ATOM   334 C  CD  . GLU A 1 59  ? 12.038  -10.947 1.083   1.00 21.00 ? 38  GLU A CD  1 
ATOM   335 O  OE1 . GLU A 1 59  ? 12.839  -10.041 0.765   1.00 19.95 ? 38  GLU A OE1 1 
ATOM   336 O  OE2 . GLU A 1 59  ? 12.067  -11.536 2.186   1.00 20.16 ? 38  GLU A OE2 1 
ATOM   337 N  N   . CYS A 1 60  ? 7.321   -11.634 0.076   1.00 13.81 ? 39  CYS A N   1 
ATOM   338 C  CA  . CYS A 1 60  ? 6.552   -12.791 0.542   1.00 14.88 ? 39  CYS A CA  1 
ATOM   339 C  C   . CYS A 1 60  ? 5.189   -12.951 -0.129  1.00 14.69 ? 39  CYS A C   1 
ATOM   340 O  O   . CYS A 1 60  ? 4.398   -13.810 0.256   1.00 14.33 ? 39  CYS A O   1 
ATOM   341 C  CB  . CYS A 1 60  ? 6.351   -12.719 2.057   1.00 13.92 ? 39  CYS A CB  1 
ATOM   342 S  SG  . CYS A 1 60  ? 5.114   -11.514 2.583   1.00 14.45 ? 39  CYS A SG  1 
ATOM   343 N  N   . GLY A 1 61  ? 4.909   -12.119 -1.124  1.00 15.22 ? 40  GLY A N   1 
ATOM   344 C  CA  . GLY A 1 61  ? 3.644   -12.222 -1.827  1.00 15.40 ? 40  GLY A CA  1 
ATOM   345 C  C   . GLY A 1 61  ? 2.398   -11.949 -1.003  1.00 15.11 ? 40  GLY A C   1 
ATOM   346 O  O   . GLY A 1 61  ? 1.365   -12.576 -1.225  1.00 16.35 ? 40  GLY A O   1 
ATOM   347 N  N   . GLY A 1 62  ? 2.490   -11.032 -0.046  1.00 14.03 ? 41  GLY A N   1 
ATOM   348 C  CA  . GLY A 1 62  ? 1.333   -10.688 0.766   1.00 12.38 ? 41  GLY A CA  1 
ATOM   349 C  C   . GLY A 1 62  ? 0.996   -11.565 1.958   1.00 12.00 ? 41  GLY A C   1 
ATOM   350 O  O   . GLY A 1 62  ? -0.151  -11.599 2.396   1.00 11.31 ? 41  GLY A O   1 
ATOM   351 N  N   . ALA A 1 63  ? 1.989   -12.263 2.493   1.00 14.49 ? 42  ALA A N   1 
ATOM   352 C  CA  . ALA A 1 63  ? 1.787   -13.133 3.648   1.00 13.51 ? 42  ALA A CA  1 
ATOM   353 C  C   . ALA A 1 63  ? 2.203   -12.440 4.952   1.00 15.06 ? 42  ALA A C   1 
ATOM   354 O  O   . ALA A 1 63  ? 2.362   -13.089 5.984   1.00 16.46 ? 42  ALA A O   1 
ATOM   355 C  CB  . ALA A 1 63  ? 2.586   -14.420 3.469   1.00 10.16 ? 42  ALA A CB  1 
ATOM   356 N  N   . CYS A 1 64  ? 2.374   -11.122 4.896   1.00 14.29 ? 43  CYS A N   1 
ATOM   357 C  CA  . CYS A 1 64  ? 2.778   -10.332 6.060   1.00 15.25 ? 43  CYS A CA  1 
ATOM   358 C  C   . CYS A 1 64  ? 4.028   -10.948 6.683   1.00 16.16 ? 43  CYS A C   1 
ATOM   359 O  O   . CYS A 1 64  ? 4.148   -11.039 7.906   1.00 14.78 ? 43  CYS A O   1 
ATOM   360 C  CB  . CYS A 1 64  ? 1.646   -10.285 7.095   1.00 16.53 ? 43  CYS A CB  1 
ATOM   361 S  SG  . CYS A 1 64  ? 1.786   -8.953  8.328   1.00 16.92 ? 43  CYS A SG  1 
ATOM   362 N  N   . ALA A 1 65  ? 4.964   -11.355 5.831   1.00 17.08 ? 44  ALA A N   1 
ATOM   363 C  CA  . ALA A 1 65  ? 6.193   -11.991 6.288   1.00 16.92 ? 44  ALA A CA  1 
ATOM   364 C  C   . ALA A 1 65  ? 7.452   -11.206 5.932   1.00 18.76 ? 44  ALA A C   1 
ATOM   365 O  O   . ALA A 1 65  ? 8.567   -11.678 6.143   1.00 18.03 ? 44  ALA A O   1 
ATOM   366 C  CB  . ALA A 1 65  ? 6.277   -13.394 5.720   1.00 14.64 ? 44  ALA A CB  1 
ATOM   367 N  N   . CYS A 1 66  ? 7.269   -10.016 5.372   1.00 17.94 ? 45  CYS A N   1 
ATOM   368 C  CA  . CYS A 1 66  ? 8.396   -9.162  5.019   1.00 18.70 ? 45  CYS A CA  1 
ATOM   369 C  C   . CYS A 1 66  ? 7.926   -7.730  5.231   1.00 19.53 ? 45  CYS A C   1 
ATOM   370 O  O   . CYS A 1 66  ? 6.893   -7.503  5.865   1.00 22.39 ? 45  CYS A O   1 
ATOM   371 C  CB  . CYS A 1 66  ? 8.831   -9.396  3.559   1.00 17.81 ? 45  CYS A CB  1 
ATOM   372 S  SG  . CYS A 1 66  ? 7.768   -8.714  2.241   1.00 14.88 ? 45  CYS A SG  1 
ATOM   373 N  N   . ALA A 1 67  ? 8.678   -6.760  4.733   1.00 20.35 ? 46  ALA A N   1 
ATOM   374 C  CA  . ALA A 1 67  ? 8.280   -5.366  4.884   1.00 19.05 ? 46  ALA A CA  1 
ATOM   375 C  C   . ALA A 1 67  ? 8.522   -4.603  3.591   1.00 18.30 ? 46  ALA A C   1 
ATOM   376 O  O   . ALA A 1 67  ? 8.505   -3.374  3.585   1.00 20.62 ? 46  ALA A O   1 
ATOM   377 C  CB  . ALA A 1 67  ? 9.059   -4.719  6.030   1.00 18.92 ? 46  ALA A CB  1 
ATOM   378 N  N   . THR A 1 68  ? 8.732   -5.334  2.498   1.00 17.89 ? 47  THR A N   1 
ATOM   379 C  CA  . THR A 1 68  ? 9.016   -4.723  1.199   1.00 15.81 ? 47  THR A CA  1 
ATOM   380 C  C   . THR A 1 68  ? 7.832   -4.089  0.478   1.00 16.04 ? 47  THR A C   1 
ATOM   381 O  O   . THR A 1 68  ? 7.983   -3.567  -0.630  1.00 15.84 ? 47  THR A O   1 
ATOM   382 C  CB  . THR A 1 68  ? 9.682   -5.733  0.249   1.00 15.24 ? 47  THR A CB  1 
ATOM   383 O  OG1 . THR A 1 68  ? 8.799   -6.831  0.018   1.00 15.45 ? 47  THR A OG1 1 
ATOM   384 C  CG2 . THR A 1 68  ? 10.970  -6.249  0.855   1.00 14.47 ? 47  THR A CG2 1 
ATOM   385 N  N   . CYS A 1 69  ? 6.657   -4.136  1.097   1.00 15.70 ? 48  CYS A N   1 
ATOM   386 C  CA  . CYS A 1 69  ? 5.461   -3.532  0.513   1.00 14.42 ? 48  CYS A CA  1 
ATOM   387 C  C   . CYS A 1 69  ? 5.073   -2.303  1.343   1.00 13.46 ? 48  CYS A C   1 
ATOM   388 O  O   . CYS A 1 69  ? 3.939   -1.827  1.277   1.00 13.28 ? 48  CYS A O   1 
ATOM   389 C  CB  . CYS A 1 69  ? 4.306   -4.524  0.522   1.00 14.08 ? 48  CYS A CB  1 
ATOM   390 S  SG  . CYS A 1 69  ? 3.712   -4.860  2.185   1.00 13.65 ? 48  CYS A SG  1 
ATOM   391 N  N   . HIS A 1 70  ? 6.030   -1.810  2.125   1.00 12.76 ? 49  HIS A N   1 
ATOM   392 C  CA  . HIS A 1 70  ? 5.857   -0.642  2.990   1.00 12.73 ? 49  HIS A CA  1 
ATOM   393 C  C   . HIS A 1 70  ? 5.480   0.628   2.215   1.00 13.30 ? 49  HIS A C   1 
ATOM   394 O  O   . HIS A 1 70  ? 6.057   0.915   1.168   1.00 13.51 ? 49  HIS A O   1 
ATOM   395 C  CB  . HIS A 1 70  ? 7.166   -0.401  3.755   1.00 12.30 ? 49  HIS A CB  1 
ATOM   396 C  CG  . HIS A 1 70  ? 7.180   0.846   4.591   1.00 12.70 ? 49  HIS A CG  1 
ATOM   397 N  ND1 . HIS A 1 70  ? 8.344   1.514   4.893   1.00 12.64 ? 49  HIS A ND1 1 
ATOM   398 C  CD2 . HIS A 1 70  ? 6.184   1.508   5.229   1.00 12.38 ? 49  HIS A CD2 1 
ATOM   399 C  CE1 . HIS A 1 70  ? 8.068   2.541   5.684   1.00 12.90 ? 49  HIS A CE1 1 
ATOM   400 N  NE2 . HIS A 1 70  ? 6.769   2.557   5.902   1.00 12.20 ? 49  HIS A NE2 1 
ATOM   401 N  N   . VAL A 1 71  ? 4.511   1.376   2.744   1.00 13.29 ? 50  VAL A N   1 
ATOM   402 C  CA  . VAL A 1 71  ? 4.048   2.633   2.144   1.00 12.43 ? 50  VAL A CA  1 
ATOM   403 C  C   . VAL A 1 71  ? 3.590   3.605   3.235   1.00 13.30 ? 50  VAL A C   1 
ATOM   404 O  O   . VAL A 1 71  ? 3.279   3.198   4.357   1.00 12.40 ? 50  VAL A O   1 
ATOM   405 C  CB  . VAL A 1 71  ? 2.831   2.433   1.196   1.00 13.28 ? 50  VAL A CB  1 
ATOM   406 C  CG1 . VAL A 1 71  ? 3.169   1.467   0.072   1.00 11.90 ? 50  VAL A CG1 1 
ATOM   407 C  CG2 . VAL A 1 71  ? 1.632   1.949   1.994   1.00 12.93 ? 50  VAL A CG2 1 
ATOM   408 N  N   . TYR A 1 72  ? 3.547   4.890   2.897   1.00 15.61 ? 51  TYR A N   1 
ATOM   409 C  CA  . TYR A 1 72  ? 3.091   5.917   3.830   1.00 16.05 ? 51  TYR A CA  1 
ATOM   410 C  C   . TYR A 1 72  ? 1.688   6.340   3.419   1.00 15.66 ? 51  TYR A C   1 
ATOM   411 O  O   . TYR A 1 72  ? 1.493   6.829   2.310   1.00 15.87 ? 51  TYR A O   1 
ATOM   412 C  CB  . TYR A 1 72  ? 3.994   7.153   3.783   1.00 15.14 ? 51  TYR A CB  1 
ATOM   413 C  CG  . TYR A 1 72  ? 5.448   6.892   4.085   1.00 13.31 ? 51  TYR A CG  1 
ATOM   414 C  CD1 . TYR A 1 72  ? 5.832   6.247   5.261   1.00 11.70 ? 51  TYR A CD1 1 
ATOM   415 C  CD2 . TYR A 1 72  ? 6.445   7.304   3.200   1.00 13.30 ? 51  TYR A CD2 1 
ATOM   416 C  CE1 . TYR A 1 72  ? 7.173   6.018   5.551   1.00 14.29 ? 51  TYR A CE1 1 
ATOM   417 C  CE2 . TYR A 1 72  ? 7.796   7.079   3.480   1.00 12.81 ? 51  TYR A CE2 1 
ATOM   418 C  CZ  . TYR A 1 72  ? 8.150   6.438   4.655   1.00 12.58 ? 51  TYR A CZ  1 
ATOM   419 O  OH  . TYR A 1 72  ? 9.475   6.217   4.941   1.00 17.47 ? 51  TYR A OH  1 
ATOM   420 N  N   . VAL A 1 73  ? 0.715   6.150   4.304   1.00 16.00 ? 52  VAL A N   1 
ATOM   421 C  CA  . VAL A 1 73  ? -0.658  6.543   4.009   1.00 16.44 ? 52  VAL A CA  1 
ATOM   422 C  C   . VAL A 1 73  ? -0.805  8.058   4.174   1.00 17.12 ? 52  VAL A C   1 
ATOM   423 O  O   . VAL A 1 73  ? -0.482  8.612   5.225   1.00 16.15 ? 52  VAL A O   1 
ATOM   424 C  CB  . VAL A 1 73  ? -1.670  5.855   4.959   1.00 17.24 ? 52  VAL A CB  1 
ATOM   425 C  CG1 . VAL A 1 73  ? -3.088  6.334   4.640   1.00 16.54 ? 52  VAL A CG1 1 
ATOM   426 C  CG2 . VAL A 1 73  ? -1.572  4.334   4.817   1.00 15.70 ? 52  VAL A CG2 1 
ATOM   427 N  N   . ASP A 1 74  ? -1.285  8.723   3.131   1.00 17.52 ? 53  ASP A N   1 
ATOM   428 C  CA  . ASP A 1 74  ? -1.480  10.171  3.166   1.00 18.89 ? 53  ASP A CA  1 
ATOM   429 C  C   . ASP A 1 74  ? -2.376  10.580  4.339   1.00 18.20 ? 53  ASP A C   1 
ATOM   430 O  O   . ASP A 1 74  ? -3.377  9.927   4.619   1.00 19.04 ? 53  ASP A O   1 
ATOM   431 C  CB  . ASP A 1 74  ? -2.087  10.639  1.841   1.00 17.86 ? 53  ASP A CB  1 
ATOM   432 C  CG  . ASP A 1 74  ? -2.390  12.123  1.824   1.00 18.86 ? 53  ASP A CG  1 
ATOM   433 O  OD1 . ASP A 1 74  ? -3.494  12.514  2.254   1.00 18.37 ? 53  ASP A OD1 1 
ATOM   434 O  OD2 . ASP A 1 74  ? -1.518  12.898  1.386   1.00 19.47 ? 53  ASP A OD2 1 
ATOM   435 N  N   . GLU A 1 75  ? -1.999  11.660  5.017   1.00 17.96 ? 54  GLU A N   1 
ATOM   436 C  CA  . GLU A 1 75  ? -2.739  12.178  6.171   1.00 19.37 ? 54  GLU A CA  1 
ATOM   437 C  C   . GLU A 1 75  ? -4.260  12.122  6.032   1.00 19.22 ? 54  GLU A C   1 
ATOM   438 O  O   . GLU A 1 75  ? -4.958  11.640  6.923   1.00 18.90 ? 54  GLU A O   1 
ATOM   439 C  CB  . GLU A 1 75  ? -2.314  13.624  6.440   1.00 20.71 ? 54  GLU A CB  1 
ATOM   440 C  CG  . GLU A 1 75  ? -2.939  14.266  7.680   1.00 21.95 ? 54  GLU A CG  1 
ATOM   441 C  CD  . GLU A 1 75  ? -2.545  13.567  8.973   1.00 23.46 ? 54  GLU A CD  1 
ATOM   442 O  OE1 . GLU A 1 75  ? -1.472  12.927  9.003   1.00 18.57 ? 54  GLU A OE1 1 
ATOM   443 O  OE2 . GLU A 1 75  ? -3.301  13.674  9.961   1.00 21.99 ? 54  GLU A OE2 1 
ATOM   444 N  N   . ALA A 1 76  ? -4.771  12.623  4.914   1.00 20.80 ? 55  ALA A N   1 
ATOM   445 C  CA  . ALA A 1 76  ? -6.210  12.646  4.670   1.00 21.72 ? 55  ALA A CA  1 
ATOM   446 C  C   . ALA A 1 76  ? -6.868  11.274  4.696   1.00 22.08 ? 55  ALA A C   1 
ATOM   447 O  O   . ALA A 1 76  ? -8.071  11.167  4.942   1.00 22.63 ? 55  ALA A O   1 
ATOM   448 C  CB  . ALA A 1 76  ? -6.493  13.321  3.328   1.00 21.72 ? 55  ALA A CB  1 
ATOM   449 N  N   . TRP A 1 77  ? -6.088  10.226  4.453   1.00 20.21 ? 56  TRP A N   1 
ATOM   450 C  CA  . TRP A 1 77  ? -6.641  8.876   4.407   1.00 19.58 ? 56  TRP A CA  1 
ATOM   451 C  C   . TRP A 1 77  ? -6.310  7.976   5.590   1.00 19.22 ? 56  TRP A C   1 
ATOM   452 O  O   . TRP A 1 77  ? -6.724  6.821   5.618   1.00 18.87 ? 56  TRP A O   1 
ATOM   453 C  CB  . TRP A 1 77  ? -6.196  8.184   3.116   1.00 19.35 ? 56  TRP A CB  1 
ATOM   454 C  CG  . TRP A 1 77  ? -6.656  8.884   1.874   1.00 19.53 ? 56  TRP A CG  1 
ATOM   455 C  CD1 . TRP A 1 77  ? -6.026  9.902   1.222   1.00 19.46 ? 56  TRP A CD1 1 
ATOM   456 C  CD2 . TRP A 1 77  ? -7.866  8.638   1.161   1.00 19.25 ? 56  TRP A CD2 1 
ATOM   457 N  NE1 . TRP A 1 77  ? -6.771  10.308  0.141   1.00 19.53 ? 56  TRP A NE1 1 
ATOM   458 C  CE2 . TRP A 1 77  ? -7.912  9.546   0.081   1.00 19.04 ? 56  TRP A CE2 1 
ATOM   459 C  CE3 . TRP A 1 77  ? -8.929  7.739   1.329   1.00 21.49 ? 56  TRP A CE3 1 
ATOM   460 C  CZ2 . TRP A 1 77  ? -8.968  9.582   -0.826  1.00 20.59 ? 56  TRP A CZ2 1 
ATOM   461 C  CZ3 . TRP A 1 77  ? -9.984  7.774   0.426   1.00 19.86 ? 56  TRP A CZ3 1 
ATOM   462 C  CH2 . TRP A 1 77  ? -9.995  8.689   -0.638  1.00 21.27 ? 56  TRP A CH2 1 
ATOM   463 N  N   . ARG A 1 78  ? -5.575  8.499   6.562   1.00 17.32 ? 57  ARG A N   1 
ATOM   464 C  CA  . ARG A 1 78  ? -5.186  7.711   7.724   1.00 18.04 ? 57  ARG A CA  1 
ATOM   465 C  C   . ARG A 1 78  ? -6.350  7.162   8.545   1.00 18.57 ? 57  ARG A C   1 
ATOM   466 O  O   . ARG A 1 78  ? -6.319  6.006   8.973   1.00 19.03 ? 57  ARG A O   1 
ATOM   467 C  CB  . ARG A 1 78  ? -4.256  8.530   8.621   1.00 17.46 ? 57  ARG A CB  1 
ATOM   468 C  CG  . ARG A 1 78  ? -2.940  8.883   7.945   1.00 20.19 ? 57  ARG A CG  1 
ATOM   469 C  CD  . ARG A 1 78  ? -2.060  9.688   8.870   1.00 19.64 ? 57  ARG A CD  1 
ATOM   470 N  NE  . ARG A 1 78  ? -1.742  8.942   10.081  1.00 19.82 ? 57  ARG A NE  1 
ATOM   471 C  CZ  . ARG A 1 78  ? -1.078  9.449   11.113  1.00 21.13 ? 57  ARG A CZ  1 
ATOM   472 N  NH1 . ARG A 1 78  ? -0.662  10.709  11.077  1.00 20.26 ? 57  ARG A NH1 1 
ATOM   473 N  NH2 . ARG A 1 78  ? -0.829  8.699   12.177  1.00 21.15 ? 57  ARG A NH2 1 
ATOM   474 N  N   . GLU A 1 79  ? -7.375  7.977   8.772   1.00 18.66 ? 58  GLU A N   1 
ATOM   475 C  CA  . GLU A 1 79  ? -8.512  7.512   9.554   1.00 19.90 ? 58  GLU A CA  1 
ATOM   476 C  C   . GLU A 1 79  ? -9.243  6.350   8.888   1.00 19.44 ? 58  GLU A C   1 
ATOM   477 O  O   . GLU A 1 79  ? -9.561  5.359   9.544   1.00 18.89 ? 58  GLU A O   1 
ATOM   478 C  CB  . GLU A 1 79  ? -9.492  8.657   9.820   1.00 22.15 ? 58  GLU A CB  1 
ATOM   479 C  CG  . GLU A 1 79  ? -8.971  9.714   10.789  1.00 28.81 ? 58  GLU A CG  1 
ATOM   480 C  CD  . GLU A 1 79  ? -8.491  9.124   12.109  1.00 33.19 ? 58  GLU A CD  1 
ATOM   481 O  OE1 . GLU A 1 79  ? -7.397  8.519   12.135  1.00 34.80 ? 58  GLU A OE1 1 
ATOM   482 O  OE2 . GLU A 1 79  ? -9.214  9.261   13.120  1.00 34.68 ? 58  GLU A OE2 1 
ATOM   483 N  N   . LYS A 1 80  ? -9.501  6.458   7.588   1.00 18.68 ? 59  LYS A N   1 
ATOM   484 C  CA  . LYS A 1 80  ? -10.201 5.390   6.883   1.00 20.11 ? 59  LYS A CA  1 
ATOM   485 C  C   . LYS A 1 80  ? -9.358  4.129   6.730   1.00 18.98 ? 59  LYS A C   1 
ATOM   486 O  O   . LYS A 1 80  ? -9.876  3.019   6.812   1.00 18.51 ? 59  LYS A O   1 
ATOM   487 C  CB  . LYS A 1 80  ? -10.685 5.876   5.512   1.00 21.08 ? 59  LYS A CB  1 
ATOM   488 C  CG  . LYS A 1 80  ? -11.867 6.831   5.610   1.00 25.34 ? 59  LYS A CG  1 
ATOM   489 C  CD  . LYS A 1 80  ? -12.643 6.959   4.305   1.00 27.71 ? 59  LYS A CD  1 
ATOM   490 C  CE  . LYS A 1 80  ? -11.945 7.846   3.295   1.00 28.93 ? 59  LYS A CE  1 
ATOM   491 N  NZ  . LYS A 1 80  ? -12.841 8.119   2.126   1.00 32.96 ? 59  LYS A NZ  1 
ATOM   492 N  N   . VAL A 1 81  ? -8.058  4.295   6.519   1.00 19.18 ? 60  VAL A N   1 
ATOM   493 C  CA  . VAL A 1 81  ? -7.171  3.145   6.364   1.00 17.36 ? 60  VAL A CA  1 
ATOM   494 C  C   . VAL A 1 81  ? -6.854  2.475   7.701   1.00 16.11 ? 60  VAL A C   1 
ATOM   495 O  O   . VAL A 1 81  ? -6.855  1.251   7.802   1.00 14.25 ? 60  VAL A O   1 
ATOM   496 C  CB  . VAL A 1 81  ? -5.858  3.559   5.661   1.00 15.81 ? 60  VAL A CB  1 
ATOM   497 C  CG1 . VAL A 1 81  ? -4.825  2.444   5.762   1.00 15.60 ? 60  VAL A CG1 1 
ATOM   498 C  CG2 . VAL A 1 81  ? -6.145  3.870   4.207   1.00 15.54 ? 60  VAL A CG2 1 
ATOM   499 N  N   . GLY A 1 82  ? -6.582  3.279   8.722   1.00 16.34 ? 61  GLY A N   1 
ATOM   500 C  CA  . GLY A 1 82  ? -6.273  2.727   10.030  1.00 15.69 ? 61  GLY A CA  1 
ATOM   501 C  C   . GLY A 1 82  ? -4.804  2.402   10.229  1.00 16.65 ? 61  GLY A C   1 
ATOM   502 O  O   . GLY A 1 82  ? -4.017  2.402   9.279   1.00 17.37 ? 61  GLY A O   1 
ATOM   503 N  N   . GLY A 1 83  ? -4.438  2.120   11.478  1.00 17.66 ? 62  GLY A N   1 
ATOM   504 C  CA  . GLY A 1 83  ? -3.064  1.790   11.805  1.00 16.61 ? 62  GLY A CA  1 
ATOM   505 C  C   . GLY A 1 83  ? -2.749  0.329   11.544  1.00 17.76 ? 62  GLY A C   1 
ATOM   506 O  O   . GLY A 1 83  ? -3.631  -0.441  11.163  1.00 15.81 ? 62  GLY A O   1 
ATOM   507 N  N   . PRO A 1 84  ? -1.489  -0.087  11.738  1.00 17.42 ? 63  PRO A N   1 
ATOM   508 C  CA  . PRO A 1 84  ? -1.107  -1.483  11.505  1.00 17.41 ? 63  PRO A CA  1 
ATOM   509 C  C   . PRO A 1 84  ? -1.562  -2.423  12.617  1.00 15.55 ? 63  PRO A C   1 
ATOM   510 O  O   . PRO A 1 84  ? -1.786  -1.998  13.747  1.00 14.36 ? 63  PRO A O   1 
ATOM   511 C  CB  . PRO A 1 84  ? 0.413   -1.405  11.398  1.00 17.34 ? 63  PRO A CB  1 
ATOM   512 C  CG  . PRO A 1 84  ? 0.744   -0.312  12.380  1.00 20.09 ? 63  PRO A CG  1 
ATOM   513 C  CD  . PRO A 1 84  ? -0.314  0.736   12.080  1.00 18.00 ? 63  PRO A CD  1 
ATOM   514 N  N   . SER A 1 85  ? -1.703  -3.699  12.279  1.00 14.50 ? 64  SER A N   1 
ATOM   515 C  CA  . SER A 1 85  ? -2.111  -4.719  13.238  1.00 13.51 ? 64  SER A CA  1 
ATOM   516 C  C   . SER A 1 85  ? -0.859  -5.138  13.997  1.00 14.67 ? 64  SER A C   1 
ATOM   517 O  O   . SER A 1 85  ? 0.256   -4.808  13.588  1.00 14.28 ? 64  SER A O   1 
ATOM   518 C  CB  . SER A 1 85  ? -2.689  -5.934  12.510  1.00 12.90 ? 64  SER A CB  1 
ATOM   519 O  OG  . SER A 1 85  ? -1.657  -6.669  11.870  1.00 11.04 ? 64  SER A OG  1 
ATOM   520 N  N   . PRO A 1 86  ? -1.020  -5.869  15.110  1.00 15.38 ? 65  PRO A N   1 
ATOM   521 C  CA  . PRO A 1 86  ? 0.158   -6.296  15.871  1.00 15.09 ? 65  PRO A CA  1 
ATOM   522 C  C   . PRO A 1 86  ? 1.141   -7.148  15.067  1.00 15.17 ? 65  PRO A C   1 
ATOM   523 O  O   . PRO A 1 86  ? 2.354   -7.004  15.220  1.00 14.64 ? 65  PRO A O   1 
ATOM   524 C  CB  . PRO A 1 86  ? -0.453  -7.053  17.047  1.00 16.46 ? 65  PRO A CB  1 
ATOM   525 C  CG  . PRO A 1 86  ? -1.724  -6.306  17.284  1.00 15.20 ? 65  PRO A CG  1 
ATOM   526 C  CD  . PRO A 1 86  ? -2.255  -6.134  15.873  1.00 15.64 ? 65  PRO A CD  1 
ATOM   527 N  N   . MET A 1 87  ? 0.627   -8.034  14.216  1.00 13.93 ? 66  MET A N   1 
ATOM   528 C  CA  . MET A 1 87  ? 1.495   -8.887  13.407  1.00 14.70 ? 66  MET A CA  1 
ATOM   529 C  C   . MET A 1 87  ? 2.152   -8.073  12.290  1.00 14.95 ? 66  MET A C   1 
ATOM   530 O  O   . MET A 1 87  ? 3.235   -8.409  11.807  1.00 14.14 ? 66  MET A O   1 
ATOM   531 C  CB  . MET A 1 87  ? 0.703   -10.065 12.823  1.00 15.40 ? 66  MET A CB  1 
ATOM   532 C  CG  . MET A 1 87  ? -0.182  -9.737  11.633  1.00 17.71 ? 66  MET A CG  1 
ATOM   533 S  SD  . MET A 1 87  ? -1.160  -11.170 11.120  1.00 16.68 ? 66  MET A SD  1 
ATOM   534 C  CE  . MET A 1 87  ? 0.095   -12.197 10.370  1.00 18.56 ? 66  MET A CE  1 
ATOM   535 N  N   . GLU A 1 88  ? 1.490   -6.995  11.887  1.00 14.84 ? 67  GLU A N   1 
ATOM   536 C  CA  . GLU A 1 88  ? 2.023   -6.113  10.853  1.00 14.05 ? 67  GLU A CA  1 
ATOM   537 C  C   . GLU A 1 88  ? 3.175   -5.319  11.476  1.00 15.47 ? 67  GLU A C   1 
ATOM   538 O  O   . GLU A 1 88  ? 4.209   -5.092  10.840  1.00 13.68 ? 67  GLU A O   1 
ATOM   539 C  CB  . GLU A 1 88  ? 0.934   -5.158  10.364  1.00 14.96 ? 67  GLU A CB  1 
ATOM   540 C  CG  . GLU A 1 88  ? 1.307   -4.338  9.138   1.00 13.16 ? 67  GLU A CG  1 
ATOM   541 C  CD  . GLU A 1 88  ? 0.216   -3.355  8.743   1.00 13.32 ? 67  GLU A CD  1 
ATOM   542 O  OE1 . GLU A 1 88  ? -0.974  -3.667  8.949   1.00 14.11 ? 67  GLU A OE1 1 
ATOM   543 O  OE2 . GLU A 1 88  ? 0.545   -2.276  8.213   1.00 14.04 ? 67  GLU A OE2 1 
ATOM   544 N  N   . GLU A 1 89  ? 2.995   -4.912  12.729  1.00 14.82 ? 68  GLU A N   1 
ATOM   545 C  CA  . GLU A 1 89  ? 4.017   -4.152  13.440  1.00 17.82 ? 68  GLU A CA  1 
ATOM   546 C  C   . GLU A 1 89  ? 5.337   -4.906  13.516  1.00 16.81 ? 68  GLU A C   1 
ATOM   547 O  O   . GLU A 1 89  ? 6.392   -4.341  13.244  1.00 17.59 ? 68  GLU A O   1 
ATOM   548 C  CB  . GLU A 1 89  ? 3.559   -3.818  14.858  1.00 19.85 ? 68  GLU A CB  1 
ATOM   549 C  CG  . GLU A 1 89  ? 2.337   -2.938  14.930  1.00 27.83 ? 68  GLU A CG  1 
ATOM   550 C  CD  . GLU A 1 89  ? 2.082   -2.433  16.335  1.00 34.12 ? 68  GLU A CD  1 
ATOM   551 O  OE1 . GLU A 1 89  ? 2.880   -1.601  16.819  1.00 37.97 ? 68  GLU A OE1 1 
ATOM   552 O  OE2 . GLU A 1 89  ? 1.094   -2.873  16.960  1.00 37.41 ? 68  GLU A OE2 1 
ATOM   553 N  N   . ASP A 1 90  ? 5.280   -6.177  13.897  1.00 16.26 ? 69  ASP A N   1 
ATOM   554 C  CA  . ASP A 1 90  ? 6.491   -6.978  14.004  1.00 16.46 ? 69  ASP A CA  1 
ATOM   555 C  C   . ASP A 1 90  ? 7.296   -6.996  12.712  1.00 14.84 ? 69  ASP A C   1 
ATOM   556 O  O   . ASP A 1 90  ? 8.519   -7.014  12.751  1.00 14.13 ? 69  ASP A O   1 
ATOM   557 C  CB  . ASP A 1 90  ? 6.154   -8.409  14.415  1.00 20.49 ? 69  ASP A CB  1 
ATOM   558 C  CG  . ASP A 1 90  ? 5.603   -8.492  15.825  1.00 23.17 ? 69  ASP A CG  1 
ATOM   559 O  OD1 . ASP A 1 90  ? 6.007   -7.669  16.672  1.00 23.29 ? 69  ASP A OD1 1 
ATOM   560 O  OD2 . ASP A 1 90  ? 4.773   -9.388  16.085  1.00 26.02 ? 69  ASP A OD2 1 
ATOM   561 N  N   . MET A 1 91  ? 6.617   -6.998  11.570  1.00 14.47 ? 70  MET A N   1 
ATOM   562 C  CA  . MET A 1 91  ? 7.326   -7.000  10.295  1.00 14.98 ? 70  MET A CA  1 
ATOM   563 C  C   . MET A 1 91  ? 7.780   -5.591  9.932   1.00 13.78 ? 70  MET A C   1 
ATOM   564 O  O   . MET A 1 91  ? 8.825   -5.412  9.306   1.00 12.39 ? 70  MET A O   1 
ATOM   565 C  CB  . MET A 1 91  ? 6.447   -7.575  9.182   1.00 17.25 ? 70  MET A CB  1 
ATOM   566 C  CG  . MET A 1 91  ? 6.269   -9.091  9.256   1.00 22.16 ? 70  MET A CG  1 
ATOM   567 S  SD  . MET A 1 91  ? 7.826   -10.002 9.485   1.00 25.57 ? 70  MET A SD  1 
ATOM   568 C  CE  . MET A 1 91  ? 8.888   -9.233  8.244   1.00 26.46 ? 70  MET A CE  1 
ATOM   569 N  N   . LEU A 1 92  ? 6.997   -4.592  10.333  1.00 15.52 ? 71  LEU A N   1 
ATOM   570 C  CA  . LEU A 1 92  ? 7.339   -3.197  10.067  1.00 16.45 ? 71  LEU A CA  1 
ATOM   571 C  C   . LEU A 1 92  ? 8.641   -2.785  10.754  1.00 17.48 ? 71  LEU A C   1 
ATOM   572 O  O   . LEU A 1 92  ? 9.271   -1.801  10.370  1.00 17.83 ? 71  LEU A O   1 
ATOM   573 C  CB  . LEU A 1 92  ? 6.213   -2.271  10.529  1.00 16.82 ? 71  LEU A CB  1 
ATOM   574 C  CG  . LEU A 1 92  ? 5.188   -1.864  9.470   1.00 16.90 ? 71  LEU A CG  1 
ATOM   575 C  CD1 . LEU A 1 92  ? 4.074   -1.059  10.118  1.00 16.44 ? 71  LEU A CD1 1 
ATOM   576 C  CD2 . LEU A 1 92  ? 5.880   -1.049  8.381   1.00 15.53 ? 71  LEU A CD2 1 
ATOM   577 N  N   . ASP A 1 93  ? 9.038   -3.530  11.779  1.00 18.16 ? 72  ASP A N   1 
ATOM   578 C  CA  . ASP A 1 93  ? 10.271  -3.216  12.491  1.00 18.51 ? 72  ASP A CA  1 
ATOM   579 C  C   . ASP A 1 93  ? 11.477  -3.324  11.562  1.00 17.44 ? 72  ASP A C   1 
ATOM   580 O  O   . ASP A 1 93  ? 12.558  -2.822  11.878  1.00 16.27 ? 72  ASP A O   1 
ATOM   581 C  CB  . ASP A 1 93  ? 10.462  -4.158  13.680  1.00 22.31 ? 72  ASP A CB  1 
ATOM   582 C  CG  . ASP A 1 93  ? 9.536   -3.839  14.838  1.00 24.56 ? 72  ASP A CG  1 
ATOM   583 O  OD1 . ASP A 1 93  ? 9.081   -2.681  14.942  1.00 25.89 ? 72  ASP A OD1 1 
ATOM   584 O  OD2 . ASP A 1 93  ? 9.278   -4.747  15.656  1.00 28.86 ? 72  ASP A OD2 1 
ATOM   585 N  N   . PHE A 1 94  ? 11.282  -3.974  10.417  1.00 14.71 ? 73  PHE A N   1 
ATOM   586 C  CA  . PHE A 1 94  ? 12.354  -4.151  9.448   1.00 13.90 ? 73  PHE A CA  1 
ATOM   587 C  C   . PHE A 1 94  ? 12.271  -3.188  8.263   1.00 13.78 ? 73  PHE A C   1 
ATOM   588 O  O   . PHE A 1 94  ? 13.065  -3.272  7.326   1.00 12.20 ? 73  PHE A O   1 
ATOM   589 C  CB  . PHE A 1 94  ? 12.375  -5.602  8.968   1.00 13.34 ? 73  PHE A CB  1 
ATOM   590 C  CG  . PHE A 1 94  ? 12.744  -6.580  10.047  1.00 15.64 ? 73  PHE A CG  1 
ATOM   591 C  CD1 . PHE A 1 94  ? 14.060  -6.690  10.482  1.00 12.87 ? 73  PHE A CD1 1 
ATOM   592 C  CD2 . PHE A 1 94  ? 11.765  -7.347  10.676  1.00 14.48 ? 73  PHE A CD2 1 
ATOM   593 C  CE1 . PHE A 1 94  ? 14.395  -7.538  11.526  1.00 12.63 ? 73  PHE A CE1 1 
ATOM   594 C  CE2 . PHE A 1 94  ? 12.094  -8.204  11.728  1.00 14.08 ? 73  PHE A CE2 1 
ATOM   595 C  CZ  . PHE A 1 94  ? 13.412  -8.296  12.152  1.00 13.52 ? 73  PHE A CZ  1 
ATOM   596 N  N   . GLY A 1 95  ? 11.317  -2.261  8.317   1.00 13.65 ? 74  GLY A N   1 
ATOM   597 C  CA  . GLY A 1 95  ? 11.187  -1.280  7.256   1.00 13.28 ? 74  GLY A CA  1 
ATOM   598 C  C   . GLY A 1 95  ? 12.167  -0.140  7.475   1.00 14.92 ? 74  GLY A C   1 
ATOM   599 O  O   . GLY A 1 95  ? 12.755  -0.031  8.552   1.00 16.60 ? 74  GLY A O   1 
ATOM   600 N  N   . TYR A 1 96  ? 12.341  0.709   6.464   1.00 15.11 ? 75  TYR A N   1 
ATOM   601 C  CA  . TYR A 1 96  ? 13.253  1.850   6.543   1.00 13.76 ? 75  TYR A CA  1 
ATOM   602 C  C   . TYR A 1 96  ? 12.473  3.161   6.628   1.00 15.13 ? 75  TYR A C   1 
ATOM   603 O  O   . TYR A 1 96  ? 11.703  3.500   5.728   1.00 14.49 ? 75  TYR A O   1 
ATOM   604 C  CB  . TYR A 1 96  ? 14.176  1.875   5.320   1.00 14.52 ? 75  TYR A CB  1 
ATOM   605 C  CG  . TYR A 1 96  ? 15.301  0.857   5.361   1.00 14.09 ? 75  TYR A CG  1 
ATOM   606 C  CD1 . TYR A 1 96  ? 16.532  1.171   5.940   1.00 14.76 ? 75  TYR A CD1 1 
ATOM   607 C  CD2 . TYR A 1 96  ? 15.142  -0.410  4.799   1.00 15.46 ? 75  TYR A CD2 1 
ATOM   608 C  CE1 . TYR A 1 96  ? 17.581  0.250   5.949   1.00 13.67 ? 75  TYR A CE1 1 
ATOM   609 C  CE2 . TYR A 1 96  ? 16.177  -1.335  4.806   1.00 15.13 ? 75  TYR A CE2 1 
ATOM   610 C  CZ  . TYR A 1 96  ? 17.397  -0.997  5.379   1.00 14.74 ? 75  TYR A CZ  1 
ATOM   611 O  OH  . TYR A 1 96  ? 18.432  -1.905  5.355   1.00 15.36 ? 75  TYR A OH  1 
ATOM   612 N  N   . ASP A 1 97  ? 12.684  3.892   7.716   1.00 13.67 ? 76  ASP A N   1 
ATOM   613 C  CA  . ASP A 1 97  ? 11.997  5.152   7.946   1.00 13.67 ? 76  ASP A CA  1 
ATOM   614 C  C   . ASP A 1 97  ? 10.501  4.866   8.096   1.00 13.69 ? 76  ASP A C   1 
ATOM   615 O  O   . ASP A 1 97  ? 9.680   5.276   7.277   1.00 12.98 ? 76  ASP A O   1 
ATOM   616 C  CB  . ASP A 1 97  ? 12.259  6.124   6.790   1.00 13.06 ? 76  ASP A CB  1 
ATOM   617 C  CG  . ASP A 1 97  ? 11.774  7.529   7.087   1.00 14.67 ? 76  ASP A CG  1 
ATOM   618 O  OD1 . ASP A 1 97  ? 11.990  8.423   6.245   1.00 16.51 ? 76  ASP A OD1 1 
ATOM   619 O  OD2 . ASP A 1 97  ? 11.171  7.744   8.155   1.00 12.10 ? 76  ASP A OD2 1 
ATOM   620 N  N   . VAL A 1 98  ? 10.171  4.130   9.150   1.00 13.42 ? 77  VAL A N   1 
ATOM   621 C  CA  . VAL A 1 98  ? 8.794   3.774   9.459   1.00 12.90 ? 77  VAL A CA  1 
ATOM   622 C  C   . VAL A 1 98  ? 8.205   4.928   10.263  1.00 13.32 ? 77  VAL A C   1 
ATOM   623 O  O   . VAL A 1 98  ? 8.768   5.348   11.272  1.00 13.94 ? 77  VAL A O   1 
ATOM   624 C  CB  . VAL A 1 98  ? 8.749   2.466   10.270  1.00 14.22 ? 77  VAL A CB  1 
ATOM   625 C  CG1 . VAL A 1 98  ? 7.321   2.154   10.702  1.00 12.31 ? 77  VAL A CG1 1 
ATOM   626 C  CG2 . VAL A 1 98  ? 9.308   1.328   9.423   1.00 10.96 ? 77  VAL A CG2 1 
ATOM   627 N  N   . ARG A 1 99  ? 7.072   5.439   9.798   1.00 14.10 ? 78  ARG A N   1 
ATOM   628 C  CA  . ARG A 1 99  ? 6.408   6.573   10.424  1.00 14.34 ? 78  ARG A CA  1 
ATOM   629 C  C   . ARG A 1 99  ? 5.020   6.200   10.940  1.00 15.28 ? 78  ARG A C   1 
ATOM   630 O  O   . ARG A 1 99  ? 4.514   5.117   10.651  1.00 17.01 ? 78  ARG A O   1 
ATOM   631 C  CB  . ARG A 1 99  ? 6.293   7.704   9.402   1.00 12.42 ? 78  ARG A CB  1 
ATOM   632 C  CG  . ARG A 1 99  ? 7.607   8.051   8.705   1.00 12.75 ? 78  ARG A CG  1 
ATOM   633 C  CD  . ARG A 1 99  ? 7.394   8.955   7.484   1.00 11.54 ? 78  ARG A CD  1 
ATOM   634 N  NE  . ARG A 1 99  ? 8.627   9.124   6.719   1.00 12.51 ? 78  ARG A NE  1 
ATOM   635 C  CZ  . ARG A 1 99  ? 8.722   9.781   5.565   1.00 13.77 ? 78  ARG A CZ  1 
ATOM   636 N  NH1 . ARG A 1 99  ? 7.656   10.348  5.020   1.00 16.34 ? 78  ARG A NH1 1 
ATOM   637 N  NH2 . ARG A 1 99  ? 9.891   9.855   4.942   1.00 17.08 ? 78  ARG A NH2 1 
ATOM   638 N  N   . PRO A 1 100 ? 4.389   7.097   11.716  1.00 16.66 ? 79  PRO A N   1 
ATOM   639 C  CA  . PRO A 1 100 ? 3.054   6.855   12.267  1.00 16.53 ? 79  PRO A CA  1 
ATOM   640 C  C   . PRO A 1 100 ? 2.051   6.436   11.191  1.00 17.01 ? 79  PRO A C   1 
ATOM   641 O  O   . PRO A 1 100 ? 1.154   5.633   11.446  1.00 18.72 ? 79  PRO A O   1 
ATOM   642 C  CB  . PRO A 1 100 ? 2.698   8.198   12.894  1.00 17.13 ? 79  PRO A CB  1 
ATOM   643 C  CG  . PRO A 1 100 ? 4.018   8.693   13.371  1.00 18.94 ? 79  PRO A CG  1 
ATOM   644 C  CD  . PRO A 1 100 ? 4.915   8.394   12.185  1.00 17.52 ? 79  PRO A CD  1 
ATOM   645 N  N   . ASN A 1 101 ? 2.211   6.976   9.986   1.00 16.02 ? 80  ASN A N   1 
ATOM   646 C  CA  . ASN A 1 101 ? 1.305   6.647   8.894   1.00 14.71 ? 80  ASN A CA  1 
ATOM   647 C  C   . ASN A 1 101 ? 1.793   5.489   8.023   1.00 14.66 ? 80  ASN A C   1 
ATOM   648 O  O   . ASN A 1 101 ? 1.239   5.237   6.957   1.00 13.38 ? 80  ASN A O   1 
ATOM   649 C  CB  . ASN A 1 101 ? 1.031   7.884   8.022   1.00 14.24 ? 80  ASN A CB  1 
ATOM   650 C  CG  . ASN A 1 101 ? 2.289   8.464   7.394   1.00 15.78 ? 80  ASN A CG  1 
ATOM   651 O  OD1 . ASN A 1 101 ? 2.223   9.126   6.355   1.00 18.12 ? 80  ASN A OD1 1 
ATOM   652 N  ND2 . ASN A 1 101 ? 3.434   8.238   8.024   1.00 11.43 ? 80  ASN A ND2 1 
ATOM   653 N  N   . SER A 1 102 ? 2.821   4.782   8.485   1.00 13.87 ? 81  SER A N   1 
ATOM   654 C  CA  . SER A 1 102 ? 3.352   3.640   7.744   1.00 13.79 ? 81  SER A CA  1 
ATOM   655 C  C   . SER A 1 102 ? 2.448   2.418   7.854   1.00 14.51 ? 81  SER A C   1 
ATOM   656 O  O   . SER A 1 102 ? 1.860   2.156   8.903   1.00 15.55 ? 81  SER A O   1 
ATOM   657 C  CB  . SER A 1 102 ? 4.750   3.268   8.250   1.00 12.61 ? 81  SER A CB  1 
ATOM   658 O  OG  . SER A 1 102 ? 5.720   4.228   7.872   1.00 10.08 ? 81  SER A OG  1 
ATOM   659 N  N   . ARG A 1 103 ? 2.345   1.675   6.759   1.00 15.15 ? 82  ARG A N   1 
ATOM   660 C  CA  . ARG A 1 103 ? 1.542   0.459   6.710   1.00 13.90 ? 82  ARG A CA  1 
ATOM   661 C  C   . ARG A 1 103 ? 2.152   -0.478  5.679   1.00 14.30 ? 82  ARG A C   1 
ATOM   662 O  O   . ARG A 1 103 ? 2.832   -0.036  4.750   1.00 14.78 ? 82  ARG A O   1 
ATOM   663 C  CB  . ARG A 1 103 ? 0.097   0.755   6.272   1.00 15.03 ? 82  ARG A CB  1 
ATOM   664 C  CG  . ARG A 1 103 ? -0.783  1.505   7.273   1.00 15.22 ? 82  ARG A CG  1 
ATOM   665 C  CD  . ARG A 1 103 ? -1.007  0.702   8.545   1.00 16.30 ? 82  ARG A CD  1 
ATOM   666 N  NE  . ARG A 1 103 ? -1.506  -0.651  8.302   1.00 13.42 ? 82  ARG A NE  1 
ATOM   667 C  CZ  . ARG A 1 103 ? -2.753  -0.962  7.958   1.00 14.27 ? 82  ARG A CZ  1 
ATOM   668 N  NH1 . ARG A 1 103 ? -3.676  -0.020  7.802   1.00 13.91 ? 82  ARG A NH1 1 
ATOM   669 N  NH2 . ARG A 1 103 ? -3.084  -2.232  7.787   1.00 13.06 ? 82  ARG A NH2 1 
ATOM   670 N  N   . LEU A 1 104 ? 1.929   -1.775  5.859   1.00 12.73 ? 83  LEU A N   1 
ATOM   671 C  CA  . LEU A 1 104 ? 2.385   -2.753  4.889   1.00 12.91 ? 83  LEU A CA  1 
ATOM   672 C  C   . LEU A 1 104 ? 1.201   -2.761  3.932   1.00 12.29 ? 83  LEU A C   1 
ATOM   673 O  O   . LEU A 1 104 ? 0.095   -3.118  4.326   1.00 11.73 ? 83  LEU A O   1 
ATOM   674 C  CB  . LEU A 1 104 ? 2.580   -4.124  5.549   1.00 12.19 ? 83  LEU A CB  1 
ATOM   675 C  CG  . LEU A 1 104 ? 3.761   -4.191  6.524   1.00 10.16 ? 83  LEU A CG  1 
ATOM   676 C  CD1 . LEU A 1 104 ? 3.958   -5.617  7.039   1.00 10.80 ? 83  LEU A CD1 1 
ATOM   677 C  CD2 . LEU A 1 104 ? 5.016   -3.704  5.805   1.00 9.79  ? 83  LEU A CD2 1 
ATOM   678 N  N   . SER A 1 105 ? 1.429   -2.343  2.687   1.00 13.91 ? 84  SER A N   1 
ATOM   679 C  CA  . SER A 1 105 ? 0.357   -2.246  1.695   1.00 14.24 ? 84  SER A CA  1 
ATOM   680 C  C   . SER A 1 105 ? -0.425  -3.529  1.436   1.00 14.18 ? 84  SER A C   1 
ATOM   681 O  O   . SER A 1 105 ? -1.570  -3.479  0.994   1.00 13.47 ? 84  SER A O   1 
ATOM   682 C  CB  . SER A 1 105 ? 0.902   -1.697  0.365   1.00 12.91 ? 84  SER A CB  1 
ATOM   683 O  OG  . SER A 1 105 ? 1.856   -2.564  -0.213  1.00 19.55 ? 84  SER A OG  1 
ATOM   684 N  N   . CYS A 1 106 ? 0.180   -4.678  1.714   1.00 13.33 ? 85  CYS A N   1 
ATOM   685 C  CA  . CYS A 1 106 ? -0.514  -5.935  1.490   1.00 13.30 ? 85  CYS A CA  1 
ATOM   686 C  C   . CYS A 1 106 ? -1.529  -6.157  2.602   1.00 14.33 ? 85  CYS A C   1 
ATOM   687 O  O   . CYS A 1 106 ? -2.343  -7.076  2.538   1.00 13.89 ? 85  CYS A O   1 
ATOM   688 C  CB  . CYS A 1 106 ? 0.477   -7.101  1.443   1.00 13.63 ? 85  CYS A CB  1 
ATOM   689 S  SG  . CYS A 1 106 ? 1.177   -7.557  3.026   1.00 12.64 ? 85  CYS A SG  1 
ATOM   690 N  N   . GLN A 1 107 ? -1.474  -5.308  3.624   1.00 13.26 ? 86  GLN A N   1 
ATOM   691 C  CA  . GLN A 1 107 ? -2.400  -5.410  4.745   1.00 12.34 ? 86  GLN A CA  1 
ATOM   692 C  C   . GLN A 1 107 ? -3.539  -4.402  4.598   1.00 13.71 ? 86  GLN A C   1 
ATOM   693 O  O   . GLN A 1 107 ? -4.422  -4.328  5.452   1.00 14.13 ? 86  GLN A O   1 
ATOM   694 C  CB  . GLN A 1 107 ? -1.669  -5.175  6.070   1.00 11.52 ? 86  GLN A CB  1 
ATOM   695 C  CG  . GLN A 1 107 ? -0.605  -6.210  6.393   1.00 9.24  ? 86  GLN A CG  1 
ATOM   696 C  CD  . GLN A 1 107 ? -1.158  -7.617  6.439   1.00 12.66 ? 86  GLN A CD  1 
ATOM   697 O  OE1 . GLN A 1 107 ? -1.958  -7.953  7.313   1.00 12.27 ? 86  GLN A OE1 1 
ATOM   698 N  NE2 . GLN A 1 107 ? -0.741  -8.448  5.489   1.00 9.85  ? 86  GLN A NE2 1 
ATOM   699 N  N   . ILE A 1 108 ? -3.510  -3.625  3.517   1.00 13.46 ? 87  ILE A N   1 
ATOM   700 C  CA  . ILE A 1 108 ? -4.557  -2.639  3.250   1.00 14.56 ? 87  ILE A CA  1 
ATOM   701 C  C   . ILE A 1 108 ? -5.501  -3.163  2.172   1.00 15.32 ? 87  ILE A C   1 
ATOM   702 O  O   . ILE A 1 108 ? -5.137  -3.240  1.003   1.00 14.76 ? 87  ILE A O   1 
ATOM   703 C  CB  . ILE A 1 108 ? -3.984  -1.296  2.749   1.00 14.63 ? 87  ILE A CB  1 
ATOM   704 C  CG1 . ILE A 1 108 ? -3.074  -0.675  3.809   1.00 13.97 ? 87  ILE A CG1 1 
ATOM   705 C  CG2 . ILE A 1 108 ? -5.131  -0.336  2.426   1.00 16.63 ? 87  ILE A CG2 1 
ATOM   706 C  CD1 . ILE A 1 108 ? -2.482  0.658   3.388   1.00 17.12 ? 87  ILE A CD1 1 
ATOM   707 N  N   . LYS A 1 109 ? -6.717  -3.515  2.568   1.00 15.03 ? 88  LYS A N   1 
ATOM   708 C  CA  . LYS A 1 109 ? -7.704  -4.025  1.630   1.00 16.96 ? 88  LYS A CA  1 
ATOM   709 C  C   . LYS A 1 109 ? -8.482  -2.879  0.988   1.00 16.10 ? 88  LYS A C   1 
ATOM   710 O  O   . LYS A 1 109 ? -8.988  -1.994  1.675   1.00 15.23 ? 88  LYS A O   1 
ATOM   711 C  CB  . LYS A 1 109 ? -8.648  -4.987  2.359   1.00 18.18 ? 88  LYS A CB  1 
ATOM   712 C  CG  . LYS A 1 109 ? -9.710  -5.616  1.484   1.00 24.09 ? 88  LYS A CG  1 
ATOM   713 C  CD  . LYS A 1 109 ? -10.034 -7.013  1.985   1.00 27.51 ? 88  LYS A CD  1 
ATOM   714 C  CE  . LYS A 1 109 ? -11.472 -7.401  1.687   1.00 30.29 ? 88  LYS A CE  1 
ATOM   715 N  NZ  . LYS A 1 109 ? -12.437 -6.662  2.547   1.00 31.37 ? 88  LYS A NZ  1 
ATOM   716 N  N   . VAL A 1 110 ? -8.562  -2.889  -0.338  1.00 17.54 ? 89  VAL A N   1 
ATOM   717 C  CA  . VAL A 1 110 ? -9.268  -1.838  -1.057  1.00 17.56 ? 89  VAL A CA  1 
ATOM   718 C  C   . VAL A 1 110 ? -10.785 -1.984  -0.956  1.00 19.12 ? 89  VAL A C   1 
ATOM   719 O  O   . VAL A 1 110 ? -11.336 -3.070  -1.150  1.00 17.49 ? 89  VAL A O   1 
ATOM   720 C  CB  . VAL A 1 110 ? -8.862  -1.810  -2.553  1.00 17.87 ? 89  VAL A CB  1 
ATOM   721 C  CG1 . VAL A 1 110 ? -9.676  -0.757  -3.297  1.00 17.15 ? 89  VAL A CG1 1 
ATOM   722 C  CG2 . VAL A 1 110 ? -7.370  -1.508  -2.682  1.00 16.83 ? 89  VAL A CG2 1 
ATOM   723 N  N   . SER A 1 111 ? -11.448 -0.879  -0.634  1.00 18.89 ? 90  SER A N   1 
ATOM   724 C  CA  . SER A 1 111 ? -12.900 -0.849  -0.521  1.00 20.41 ? 90  SER A CA  1 
ATOM   725 C  C   . SER A 1 111 ? -13.378 0.395   -1.255  1.00 19.92 ? 90  SER A C   1 
ATOM   726 O  O   . SER A 1 111 ? -12.567 1.197   -1.718  1.00 18.51 ? 90  SER A O   1 
ATOM   727 C  CB  . SER A 1 111 ? -13.333 -0.789  0.945   1.00 20.81 ? 90  SER A CB  1 
ATOM   728 O  OG  . SER A 1 111 ? -12.944 0.429   1.554   1.00 21.99 ? 90  SER A OG  1 
ATOM   729 N  N   . ASN A 1 112 ? -14.689 0.556   -1.368  1.00 21.81 ? 91  ASN A N   1 
ATOM   730 C  CA  . ASN A 1 112 ? -15.241 1.708   -2.064  1.00 23.32 ? 91  ASN A CA  1 
ATOM   731 C  C   . ASN A 1 112 ? -14.829 3.034   -1.423  1.00 23.18 ? 91  ASN A C   1 
ATOM   732 O  O   . ASN A 1 112 ? -14.618 4.027   -2.120  1.00 22.52 ? 91  ASN A O   1 
ATOM   733 C  CB  . ASN A 1 112 ? -16.767 1.612   -2.109  1.00 25.97 ? 91  ASN A CB  1 
ATOM   734 C  CG  . ASN A 1 112 ? -17.392 2.733   -2.910  1.00 30.35 ? 91  ASN A CG  1 
ATOM   735 O  OD1 . ASN A 1 112 ? -17.169 2.849   -4.117  1.00 31.60 ? 91  ASN A OD1 1 
ATOM   736 N  ND2 . ASN A 1 112 ? -18.175 3.573   -2.243  1.00 31.77 ? 91  ASN A ND2 1 
ATOM   737 N  N   . GLU A 1 113 ? -14.703 3.051   -0.101  1.00 23.55 ? 92  GLU A N   1 
ATOM   738 C  CA  . GLU A 1 113 ? -14.339 4.282   0.600   1.00 25.37 ? 92  GLU A CA  1 
ATOM   739 C  C   . GLU A 1 113 ? -12.871 4.679   0.428   1.00 23.42 ? 92  GLU A C   1 
ATOM   740 O  O   . GLU A 1 113 ? -12.460 5.742   0.890   1.00 22.48 ? 92  GLU A O   1 
ATOM   741 C  CB  . GLU A 1 113 ? -14.656 4.153   2.092   1.00 27.43 ? 92  GLU A CB  1 
ATOM   742 C  CG  . GLU A 1 113 ? -13.587 3.422   2.884   1.00 30.75 ? 92  GLU A CG  1 
ATOM   743 C  CD  . GLU A 1 113 ? -13.956 3.240   4.337   1.00 33.73 ? 92  GLU A CD  1 
ATOM   744 O  OE1 . GLU A 1 113 ? -14.417 4.217   4.966   1.00 33.16 ? 92  GLU A OE1 1 
ATOM   745 O  OE2 . GLU A 1 113 ? -13.770 2.120   4.856   1.00 36.20 ? 92  GLU A OE2 1 
ATOM   746 N  N   . LEU A 1 114 ? -12.080 3.827   -0.218  1.00 21.76 ? 93  LEU A N   1 
ATOM   747 C  CA  . LEU A 1 114 ? -10.666 4.131   -0.434  1.00 20.80 ? 93  LEU A CA  1 
ATOM   748 C  C   . LEU A 1 114 ? -10.393 4.525   -1.884  1.00 22.26 ? 93  LEU A C   1 
ATOM   749 O  O   . LEU A 1 114 ? -9.244  4.554   -2.327  1.00 21.89 ? 93  LEU A O   1 
ATOM   750 C  CB  . LEU A 1 114 ? -9.786  2.941   -0.045  1.00 21.53 ? 93  LEU A CB  1 
ATOM   751 C  CG  . LEU A 1 114 ? -9.788  2.510   1.431   1.00 21.97 ? 93  LEU A CG  1 
ATOM   752 C  CD1 . LEU A 1 114 ? -8.718  1.450   1.651   1.00 19.42 ? 93  LEU A CD1 1 
ATOM   753 C  CD2 . LEU A 1 114 ? -9.534  3.710   2.340   1.00 19.12 ? 93  LEU A CD2 1 
ATOM   754 N  N   . ASP A 1 115 ? -11.462 4.822   -2.616  1.00 22.37 ? 94  ASP A N   1 
ATOM   755 C  CA  . ASP A 1 115 ? -11.367 5.239   -4.012  1.00 21.29 ? 94  ASP A CA  1 
ATOM   756 C  C   . ASP A 1 115 ? -10.727 6.628   -4.019  1.00 20.41 ? 94  ASP A C   1 
ATOM   757 O  O   . ASP A 1 115 ? -11.317 7.594   -3.534  1.00 20.13 ? 94  ASP A O   1 
ATOM   758 C  CB  . ASP A 1 115 ? -12.769 5.287   -4.635  1.00 22.12 ? 94  ASP A CB  1 
ATOM   759 C  CG  . ASP A 1 115 ? -12.754 5.706   -6.094  1.00 24.05 ? 94  ASP A CG  1 
ATOM   760 O  OD1 . ASP A 1 115 ? -13.844 5.988   -6.634  1.00 26.03 ? 94  ASP A OD1 1 
ATOM   761 O  OD2 . ASP A 1 115 ? -11.666 5.752   -6.704  1.00 23.43 ? 94  ASP A OD2 1 
ATOM   762 N  N   . GLY A 1 116 ? -9.515  6.710   -4.561  1.00 19.06 ? 95  GLY A N   1 
ATOM   763 C  CA  . GLY A 1 116 ? -8.787  7.965   -4.606  1.00 18.02 ? 95  GLY A CA  1 
ATOM   764 C  C   . GLY A 1 116 ? -7.633  7.963   -3.612  1.00 18.40 ? 95  GLY A C   1 
ATOM   765 O  O   . GLY A 1 116 ? -6.894  8.944   -3.493  1.00 18.96 ? 95  GLY A O   1 
ATOM   766 N  N   . LEU A 1 117 ? -7.471  6.851   -2.900  1.00 16.20 ? 96  LEU A N   1 
ATOM   767 C  CA  . LEU A 1 117 ? -6.411  6.721   -1.901  1.00 14.97 ? 96  LEU A CA  1 
ATOM   768 C  C   . LEU A 1 117 ? -5.046  7.168   -2.394  1.00 14.04 ? 96  LEU A C   1 
ATOM   769 O  O   . LEU A 1 117 ? -4.679  6.931   -3.544  1.00 11.96 ? 96  LEU A O   1 
ATOM   770 C  CB  . LEU A 1 117 ? -6.300  5.272   -1.415  1.00 15.21 ? 96  LEU A CB  1 
ATOM   771 C  CG  . LEU A 1 117 ? -5.086  4.932   -0.534  1.00 16.73 ? 96  LEU A CG  1 
ATOM   772 C  CD1 . LEU A 1 117 ? -5.127  5.733   0.762   1.00 14.40 ? 96  LEU A CD1 1 
ATOM   773 C  CD2 . LEU A 1 117 ? -5.078  3.431   -0.236  1.00 15.41 ? 96  LEU A CD2 1 
ATOM   774 N  N   . ILE A 1 118 ? -4.301  7.816   -1.505  1.00 14.01 ? 97  ILE A N   1 
ATOM   775 C  CA  . ILE A 1 118 ? -2.960  8.277   -1.816  1.00 14.89 ? 97  ILE A CA  1 
ATOM   776 C  C   . ILE A 1 118 ? -1.980  7.664   -0.829  1.00 14.89 ? 97  ILE A C   1 
ATOM   777 O  O   . ILE A 1 118 ? -2.155  7.770   0.387   1.00 14.59 ? 97  ILE A O   1 
ATOM   778 C  CB  . ILE A 1 118 ? -2.830  9.814   -1.719  1.00 16.69 ? 97  ILE A CB  1 
ATOM   779 C  CG1 . ILE A 1 118 ? -3.724  10.486  -2.760  1.00 17.88 ? 97  ILE A CG1 1 
ATOM   780 C  CG2 . ILE A 1 118 ? -1.369  10.225  -1.945  1.00 15.63 ? 97  ILE A CG2 1 
ATOM   781 C  CD1 . ILE A 1 118 ? -3.732  12.001  -2.662  1.00 21.50 ? 97  ILE A CD1 1 
ATOM   782 N  N   . VAL A 1 119 ? -0.958  7.010   -1.362  1.00 15.91 ? 98  VAL A N   1 
ATOM   783 C  CA  . VAL A 1 119 ? 0.082   6.402   -0.545  1.00 14.57 ? 98  VAL A CA  1 
ATOM   784 C  C   . VAL A 1 119 ? 1.409   6.755   -1.204  1.00 14.53 ? 98  VAL A C   1 
ATOM   785 O  O   . VAL A 1 119 ? 1.495   6.884   -2.429  1.00 14.82 ? 98  VAL A O   1 
ATOM   786 C  CB  . VAL A 1 119 ? -0.051  4.860   -0.475  1.00 14.67 ? 98  VAL A CB  1 
ATOM   787 C  CG1 . VAL A 1 119 ? -1.391  4.476   0.149   1.00 13.13 ? 98  VAL A CG1 1 
ATOM   788 C  CG2 . VAL A 1 119 ? 0.089   4.256   -1.859  1.00 15.43 ? 98  VAL A CG2 1 
ATOM   789 N  N   . THR A 1 120 ? 2.435   6.932   -0.386  1.00 13.84 ? 99  THR A N   1 
ATOM   790 C  CA  . THR A 1 120 ? 3.759   7.270   -0.882  1.00 14.88 ? 99  THR A CA  1 
ATOM   791 C  C   . THR A 1 120 ? 4.715   6.122   -0.586  1.00 14.46 ? 99  THR A C   1 
ATOM   792 O  O   . THR A 1 120 ? 4.700   5.559   0.506   1.00 15.63 ? 99  THR A O   1 
ATOM   793 C  CB  . THR A 1 120 ? 4.298   8.550   -0.197  1.00 15.07 ? 99  THR A CB  1 
ATOM   794 O  OG1 . THR A 1 120 ? 3.352   9.614   -0.356  1.00 16.02 ? 99  THR A OG1 1 
ATOM   795 C  CG2 . THR A 1 120 ? 5.619   8.969   -0.814  1.00 14.27 ? 99  THR A CG2 1 
ATOM   796 N  N   . THR A 1 121 ? 5.534   5.767   -1.565  1.00 14.39 ? 100 THR A N   1 
ATOM   797 C  CA  . THR A 1 121 ? 6.502   4.701   -1.378  1.00 14.72 ? 100 THR A CA  1 
ATOM   798 C  C   . THR A 1 121 ? 7.758   5.308   -0.759  1.00 15.17 ? 100 THR A C   1 
ATOM   799 O  O   . THR A 1 121 ? 8.128   6.437   -1.071  1.00 15.52 ? 100 THR A O   1 
ATOM   800 C  CB  . THR A 1 121 ? 6.845   4.019   -2.713  1.00 13.72 ? 100 THR A CB  1 
ATOM   801 O  OG1 . THR A 1 121 ? 7.241   5.005   -3.673  1.00 12.83 ? 100 THR A OG1 1 
ATOM   802 C  CG2 . THR A 1 121 ? 5.635   3.273   -3.244  1.00 11.85 ? 100 THR A CG2 1 
ATOM   803 N  N   . PRO A 1 122 ? 8.420   4.567   0.143   1.00 14.84 ? 101 PRO A N   1 
ATOM   804 C  CA  . PRO A 1 122 ? 9.630   5.056   0.801   1.00 15.77 ? 101 PRO A CA  1 
ATOM   805 C  C   . PRO A 1 122 ? 10.834  5.094   -0.131  1.00 15.42 ? 101 PRO A C   1 
ATOM   806 O  O   . PRO A 1 122 ? 10.778  4.616   -1.261  1.00 13.46 ? 101 PRO A O   1 
ATOM   807 C  CB  . PRO A 1 122 ? 9.814   4.066   1.944   1.00 13.76 ? 101 PRO A CB  1 
ATOM   808 C  CG  . PRO A 1 122 ? 9.392   2.787   1.302   1.00 16.40 ? 101 PRO A CG  1 
ATOM   809 C  CD  . PRO A 1 122 ? 8.126   3.183   0.557   1.00 15.86 ? 101 PRO A CD  1 
ATOM   810 N  N   . GLU A 1 123 ? 11.924  5.671   0.363   1.00 17.34 ? 102 GLU A N   1 
ATOM   811 C  CA  . GLU A 1 123 ? 13.159  5.776   -0.401  1.00 19.43 ? 102 GLU A CA  1 
ATOM   812 C  C   . GLU A 1 123 ? 13.820  4.408   -0.537  1.00 17.94 ? 102 GLU A C   1 
ATOM   813 O  O   . GLU A 1 123 ? 14.562  4.161   -1.486  1.00 17.93 ? 102 GLU A O   1 
ATOM   814 C  CB  . GLU A 1 123 ? 14.117  6.744   0.303   1.00 24.53 ? 102 GLU A CB  1 
ATOM   815 C  CG  . GLU A 1 123 ? 15.493  6.854   -0.340  1.00 31.44 ? 102 GLU A CG  1 
ATOM   816 C  CD  . GLU A 1 123 ? 16.421  7.793   0.413   1.00 34.32 ? 102 GLU A CD  1 
ATOM   817 O  OE1 . GLU A 1 123 ? 16.658  7.563   1.617   1.00 37.18 ? 102 GLU A OE1 1 
ATOM   818 O  OE2 . GLU A 1 123 ? 16.913  8.762   -0.201  1.00 37.85 ? 102 GLU A OE2 1 
ATOM   819 N  N   . ARG A 1 124 ? 13.535  3.519   0.412   1.00 16.10 ? 103 ARG A N   1 
ATOM   820 C  CA  . ARG A 1 124 ? 14.123  2.184   0.424   1.00 17.36 ? 103 ARG A CA  1 
ATOM   821 C  C   . ARG A 1 124 ? 13.201  1.129   1.038   1.00 15.12 ? 103 ARG A C   1 
ATOM   822 O  O   . ARG A 1 124 ? 12.529  1.391   2.031   1.00 15.48 ? 103 ARG A O   1 
ATOM   823 C  CB  . ARG A 1 124 ? 15.440  2.223   1.205   1.00 17.53 ? 103 ARG A CB  1 
ATOM   824 C  CG  . ARG A 1 124 ? 16.171  0.896   1.272   1.00 22.14 ? 103 ARG A CG  1 
ATOM   825 C  CD  . ARG A 1 124 ? 17.517  1.027   1.980   1.00 19.72 ? 103 ARG A CD  1 
ATOM   826 N  NE  . ARG A 1 124 ? 18.265  -0.225  1.919   1.00 23.40 ? 103 ARG A NE  1 
ATOM   827 C  CZ  . ARG A 1 124 ? 19.473  -0.411  2.442   1.00 23.15 ? 103 ARG A CZ  1 
ATOM   828 N  NH1 . ARG A 1 124 ? 20.090  0.577   3.076   1.00 23.38 ? 103 ARG A NH1 1 
ATOM   829 N  NH2 . ARG A 1 124 ? 20.064  -1.591  2.332   1.00 23.76 ? 103 ARG A NH2 1 
ATOM   830 N  N   . GLN A 1 125 ? 13.186  -0.062  0.444   1.00 13.13 ? 104 GLN A N   1 
ATOM   831 C  CA  . GLN A 1 125 ? 12.368  -1.177  0.931   1.00 15.27 ? 104 GLN A CA  1 
ATOM   832 C  C   . GLN A 1 125 ? 13.250  -2.257  1.553   1.00 16.25 ? 104 GLN A C   1 
ATOM   833 O  O   . GLN A 1 125 ? 12.838  -2.960  2.472   1.00 16.25 ? 104 GLN A O   1 
ATOM   834 C  CB  . GLN A 1 125 ? 11.565  -1.802  -0.216  1.00 15.70 ? 104 GLN A CB  1 
ATOM   835 C  CG  . GLN A 1 125 ? 10.408  -0.957  -0.728  1.00 13.85 ? 104 GLN A CG  1 
ATOM   836 C  CD  . GLN A 1 125 ? 9.280   -0.845  0.279   1.00 13.30 ? 104 GLN A CD  1 
ATOM   837 O  OE1 . GLN A 1 125 ? 9.394   -1.316  1.415   1.00 10.16 ? 104 GLN A OE1 1 
ATOM   838 N  NE2 . GLN A 1 125 ? 8.184   -0.209  -0.127  1.00 12.62 ? 104 GLN A NE2 1 
ATOM   839 N  N   . ARG A 1 126 ? 14.469  -2.385  1.043   1.00 17.64 ? 105 ARG A N   1 
ATOM   840 C  CA  . ARG A 1 126 ? 15.401  -3.385  1.545   1.00 20.19 ? 105 ARG A CA  1 
ATOM   841 C  C   . ARG A 1 126 ? 16.825  -3.051  1.121   1.00 20.05 ? 105 ARG A C   1 
ATOM   842 O  O   . ARG A 1 126 ? 17.753  -3.738  1.596   1.00 19.85 ? 105 ARG A O   1 
ATOM   843 C  CB  . ARG A 1 126 ? 15.022  -4.772  1.022   1.00 21.91 ? 105 ARG A CB  1 
ATOM   844 C  CG  . ARG A 1 126 ? 15.136  -4.922  -0.482  1.00 25.80 ? 105 ARG A CG  1 
ATOM   845 C  CD  . ARG A 1 126 ? 14.810  -6.341  -0.922  1.00 29.75 ? 105 ARG A CD  1 
ATOM   846 N  NE  . ARG A 1 126 ? 14.883  -6.493  -2.371  1.00 33.94 ? 105 ARG A NE  1 
ATOM   847 C  CZ  . ARG A 1 126 ? 16.014  -6.527  -3.070  1.00 35.87 ? 105 ARG A CZ  1 
ATOM   848 N  NH1 . ARG A 1 126 ? 17.184  -6.426  -2.457  1.00 36.45 ? 105 ARG A NH1 1 
ATOM   849 N  NH2 . ARG A 1 126 ? 15.974  -6.653  -4.389  1.00 37.77 ? 105 ARG A NH2 1 
ATOM   850 O  OXT . ARG A 1 126 ? 16.996  -2.110  0.320   1.00 19.94 ? 105 ARG A OXT 1 
HETATM 851 FE FE1 . FES B 2 .   ? 5.422   -9.192  2.399   1.00 14.61 ? 106 FES A FE1 1 
HETATM 852 FE FE2 . FES B 2 .   ? 3.521   -7.288  2.442   1.00 16.62 ? 106 FES A FE2 1 
HETATM 853 S  S1  . FES B 2 .   ? 4.591   -8.158  4.199   1.00 14.29 ? 106 FES A S1  1 
HETATM 854 S  S2  . FES B 2 .   ? 4.344   -8.324  0.634   1.00 15.34 ? 106 FES A S2  1 
HETATM 855 O  O   . HOH C 3 .   ? 10.953  0.596   4.040   1.00 9.63  ? 107 HOH A O   1 
HETATM 856 O  O   . HOH C 3 .   ? -14.127 -12.261 -13.039 1.00 13.95 ? 108 HOH A O   1 
HETATM 857 O  O   . HOH C 3 .   ? 5.376   -3.011  -7.690  1.00 16.08 ? 109 HOH A O   1 
HETATM 858 O  O   . HOH C 3 .   ? 10.727  -2.105  4.149   1.00 17.70 ? 110 HOH A O   1 
HETATM 859 O  O   . HOH C 3 .   ? 12.888  4.484   3.378   1.00 10.01 ? 111 HOH A O   1 
HETATM 860 O  O   . HOH C 3 .   ? 11.671  6.826   2.895   1.00 11.72 ? 112 HOH A O   1 
HETATM 861 O  O   . HOH C 3 .   ? -0.143  3.713   10.037  1.00 11.97 ? 113 HOH A O   1 
HETATM 862 O  O   . HOH C 3 .   ? -2.384  -9.016  -1.050  1.00 14.47 ? 114 HOH A O   1 
HETATM 863 O  O   . HOH C 3 .   ? 4.275   -16.709 0.717   1.00 29.70 ? 115 HOH A O   1 
HETATM 864 O  O   . HOH C 3 .   ? -7.626  -3.404  5.345   1.00 18.53 ? 116 HOH A O   1 
HETATM 865 O  O   . HOH C 3 .   ? 13.157  -4.330  4.717   1.00 16.10 ? 117 HOH A O   1 
HETATM 866 O  O   . HOH C 3 .   ? 13.544  -8.011  2.662   1.00 24.57 ? 118 HOH A O   1 
HETATM 867 O  O   . HOH C 3 .   ? -8.379  -9.017  -11.456 1.00 15.54 ? 119 HOH A O   1 
HETATM 868 O  O   . HOH C 3 .   ? -2.061  -9.663  1.592   1.00 12.06 ? 120 HOH A O   1 
HETATM 869 O  O   . HOH C 3 .   ? 20.759  -1.199  6.521   1.00 19.77 ? 121 HOH A O   1 
HETATM 870 O  O   . HOH C 3 .   ? -7.104  11.143  8.668   1.00 22.64 ? 122 HOH A O   1 
HETATM 871 O  O   . HOH C 3 .   ? 10.369  5.976   -8.999  1.00 26.19 ? 123 HOH A O   1 
HETATM 872 O  O   . HOH C 3 .   ? -7.301  11.525  -3.865  1.00 20.56 ? 124 HOH A O   1 
HETATM 873 O  O   . HOH C 3 .   ? 5.776   4.697   -6.274  1.00 20.58 ? 125 HOH A O   1 
HETATM 874 O  O   . HOH C 3 .   ? 4.536   6.109   -8.204  1.00 17.93 ? 126 HOH A O   1 
HETATM 875 O  O   . HOH C 3 .   ? -22.231 -5.131  -9.280  1.00 22.73 ? 127 HOH A O   1 
HETATM 876 O  O   . HOH C 3 .   ? 9.318   8.611   0.405   1.00 22.11 ? 128 HOH A O   1 
HETATM 877 O  O   . HOH C 3 .   ? -2.513  4.896   8.544   1.00 30.52 ? 129 HOH A O   1 
HETATM 878 O  O   . HOH C 3 .   ? 7.275   12.070  -2.357  1.00 23.17 ? 130 HOH A O   1 
HETATM 879 O  O   . HOH C 3 .   ? 3.025   2.905   11.474  1.00 16.19 ? 131 HOH A O   1 
HETATM 880 O  O   . HOH C 3 .   ? -4.998  -3.116  -11.026 1.00 24.64 ? 132 HOH A O   1 
HETATM 881 O  O   . HOH C 3 .   ? 5.109   -6.302  -11.022 1.00 17.54 ? 133 HOH A O   1 
HETATM 882 O  O   . HOH C 3 .   ? -2.470  -6.146  9.363   1.00 18.83 ? 134 HOH A O   1 
HETATM 883 O  O   . HOH C 3 .   ? -12.807 -2.577  -15.844 1.00 22.93 ? 135 HOH A O   1 
HETATM 884 O  O   . HOH C 3 .   ? 3.786   -11.162 10.730  1.00 20.79 ? 136 HOH A O   1 
HETATM 885 O  O   . HOH C 3 .   ? -1.254  -11.159 5.342   1.00 26.01 ? 137 HOH A O   1 
HETATM 886 O  O   . HOH C 3 .   ? 15.478  -5.851  5.381   1.00 15.42 ? 138 HOH A O   1 
HETATM 887 O  O   . HOH C 3 .   ? -7.491  -13.809 -14.713 1.00 17.76 ? 139 HOH A O   1 
HETATM 888 O  O   . HOH C 3 .   ? 11.841  -6.688  4.454   1.00 25.49 ? 140 HOH A O   1 
HETATM 889 O  O   . HOH C 3 .   ? -8.674  -8.398  -7.511  1.00 27.41 ? 141 HOH A O   1 
HETATM 890 O  O   . HOH C 3 .   ? -9.687  -10.042 -9.107  1.00 22.80 ? 142 HOH A O   1 
HETATM 891 O  O   . HOH C 3 .   ? 8.769   11.524  0.228   1.00 37.38 ? 143 HOH A O   1 
HETATM 892 O  O   . HOH C 3 .   ? -9.419  9.285   6.196   1.00 20.02 ? 144 HOH A O   1 
HETATM 893 O  O   . HOH C 3 .   ? 9.705   5.381   -3.879  1.00 18.09 ? 145 HOH A O   1 
HETATM 894 O  O   . HOH C 3 .   ? 9.230   -3.225  -7.641  1.00 33.94 ? 146 HOH A O   1 
HETATM 895 O  O   . HOH C 3 .   ? 4.567   12.052  -1.062  1.00 26.78 ? 147 HOH A O   1 
HETATM 896 O  O   . HOH C 3 .   ? 11.374  -8.218  -2.486  1.00 28.87 ? 148 HOH A O   1 
HETATM 897 O  O   . HOH C 3 .   ? 15.558  5.276   4.029   1.00 19.47 ? 149 HOH A O   1 
HETATM 898 O  O   . HOH C 3 .   ? -6.092  -5.757  -10.758 1.00 20.22 ? 150 HOH A O   1 
HETATM 899 O  O   . HOH C 3 .   ? -0.348  7.462   -13.704 1.00 19.98 ? 151 HOH A O   1 
HETATM 900 O  O   . HOH C 3 .   ? -9.930  12.205  8.630   1.00 27.45 ? 152 HOH A O   1 
HETATM 901 O  O   . HOH C 3 .   ? 13.446  -9.657  -1.875  1.00 27.37 ? 153 HOH A O   1 
HETATM 902 O  O   . HOH C 3 .   ? 12.936  9.175   3.945   1.00 38.63 ? 154 HOH A O   1 
HETATM 903 O  O   . HOH C 3 .   ? -11.761 0.660   3.793   1.00 48.08 ? 155 HOH A O   1 
HETATM 904 O  O   . HOH C 3 .   ? -14.438 1.775   -6.175  1.00 45.78 ? 156 HOH A O   1 
HETATM 905 O  O   . HOH C 3 .   ? 10.764  2.022   -2.299  1.00 28.40 ? 157 HOH A O   1 
HETATM 906 O  O   . HOH C 3 .   ? 12.703  1.013   -3.726  1.00 23.86 ? 158 HOH A O   1 
HETATM 907 O  O   . HOH C 3 .   ? 9.753   -13.066 7.924   1.00 27.56 ? 159 HOH A O   1 
HETATM 908 O  O   . HOH C 3 .   ? -6.183  -2.548  7.858   1.00 20.55 ? 160 HOH A O   1 
HETATM 909 O  O   . HOH C 3 .   ? 10.308  7.637   11.177  1.00 27.64 ? 161 HOH A O   1 
HETATM 910 O  O   . HOH C 3 .   ? 18.265  -6.161  -0.161  0.50 34.35 ? 162 HOH A O   1 
HETATM 911 O  O   . HOH C 3 .   ? 1.549   9.541   1.710   1.00 20.46 ? 163 HOH A O   1 
HETATM 912 O  O   . HOH C 3 .   ? 2.827   10.964  3.408   1.00 20.79 ? 164 HOH A O   1 
HETATM 913 O  O   . HOH C 3 .   ? 0.747   12.645  4.767   1.00 27.54 ? 165 HOH A O   1 
HETATM 914 O  O   . HOH C 3 .   ? 4.670   10.450  5.139   1.00 23.62 ? 166 HOH A O   1 
HETATM 915 O  O   . HOH C 3 .   ? 14.992  7.870   4.419   1.00 44.23 ? 167 HOH A O   1 
HETATM 916 O  O   . HOH C 3 .   ? -9.844  -4.467  6.505   1.00 45.28 ? 168 HOH A O   1 
HETATM 917 O  O   . HOH C 3 .   ? -19.057 -1.074  -4.208  1.00 40.92 ? 169 HOH A O   1 
HETATM 918 O  O   . HOH C 3 .   ? -13.066 -4.639  0.182   1.00 24.85 ? 170 HOH A O   1 
HETATM 919 O  O   . HOH C 3 .   ? 14.615  -0.655  -1.846  1.00 30.99 ? 171 HOH A O   1 
HETATM 920 O  O   . HOH C 3 .   ? 2.158   9.472   -13.913 1.00 34.50 ? 172 HOH A O   1 
HETATM 921 O  O   . HOH C 3 .   ? -4.852  0.826   -13.759 1.00 31.91 ? 173 HOH A O   1 
HETATM 922 O  O   . HOH C 3 .   ? -8.137  -5.532  -13.682 1.00 21.85 ? 174 HOH A O   1 
HETATM 923 O  O   . HOH C 3 .   ? -15.479 0.202   -11.829 1.00 28.91 ? 175 HOH A O   1 
HETATM 924 O  O   . HOH C 3 .   ? -7.372  -9.937  -5.691  1.00 30.11 ? 176 HOH A O   1 
HETATM 925 O  O   . HOH C 3 .   ? 7.921   -8.165  -5.459  1.00 26.96 ? 177 HOH A O   1 
HETATM 926 O  O   . HOH C 3 .   ? 0.704   12.102  7.981   1.00 31.82 ? 178 HOH A O   1 
HETATM 927 O  O   . HOH C 3 .   ? -6.773  12.925  -0.973  1.00 26.77 ? 179 HOH A O   1 
HETATM 928 O  O   . HOH C 3 .   ? 3.223   -5.897  17.648  1.00 28.99 ? 180 HOH A O   1 
HETATM 929 O  O   . HOH C 3 .   ? -16.022 -1.765  -0.531  1.00 35.26 ? 181 HOH A O   1 
# 
loop_
_pdbx_poly_seq_scheme.asym_id 
_pdbx_poly_seq_scheme.entity_id 
_pdbx_poly_seq_scheme.seq_id 
_pdbx_poly_seq_scheme.mon_id 
_pdbx_poly_seq_scheme.ndb_seq_num 
_pdbx_poly_seq_scheme.pdb_seq_num 
_pdbx_poly_seq_scheme.auth_seq_num 
_pdbx_poly_seq_scheme.pdb_mon_id 
_pdbx_poly_seq_scheme.auth_mon_id 
_pdbx_poly_seq_scheme.pdb_strand_id 
_pdbx_poly_seq_scheme.pdb_ins_code 
_pdbx_poly_seq_scheme.hetero 
A 1 1   MET 1   -20 ?   ?   ?   A . n 
A 1 2   GLY 2   -19 ?   ?   ?   A . n 
A 1 3   SER 3   -18 ?   ?   ?   A . n 
A 1 4   SER 4   -17 ?   ?   ?   A . n 
A 1 5   HIS 5   -16 ?   ?   ?   A . n 
A 1 6   HIS 6   -15 ?   ?   ?   A . n 
A 1 7   HIS 7   -14 ?   ?   ?   A . n 
A 1 8   HIS 8   -13 ?   ?   ?   A . n 
A 1 9   HIS 9   -12 ?   ?   ?   A . n 
A 1 10  HIS 10  -11 ?   ?   ?   A . n 
A 1 11  SER 11  -10 ?   ?   ?   A . n 
A 1 12  SER 12  -9  ?   ?   ?   A . n 
A 1 13  GLY 13  -8  ?   ?   ?   A . n 
A 1 14  LEU 14  -7  ?   ?   ?   A . n 
A 1 15  VAL 15  -6  15  VAL VAL A . n 
A 1 16  PRO 16  -5  16  PRO PRO A . n 
A 1 17  ARG 17  -4  17  ARG ARG A . n 
A 1 18  GLY 18  -3  18  GLY GLY A . n 
A 1 19  SER 19  -2  19  SER SER A . n 
A 1 20  HIS 20  -1  20  HIS HIS A . n 
A 1 21  MET 21  0   21  MET MET A . n 
A 1 22  ALA 22  1   1   ALA ALA A . n 
A 1 23  LYS 23  2   2   LYS LYS A . n 
A 1 24  ILE 24  3   3   ILE ILE A . n 
A 1 25  ASN 25  4   4   ASN ASN A . n 
A 1 26  PHE 26  5   5   PHE PHE A . n 
A 1 27  VAL 27  6   6   VAL VAL A . n 
A 1 28  ASP 28  7   7   ASP ASP A . n 
A 1 29  HIS 29  8   8   HIS HIS A . n 
A 1 30  THR 30  9   9   THR THR A . n 
A 1 31  GLY 31  10  10  GLY GLY A . n 
A 1 32  GLU 32  11  11  GLU GLU A . n 
A 1 33  THR 33  12  12  THR THR A . n 
A 1 34  ARG 34  13  13  ARG ARG A . n 
A 1 35  THR 35  14  14  THR THR A . n 
A 1 36  VAL 36  15  15  VAL VAL A . n 
A 1 37  GLU 37  16  16  GLU GLU A . n 
A 1 38  VAL 38  17  17  VAL VAL A . n 
A 1 39  GLU 39  18  18  GLU GLU A . n 
A 1 40  GLU 40  19  19  GLU GLU A . n 
A 1 41  GLY 41  20  20  GLY GLY A . n 
A 1 42  ALA 42  21  21  ALA ALA A . n 
A 1 43  THR 43  22  22  THR THR A . n 
A 1 44  VAL 44  23  23  VAL VAL A . n 
A 1 45  MET 45  24  24  MET MET A . n 
A 1 46  GLU 46  25  25  GLU GLU A . n 
A 1 47  ALA 47  26  26  ALA ALA A . n 
A 1 48  ALA 48  27  27  ALA ALA A . n 
A 1 49  ILE 49  28  28  ILE ILE A . n 
A 1 50  ARG 50  29  29  ARG ARG A . n 
A 1 51  ASN 51  30  30  ASN ASN A . n 
A 1 52  ALA 52  31  31  ALA ALA A . n 
A 1 53  ILE 53  32  32  ILE ILE A . n 
A 1 54  PRO 54  33  33  PRO PRO A . n 
A 1 55  GLY 55  34  34  GLY GLY A . n 
A 1 56  VAL 56  35  35  VAL VAL A . n 
A 1 57  GLU 57  36  36  GLU GLU A . n 
A 1 58  ALA 58  37  37  ALA ALA A . n 
A 1 59  GLU 59  38  38  GLU GLU A . n 
A 1 60  CYS 60  39  39  CYS CYS A . n 
A 1 61  GLY 61  40  40  GLY GLY A . n 
A 1 62  GLY 62  41  41  GLY GLY A . n 
A 1 63  ALA 63  42  42  ALA ALA A . n 
A 1 64  CYS 64  43  43  CYS CYS A . n 
A 1 65  ALA 65  44  44  ALA ALA A . n 
A 1 66  CYS 66  45  45  CYS CYS A . n 
A 1 67  ALA 67  46  46  ALA ALA A . n 
A 1 68  THR 68  47  47  THR THR A . n 
A 1 69  CYS 69  48  48  CYS CYS A . n 
A 1 70  HIS 70  49  49  HIS HIS A . n 
A 1 71  VAL 71  50  50  VAL VAL A . n 
A 1 72  TYR 72  51  51  TYR TYR A . n 
A 1 73  VAL 73  52  52  VAL VAL A . n 
A 1 74  ASP 74  53  53  ASP ASP A . n 
A 1 75  GLU 75  54  54  GLU GLU A . n 
A 1 76  ALA 76  55  55  ALA ALA A . n 
A 1 77  TRP 77  56  56  TRP TRP A . n 
A 1 78  ARG 78  57  57  ARG ARG A . n 
A 1 79  GLU 79  58  58  GLU GLU A . n 
A 1 80  LYS 80  59  59  LYS LYS A . n 
A 1 81  VAL 81  60  60  VAL VAL A . n 
A 1 82  GLY 82  61  61  GLY GLY A . n 
A 1 83  GLY 83  62  62  GLY GLY A . n 
A 1 84  PRO 84  63  63  PRO PRO A . n 
A 1 85  SER 85  64  64  SER SER A . n 
A 1 86  PRO 86  65  65  PRO PRO A . n 
A 1 87  MET 87  66  66  MET MET A . n 
A 1 88  GLU 88  67  67  GLU GLU A . n 
A 1 89  GLU 89  68  68  GLU GLU A . n 
A 1 90  ASP 90  69  69  ASP ASP A . n 
A 1 91  MET 91  70  70  MET MET A . n 
A 1 92  LEU 92  71  71  LEU LEU A . n 
A 1 93  ASP 93  72  72  ASP ASP A . n 
A 1 94  PHE 94  73  73  PHE PHE A . n 
A 1 95  GLY 95  74  74  GLY GLY A . n 
A 1 96  TYR 96  75  75  TYR TYR A . n 
A 1 97  ASP 97  76  76  ASP ASP A . n 
A 1 98  VAL 98  77  77  VAL VAL A . n 
A 1 99  ARG 99  78  78  ARG ARG A . n 
A 1 100 PRO 100 79  79  PRO PRO A . n 
A 1 101 ASN 101 80  80  ASN ASN A . n 
A 1 102 SER 102 81  81  SER SER A . n 
A 1 103 ARG 103 82  82  ARG ARG A . n 
A 1 104 LEU 104 83  83  LEU LEU A . n 
A 1 105 SER 105 84  84  SER SER A . n 
A 1 106 CYS 106 85  85  CYS CYS A . n 
A 1 107 GLN 107 86  86  GLN GLN A . n 
A 1 108 ILE 108 87  87  ILE ILE A . n 
A 1 109 LYS 109 88  88  LYS LYS A . n 
A 1 110 VAL 110 89  89  VAL VAL A . n 
A 1 111 SER 111 90  90  SER SER A . n 
A 1 112 ASN 112 91  91  ASN ASN A . n 
A 1 113 GLU 113 92  92  GLU GLU A . n 
A 1 114 LEU 114 93  93  LEU LEU A . n 
A 1 115 ASP 115 94  94  ASP ASP A . n 
A 1 116 GLY 116 95  95  GLY GLY A . n 
A 1 117 LEU 117 96  96  LEU LEU A . n 
A 1 118 ILE 118 97  97  ILE ILE A . n 
A 1 119 VAL 119 98  98  VAL VAL A . n 
A 1 120 THR 120 99  99  THR THR A . n 
A 1 121 THR 121 100 100 THR THR A . n 
A 1 122 PRO 122 101 101 PRO PRO A . n 
A 1 123 GLU 123 102 102 GLU GLU A . n 
A 1 124 ARG 124 103 103 ARG ARG A . n 
A 1 125 GLN 125 104 104 GLN GLN A . n 
A 1 126 ARG 126 105 105 ARG ARG A . n 
# 
loop_
_pdbx_nonpoly_scheme.asym_id 
_pdbx_nonpoly_scheme.entity_id 
_pdbx_nonpoly_scheme.mon_id 
_pdbx_nonpoly_scheme.ndb_seq_num 
_pdbx_nonpoly_scheme.pdb_seq_num 
_pdbx_nonpoly_scheme.auth_seq_num 
_pdbx_nonpoly_scheme.pdb_mon_id 
_pdbx_nonpoly_scheme.auth_mon_id 
_pdbx_nonpoly_scheme.pdb_strand_id 
_pdbx_nonpoly_scheme.pdb_ins_code 
B 2 FES 1  106 1  FES FES A . 
C 3 HOH 1  107 1  HOH HOH A . 
C 3 HOH 2  108 2  HOH HOH A . 
C 3 HOH 3  109 3  HOH HOH A . 
C 3 HOH 4  110 4  HOH HOH A . 
C 3 HOH 5  111 5  HOH HOH A . 
C 3 HOH 6  112 6  HOH HOH A . 
C 3 HOH 7  113 7  HOH HOH A . 
C 3 HOH 8  114 8  HOH HOH A . 
C 3 HOH 9  115 9  HOH HOH A . 
C 3 HOH 10 116 10 HOH HOH A . 
C 3 HOH 11 117 11 HOH HOH A . 
C 3 HOH 12 118 12 HOH HOH A . 
C 3 HOH 13 119 13 HOH HOH A . 
C 3 HOH 14 120 14 HOH HOH A . 
C 3 HOH 15 121 15 HOH HOH A . 
C 3 HOH 16 122 16 HOH HOH A . 
C 3 HOH 17 123 17 HOH HOH A . 
C 3 HOH 18 124 18 HOH HOH A . 
C 3 HOH 19 125 19 HOH HOH A . 
C 3 HOH 20 126 20 HOH HOH A . 
C 3 HOH 21 127 21 HOH HOH A . 
C 3 HOH 22 128 22 HOH HOH A . 
C 3 HOH 23 129 23 HOH HOH A . 
C 3 HOH 24 130 24 HOH HOH A . 
C 3 HOH 25 131 25 HOH HOH A . 
C 3 HOH 26 132 26 HOH HOH A . 
C 3 HOH 27 133 27 HOH HOH A . 
C 3 HOH 28 134 28 HOH HOH A . 
C 3 HOH 29 135 29 HOH HOH A . 
C 3 HOH 30 136 30 HOH HOH A . 
C 3 HOH 31 137 31 HOH HOH A . 
C 3 HOH 32 138 32 HOH HOH A . 
C 3 HOH 33 139 33 HOH HOH A . 
C 3 HOH 34 140 34 HOH HOH A . 
C 3 HOH 35 141 35 HOH HOH A . 
C 3 HOH 36 142 36 HOH HOH A . 
C 3 HOH 37 143 37 HOH HOH A . 
C 3 HOH 38 144 38 HOH HOH A . 
C 3 HOH 39 145 39 HOH HOH A . 
C 3 HOH 40 146 40 HOH HOH A . 
C 3 HOH 41 147 41 HOH HOH A . 
C 3 HOH 42 148 42 HOH HOH A . 
C 3 HOH 43 149 43 HOH HOH A . 
C 3 HOH 44 150 44 HOH HOH A . 
C 3 HOH 45 151 45 HOH HOH A . 
C 3 HOH 46 152 46 HOH HOH A . 
C 3 HOH 47 153 47 HOH HOH A . 
C 3 HOH 48 154 48 HOH HOH A . 
C 3 HOH 49 155 49 HOH HOH A . 
C 3 HOH 50 156 50 HOH HOH A . 
C 3 HOH 51 157 51 HOH HOH A . 
C 3 HOH 52 158 52 HOH HOH A . 
C 3 HOH 53 159 53 HOH HOH A . 
C 3 HOH 54 160 54 HOH HOH A . 
C 3 HOH 55 161 55 HOH HOH A . 
C 3 HOH 56 162 56 HOH HOH A . 
C 3 HOH 57 163 57 HOH HOH A . 
C 3 HOH 58 164 58 HOH HOH A . 
C 3 HOH 59 165 59 HOH HOH A . 
C 3 HOH 60 166 60 HOH HOH A . 
C 3 HOH 61 167 61 HOH HOH A . 
C 3 HOH 62 168 62 HOH HOH A . 
C 3 HOH 63 169 63 HOH HOH A . 
C 3 HOH 64 170 64 HOH HOH A . 
C 3 HOH 65 171 65 HOH HOH A . 
C 3 HOH 66 172 66 HOH HOH A . 
C 3 HOH 67 173 67 HOH HOH A . 
C 3 HOH 68 174 68 HOH HOH A . 
C 3 HOH 69 175 69 HOH HOH A . 
C 3 HOH 70 176 70 HOH HOH A . 
C 3 HOH 71 177 71 HOH HOH A . 
C 3 HOH 72 178 72 HOH HOH A . 
C 3 HOH 73 179 73 HOH HOH A . 
C 3 HOH 74 180 74 HOH HOH A . 
C 3 HOH 75 181 75 HOH HOH A . 
# 
_pdbx_struct_assembly.id                   1 
_pdbx_struct_assembly.details              author_and_software_defined_assembly 
_pdbx_struct_assembly.method_details       PISA 
_pdbx_struct_assembly.oligomeric_details   monomeric 
_pdbx_struct_assembly.oligomeric_count     1 
# 
_pdbx_struct_assembly_gen.assembly_id       1 
_pdbx_struct_assembly_gen.oper_expression   1 
_pdbx_struct_assembly_gen.asym_id_list      A,B,C 
# 
_pdbx_struct_oper_list.id                   1 
_pdbx_struct_oper_list.type                 'identity operation' 
_pdbx_struct_oper_list.name                 1_555 
_pdbx_struct_oper_list.symmetry_operation   x,y,z 
_pdbx_struct_oper_list.matrix[1][1]         1.0000000000 
_pdbx_struct_oper_list.matrix[1][2]         0.0000000000 
_pdbx_struct_oper_list.matrix[1][3]         0.0000000000 
_pdbx_struct_oper_list.vector[1]            0.0000000000 
_pdbx_struct_oper_list.matrix[2][1]         0.0000000000 
_pdbx_struct_oper_list.matrix[2][2]         1.0000000000 
_pdbx_struct_oper_list.matrix[2][3]         0.0000000000 
_pdbx_struct_oper_list.vector[2]            0.0000000000 
_pdbx_struct_oper_list.matrix[3][1]         0.0000000000 
_pdbx_struct_oper_list.matrix[3][2]         0.0000000000 
_pdbx_struct_oper_list.matrix[3][3]         1.0000000000 
_pdbx_struct_oper_list.vector[3]            0.0000000000 
# 
_pdbx_struct_special_symmetry.id              1 
_pdbx_struct_special_symmetry.PDB_model_num   1 
_pdbx_struct_special_symmetry.auth_asym_id    A 
_pdbx_struct_special_symmetry.auth_comp_id    HOH 
_pdbx_struct_special_symmetry.auth_seq_id     162 
_pdbx_struct_special_symmetry.PDB_ins_code    ? 
_pdbx_struct_special_symmetry.label_asym_id   C 
_pdbx_struct_special_symmetry.label_comp_id   HOH 
_pdbx_struct_special_symmetry.label_seq_id    . 
# 
loop_
_pdbx_struct_conn_angle.id 
_pdbx_struct_conn_angle.ptnr1_label_atom_id 
_pdbx_struct_conn_angle.ptnr1_label_alt_id 
_pdbx_struct_conn_angle.ptnr1_label_asym_id 
_pdbx_struct_conn_angle.ptnr1_label_comp_id 
_pdbx_struct_conn_angle.ptnr1_label_seq_id 
_pdbx_struct_conn_angle.ptnr1_auth_atom_id 
_pdbx_struct_conn_angle.ptnr1_auth_asym_id 
_pdbx_struct_conn_angle.ptnr1_auth_comp_id 
_pdbx_struct_conn_angle.ptnr1_auth_seq_id 
_pdbx_struct_conn_angle.ptnr1_PDB_ins_code 
_pdbx_struct_conn_angle.ptnr1_symmetry 
_pdbx_struct_conn_angle.ptnr2_label_atom_id 
_pdbx_struct_conn_angle.ptnr2_label_alt_id 
_pdbx_struct_conn_angle.ptnr2_label_asym_id 
_pdbx_struct_conn_angle.ptnr2_label_comp_id 
_pdbx_struct_conn_angle.ptnr2_label_seq_id 
_pdbx_struct_conn_angle.ptnr2_auth_atom_id 
_pdbx_struct_conn_angle.ptnr2_auth_asym_id 
_pdbx_struct_conn_angle.ptnr2_auth_comp_id 
_pdbx_struct_conn_angle.ptnr2_auth_seq_id 
_pdbx_struct_conn_angle.ptnr2_PDB_ins_code 
_pdbx_struct_conn_angle.ptnr2_symmetry 
_pdbx_struct_conn_angle.ptnr3_label_atom_id 
_pdbx_struct_conn_angle.ptnr3_label_alt_id 
_pdbx_struct_conn_angle.ptnr3_label_asym_id 
_pdbx_struct_conn_angle.ptnr3_label_comp_id 
_pdbx_struct_conn_angle.ptnr3_label_seq_id 
_pdbx_struct_conn_angle.ptnr3_auth_atom_id 
_pdbx_struct_conn_angle.ptnr3_auth_asym_id 
_pdbx_struct_conn_angle.ptnr3_auth_comp_id 
_pdbx_struct_conn_angle.ptnr3_auth_seq_id 
_pdbx_struct_conn_angle.ptnr3_PDB_ins_code 
_pdbx_struct_conn_angle.ptnr3_symmetry 
_pdbx_struct_conn_angle.value 
_pdbx_struct_conn_angle.value_esd 
1  SG ? A CYS 60 ? A CYS 39  ? 1_555 FE1 ? B FES . ? A FES 106 ? 1_555 S1 ? B FES .   ? A FES 106 ? 1_555 110.2 ? 
2  SG ? A CYS 60 ? A CYS 39  ? 1_555 FE1 ? B FES . ? A FES 106 ? 1_555 S2 ? B FES .   ? A FES 106 ? 1_555 112.4 ? 
3  S1 ? B FES .  ? A FES 106 ? 1_555 FE1 ? B FES . ? A FES 106 ? 1_555 S2 ? B FES .   ? A FES 106 ? 1_555 106.0 ? 
4  SG ? A CYS 60 ? A CYS 39  ? 1_555 FE1 ? B FES . ? A FES 106 ? 1_555 SG ? A CYS 66  ? A CYS 45  ? 1_555 109.3 ? 
5  S1 ? B FES .  ? A FES 106 ? 1_555 FE1 ? B FES . ? A FES 106 ? 1_555 SG ? A CYS 66  ? A CYS 45  ? 1_555 108.9 ? 
6  S2 ? B FES .  ? A FES 106 ? 1_555 FE1 ? B FES . ? A FES 106 ? 1_555 SG ? A CYS 66  ? A CYS 45  ? 1_555 110.0 ? 
7  SG ? A CYS 69 ? A CYS 48  ? 1_555 FE2 ? B FES . ? A FES 106 ? 1_555 S1 ? B FES .   ? A FES 106 ? 1_555 115.6 ? 
8  SG ? A CYS 69 ? A CYS 48  ? 1_555 FE2 ? B FES . ? A FES 106 ? 1_555 S2 ? B FES .   ? A FES 106 ? 1_555 110.2 ? 
9  S1 ? B FES .  ? A FES 106 ? 1_555 FE2 ? B FES . ? A FES 106 ? 1_555 S2 ? B FES .   ? A FES 106 ? 1_555 106.2 ? 
10 SG ? A CYS 69 ? A CYS 48  ? 1_555 FE2 ? B FES . ? A FES 106 ? 1_555 SG ? A CYS 106 ? A CYS 85  ? 1_555 102.1 ? 
11 S1 ? B FES .  ? A FES 106 ? 1_555 FE2 ? B FES . ? A FES 106 ? 1_555 SG ? A CYS 106 ? A CYS 85  ? 1_555 103.3 ? 
12 S2 ? B FES .  ? A FES 106 ? 1_555 FE2 ? B FES . ? A FES 106 ? 1_555 SG ? A CYS 106 ? A CYS 85  ? 1_555 119.8 ? 
# 
loop_
_pdbx_audit_revision_history.ordinal 
_pdbx_audit_revision_history.data_content_type 
_pdbx_audit_revision_history.major_revision 
_pdbx_audit_revision_history.minor_revision 
_pdbx_audit_revision_history.revision_date 
1 'Structure model' 1 0 2010-02-09 
2 'Structure model' 1 1 2011-07-13 
3 'Structure model' 1 2 2014-02-12 
4 'Structure model' 1 3 2021-11-10 
5 'Structure model' 1 4 2023-11-01 
# 
_pdbx_audit_revision_details.ordinal             1 
_pdbx_audit_revision_details.revision_ordinal    1 
_pdbx_audit_revision_details.data_content_type   'Structure model' 
_pdbx_audit_revision_details.provider            repository 
_pdbx_audit_revision_details.type                'Initial release' 
_pdbx_audit_revision_details.description         ? 
_pdbx_audit_revision_details.details             ? 
# 
loop_
_pdbx_audit_revision_group.ordinal 
_pdbx_audit_revision_group.revision_ordinal 
_pdbx_audit_revision_group.data_content_type 
_pdbx_audit_revision_group.group 
1 2 'Structure model' 'Version format compliance' 
2 3 'Structure model' 'Database references'       
3 4 'Structure model' 'Database references'       
4 4 'Structure model' 'Derived calculations'      
5 5 'Structure model' 'Data collection'           
6 5 'Structure model' 'Refinement description'    
# 
loop_
_pdbx_audit_revision_category.ordinal 
_pdbx_audit_revision_category.revision_ordinal 
_pdbx_audit_revision_category.data_content_type 
_pdbx_audit_revision_category.category 
1 4 'Structure model' database_2                    
2 4 'Structure model' struct_ref_seq_dif            
3 4 'Structure model' struct_site                   
4 5 'Structure model' chem_comp_atom                
5 5 'Structure model' chem_comp_bond                
6 5 'Structure model' pdbx_initial_refinement_model 
# 
loop_
_pdbx_audit_revision_item.ordinal 
_pdbx_audit_revision_item.revision_ordinal 
_pdbx_audit_revision_item.data_content_type 
_pdbx_audit_revision_item.item 
1 4 'Structure model' '_database_2.pdbx_DOI'                
2 4 'Structure model' '_database_2.pdbx_database_accession' 
3 4 'Structure model' '_struct_ref_seq_dif.details'         
4 4 'Structure model' '_struct_site.pdbx_auth_asym_id'      
5 4 'Structure model' '_struct_site.pdbx_auth_comp_id'      
6 4 'Structure model' '_struct_site.pdbx_auth_seq_id'       
# 
loop_
_software.name 
_software.classification 
_software.version 
_software.citation_id 
_software.pdbx_ordinal 
CrystalClear 'data collection' . ? 1 
CNS          refinement        . ? 2 
CrystalClear 'data reduction'  . ? 3 
HKL-2000     'data scaling'    . ? 4 
CNS          phasing           . ? 5 
# 
_pdbx_validate_torsion.id              1 
_pdbx_validate_torsion.PDB_model_num   1 
_pdbx_validate_torsion.auth_comp_id    ASP 
_pdbx_validate_torsion.auth_asym_id    A 
_pdbx_validate_torsion.auth_seq_id     76 
_pdbx_validate_torsion.PDB_ins_code    ? 
_pdbx_validate_torsion.label_alt_id    ? 
_pdbx_validate_torsion.phi             64.48 
_pdbx_validate_torsion.psi             64.37 
# 
loop_
_pdbx_unobs_or_zero_occ_residues.id 
_pdbx_unobs_or_zero_occ_residues.PDB_model_num 
_pdbx_unobs_or_zero_occ_residues.polymer_flag 
_pdbx_unobs_or_zero_occ_residues.occupancy_flag 
_pdbx_unobs_or_zero_occ_residues.auth_asym_id 
_pdbx_unobs_or_zero_occ_residues.auth_comp_id 
_pdbx_unobs_or_zero_occ_residues.auth_seq_id 
_pdbx_unobs_or_zero_occ_residues.PDB_ins_code 
_pdbx_unobs_or_zero_occ_residues.label_asym_id 
_pdbx_unobs_or_zero_occ_residues.label_comp_id 
_pdbx_unobs_or_zero_occ_residues.label_seq_id 
1  1 Y 1 A MET -20 ? A MET 1  
2  1 Y 1 A GLY -19 ? A GLY 2  
3  1 Y 1 A SER -18 ? A SER 3  
4  1 Y 1 A SER -17 ? A SER 4  
5  1 Y 1 A HIS -16 ? A HIS 5  
6  1 Y 1 A HIS -15 ? A HIS 6  
7  1 Y 1 A HIS -14 ? A HIS 7  
8  1 Y 1 A HIS -13 ? A HIS 8  
9  1 Y 1 A HIS -12 ? A HIS 9  
10 1 Y 1 A HIS -11 ? A HIS 10 
11 1 Y 1 A SER -10 ? A SER 11 
12 1 Y 1 A SER -9  ? A SER 12 
13 1 Y 1 A GLY -8  ? A GLY 13 
14 1 Y 1 A LEU -7  ? A LEU 14 
# 
loop_
_chem_comp_atom.comp_id 
_chem_comp_atom.atom_id 
_chem_comp_atom.type_symbol 
_chem_comp_atom.pdbx_aromatic_flag 
_chem_comp_atom.pdbx_stereo_config 
_chem_comp_atom.pdbx_ordinal 
ALA N    N  N N 1   
ALA CA   C  N S 2   
ALA C    C  N N 3   
ALA O    O  N N 4   
ALA CB   C  N N 5   
ALA OXT  O  N N 6   
ALA H    H  N N 7   
ALA H2   H  N N 8   
ALA HA   H  N N 9   
ALA HB1  H  N N 10  
ALA HB2  H  N N 11  
ALA HB3  H  N N 12  
ALA HXT  H  N N 13  
ARG N    N  N N 14  
ARG CA   C  N S 15  
ARG C    C  N N 16  
ARG O    O  N N 17  
ARG CB   C  N N 18  
ARG CG   C  N N 19  
ARG CD   C  N N 20  
ARG NE   N  N N 21  
ARG CZ   C  N N 22  
ARG NH1  N  N N 23  
ARG NH2  N  N N 24  
ARG OXT  O  N N 25  
ARG H    H  N N 26  
ARG H2   H  N N 27  
ARG HA   H  N N 28  
ARG HB2  H  N N 29  
ARG HB3  H  N N 30  
ARG HG2  H  N N 31  
ARG HG3  H  N N 32  
ARG HD2  H  N N 33  
ARG HD3  H  N N 34  
ARG HE   H  N N 35  
ARG HH11 H  N N 36  
ARG HH12 H  N N 37  
ARG HH21 H  N N 38  
ARG HH22 H  N N 39  
ARG HXT  H  N N 40  
ASN N    N  N N 41  
ASN CA   C  N S 42  
ASN C    C  N N 43  
ASN O    O  N N 44  
ASN CB   C  N N 45  
ASN CG   C  N N 46  
ASN OD1  O  N N 47  
ASN ND2  N  N N 48  
ASN OXT  O  N N 49  
ASN H    H  N N 50  
ASN H2   H  N N 51  
ASN HA   H  N N 52  
ASN HB2  H  N N 53  
ASN HB3  H  N N 54  
ASN HD21 H  N N 55  
ASN HD22 H  N N 56  
ASN HXT  H  N N 57  
ASP N    N  N N 58  
ASP CA   C  N S 59  
ASP C    C  N N 60  
ASP O    O  N N 61  
ASP CB   C  N N 62  
ASP CG   C  N N 63  
ASP OD1  O  N N 64  
ASP OD2  O  N N 65  
ASP OXT  O  N N 66  
ASP H    H  N N 67  
ASP H2   H  N N 68  
ASP HA   H  N N 69  
ASP HB2  H  N N 70  
ASP HB3  H  N N 71  
ASP HD2  H  N N 72  
ASP HXT  H  N N 73  
CYS N    N  N N 74  
CYS CA   C  N R 75  
CYS C    C  N N 76  
CYS O    O  N N 77  
CYS CB   C  N N 78  
CYS SG   S  N N 79  
CYS OXT  O  N N 80  
CYS H    H  N N 81  
CYS H2   H  N N 82  
CYS HA   H  N N 83  
CYS HB2  H  N N 84  
CYS HB3  H  N N 85  
CYS HG   H  N N 86  
CYS HXT  H  N N 87  
FES FE1  FE N N 88  
FES FE2  FE N N 89  
FES S1   S  N N 90  
FES S2   S  N N 91  
GLN N    N  N N 92  
GLN CA   C  N S 93  
GLN C    C  N N 94  
GLN O    O  N N 95  
GLN CB   C  N N 96  
GLN CG   C  N N 97  
GLN CD   C  N N 98  
GLN OE1  O  N N 99  
GLN NE2  N  N N 100 
GLN OXT  O  N N 101 
GLN H    H  N N 102 
GLN H2   H  N N 103 
GLN HA   H  N N 104 
GLN HB2  H  N N 105 
GLN HB3  H  N N 106 
GLN HG2  H  N N 107 
GLN HG3  H  N N 108 
GLN HE21 H  N N 109 
GLN HE22 H  N N 110 
GLN HXT  H  N N 111 
GLU N    N  N N 112 
GLU CA   C  N S 113 
GLU C    C  N N 114 
GLU O    O  N N 115 
GLU CB   C  N N 116 
GLU CG   C  N N 117 
GLU CD   C  N N 118 
GLU OE1  O  N N 119 
GLU OE2  O  N N 120 
GLU OXT  O  N N 121 
GLU H    H  N N 122 
GLU H2   H  N N 123 
GLU HA   H  N N 124 
GLU HB2  H  N N 125 
GLU HB3  H  N N 126 
GLU HG2  H  N N 127 
GLU HG3  H  N N 128 
GLU HE2  H  N N 129 
GLU HXT  H  N N 130 
GLY N    N  N N 131 
GLY CA   C  N N 132 
GLY C    C  N N 133 
GLY O    O  N N 134 
GLY OXT  O  N N 135 
GLY H    H  N N 136 
GLY H2   H  N N 137 
GLY HA2  H  N N 138 
GLY HA3  H  N N 139 
GLY HXT  H  N N 140 
HIS N    N  N N 141 
HIS CA   C  N S 142 
HIS C    C  N N 143 
HIS O    O  N N 144 
HIS CB   C  N N 145 
HIS CG   C  Y N 146 
HIS ND1  N  Y N 147 
HIS CD2  C  Y N 148 
HIS CE1  C  Y N 149 
HIS NE2  N  Y N 150 
HIS OXT  O  N N 151 
HIS H    H  N N 152 
HIS H2   H  N N 153 
HIS HA   H  N N 154 
HIS HB2  H  N N 155 
HIS HB3  H  N N 156 
HIS HD1  H  N N 157 
HIS HD2  H  N N 158 
HIS HE1  H  N N 159 
HIS HE2  H  N N 160 
HIS HXT  H  N N 161 
HOH O    O  N N 162 
HOH H1   H  N N 163 
HOH H2   H  N N 164 
ILE N    N  N N 165 
ILE CA   C  N S 166 
ILE C    C  N N 167 
ILE O    O  N N 168 
ILE CB   C  N S 169 
ILE CG1  C  N N 170 
ILE CG2  C  N N 171 
ILE CD1  C  N N 172 
ILE OXT  O  N N 173 
ILE H    H  N N 174 
ILE H2   H  N N 175 
ILE HA   H  N N 176 
ILE HB   H  N N 177 
ILE HG12 H  N N 178 
ILE HG13 H  N N 179 
ILE HG21 H  N N 180 
ILE HG22 H  N N 181 
ILE HG23 H  N N 182 
ILE HD11 H  N N 183 
ILE HD12 H  N N 184 
ILE HD13 H  N N 185 
ILE HXT  H  N N 186 
LEU N    N  N N 187 
LEU CA   C  N S 188 
LEU C    C  N N 189 
LEU O    O  N N 190 
LEU CB   C  N N 191 
LEU CG   C  N N 192 
LEU CD1  C  N N 193 
LEU CD2  C  N N 194 
LEU OXT  O  N N 195 
LEU H    H  N N 196 
LEU H2   H  N N 197 
LEU HA   H  N N 198 
LEU HB2  H  N N 199 
LEU HB3  H  N N 200 
LEU HG   H  N N 201 
LEU HD11 H  N N 202 
LEU HD12 H  N N 203 
LEU HD13 H  N N 204 
LEU HD21 H  N N 205 
LEU HD22 H  N N 206 
LEU HD23 H  N N 207 
LEU HXT  H  N N 208 
LYS N    N  N N 209 
LYS CA   C  N S 210 
LYS C    C  N N 211 
LYS O    O  N N 212 
LYS CB   C  N N 213 
LYS CG   C  N N 214 
LYS CD   C  N N 215 
LYS CE   C  N N 216 
LYS NZ   N  N N 217 
LYS OXT  O  N N 218 
LYS H    H  N N 219 
LYS H2   H  N N 220 
LYS HA   H  N N 221 
LYS HB2  H  N N 222 
LYS HB3  H  N N 223 
LYS HG2  H  N N 224 
LYS HG3  H  N N 225 
LYS HD2  H  N N 226 
LYS HD3  H  N N 227 
LYS HE2  H  N N 228 
LYS HE3  H  N N 229 
LYS HZ1  H  N N 230 
LYS HZ2  H  N N 231 
LYS HZ3  H  N N 232 
LYS HXT  H  N N 233 
MET N    N  N N 234 
MET CA   C  N S 235 
MET C    C  N N 236 
MET O    O  N N 237 
MET CB   C  N N 238 
MET CG   C  N N 239 
MET SD   S  N N 240 
MET CE   C  N N 241 
MET OXT  O  N N 242 
MET H    H  N N 243 
MET H2   H  N N 244 
MET HA   H  N N 245 
MET HB2  H  N N 246 
MET HB3  H  N N 247 
MET HG2  H  N N 248 
MET HG3  H  N N 249 
MET HE1  H  N N 250 
MET HE2  H  N N 251 
MET HE3  H  N N 252 
MET HXT  H  N N 253 
PHE N    N  N N 254 
PHE CA   C  N S 255 
PHE C    C  N N 256 
PHE O    O  N N 257 
PHE CB   C  N N 258 
PHE CG   C  Y N 259 
PHE CD1  C  Y N 260 
PHE CD2  C  Y N 261 
PHE CE1  C  Y N 262 
PHE CE2  C  Y N 263 
PHE CZ   C  Y N 264 
PHE OXT  O  N N 265 
PHE H    H  N N 266 
PHE H2   H  N N 267 
PHE HA   H  N N 268 
PHE HB2  H  N N 269 
PHE HB3  H  N N 270 
PHE HD1  H  N N 271 
PHE HD2  H  N N 272 
PHE HE1  H  N N 273 
PHE HE2  H  N N 274 
PHE HZ   H  N N 275 
PHE HXT  H  N N 276 
PRO N    N  N N 277 
PRO CA   C  N S 278 
PRO C    C  N N 279 
PRO O    O  N N 280 
PRO CB   C  N N 281 
PRO CG   C  N N 282 
PRO CD   C  N N 283 
PRO OXT  O  N N 284 
PRO H    H  N N 285 
PRO HA   H  N N 286 
PRO HB2  H  N N 287 
PRO HB3  H  N N 288 
PRO HG2  H  N N 289 
PRO HG3  H  N N 290 
PRO HD2  H  N N 291 
PRO HD3  H  N N 292 
PRO HXT  H  N N 293 
SER N    N  N N 294 
SER CA   C  N S 295 
SER C    C  N N 296 
SER O    O  N N 297 
SER CB   C  N N 298 
SER OG   O  N N 299 
SER OXT  O  N N 300 
SER H    H  N N 301 
SER H2   H  N N 302 
SER HA   H  N N 303 
SER HB2  H  N N 304 
SER HB3  H  N N 305 
SER HG   H  N N 306 
SER HXT  H  N N 307 
THR N    N  N N 308 
THR CA   C  N S 309 
THR C    C  N N 310 
THR O    O  N N 311 
THR CB   C  N R 312 
THR OG1  O  N N 313 
THR CG2  C  N N 314 
THR OXT  O  N N 315 
THR H    H  N N 316 
THR H2   H  N N 317 
THR HA   H  N N 318 
THR HB   H  N N 319 
THR HG1  H  N N 320 
THR HG21 H  N N 321 
THR HG22 H  N N 322 
THR HG23 H  N N 323 
THR HXT  H  N N 324 
TRP N    N  N N 325 
TRP CA   C  N S 326 
TRP C    C  N N 327 
TRP O    O  N N 328 
TRP CB   C  N N 329 
TRP CG   C  Y N 330 
TRP CD1  C  Y N 331 
TRP CD2  C  Y N 332 
TRP NE1  N  Y N 333 
TRP CE2  C  Y N 334 
TRP CE3  C  Y N 335 
TRP CZ2  C  Y N 336 
TRP CZ3  C  Y N 337 
TRP CH2  C  Y N 338 
TRP OXT  O  N N 339 
TRP H    H  N N 340 
TRP H2   H  N N 341 
TRP HA   H  N N 342 
TRP HB2  H  N N 343 
TRP HB3  H  N N 344 
TRP HD1  H  N N 345 
TRP HE1  H  N N 346 
TRP HE3  H  N N 347 
TRP HZ2  H  N N 348 
TRP HZ3  H  N N 349 
TRP HH2  H  N N 350 
TRP HXT  H  N N 351 
TYR N    N  N N 352 
TYR CA   C  N S 353 
TYR C    C  N N 354 
TYR O    O  N N 355 
TYR CB   C  N N 356 
TYR CG   C  Y N 357 
TYR CD1  C  Y N 358 
TYR CD2  C  Y N 359 
TYR CE1  C  Y N 360 
TYR CE2  C  Y N 361 
TYR CZ   C  Y N 362 
TYR OH   O  N N 363 
TYR OXT  O  N N 364 
TYR H    H  N N 365 
TYR H2   H  N N 366 
TYR HA   H  N N 367 
TYR HB2  H  N N 368 
TYR HB3  H  N N 369 
TYR HD1  H  N N 370 
TYR HD2  H  N N 371 
TYR HE1  H  N N 372 
TYR HE2  H  N N 373 
TYR HH   H  N N 374 
TYR HXT  H  N N 375 
VAL N    N  N N 376 
VAL CA   C  N S 377 
VAL C    C  N N 378 
VAL O    O  N N 379 
VAL CB   C  N N 380 
VAL CG1  C  N N 381 
VAL CG2  C  N N 382 
VAL OXT  O  N N 383 
VAL H    H  N N 384 
VAL H2   H  N N 385 
VAL HA   H  N N 386 
VAL HB   H  N N 387 
VAL HG11 H  N N 388 
VAL HG12 H  N N 389 
VAL HG13 H  N N 390 
VAL HG21 H  N N 391 
VAL HG22 H  N N 392 
VAL HG23 H  N N 393 
VAL HXT  H  N N 394 
# 
loop_
_chem_comp_bond.comp_id 
_chem_comp_bond.atom_id_1 
_chem_comp_bond.atom_id_2 
_chem_comp_bond.value_order 
_chem_comp_bond.pdbx_aromatic_flag 
_chem_comp_bond.pdbx_stereo_config 
_chem_comp_bond.pdbx_ordinal 
ALA N   CA   sing N N 1   
ALA N   H    sing N N 2   
ALA N   H2   sing N N 3   
ALA CA  C    sing N N 4   
ALA CA  CB   sing N N 5   
ALA CA  HA   sing N N 6   
ALA C   O    doub N N 7   
ALA C   OXT  sing N N 8   
ALA CB  HB1  sing N N 9   
ALA CB  HB2  sing N N 10  
ALA CB  HB3  sing N N 11  
ALA OXT HXT  sing N N 12  
ARG N   CA   sing N N 13  
ARG N   H    sing N N 14  
ARG N   H2   sing N N 15  
ARG CA  C    sing N N 16  
ARG CA  CB   sing N N 17  
ARG CA  HA   sing N N 18  
ARG C   O    doub N N 19  
ARG C   OXT  sing N N 20  
ARG CB  CG   sing N N 21  
ARG CB  HB2  sing N N 22  
ARG CB  HB3  sing N N 23  
ARG CG  CD   sing N N 24  
ARG CG  HG2  sing N N 25  
ARG CG  HG3  sing N N 26  
ARG CD  NE   sing N N 27  
ARG CD  HD2  sing N N 28  
ARG CD  HD3  sing N N 29  
ARG NE  CZ   sing N N 30  
ARG NE  HE   sing N N 31  
ARG CZ  NH1  sing N N 32  
ARG CZ  NH2  doub N N 33  
ARG NH1 HH11 sing N N 34  
ARG NH1 HH12 sing N N 35  
ARG NH2 HH21 sing N N 36  
ARG NH2 HH22 sing N N 37  
ARG OXT HXT  sing N N 38  
ASN N   CA   sing N N 39  
ASN N   H    sing N N 40  
ASN N   H2   sing N N 41  
ASN CA  C    sing N N 42  
ASN CA  CB   sing N N 43  
ASN CA  HA   sing N N 44  
ASN C   O    doub N N 45  
ASN C   OXT  sing N N 46  
ASN CB  CG   sing N N 47  
ASN CB  HB2  sing N N 48  
ASN CB  HB3  sing N N 49  
ASN CG  OD1  doub N N 50  
ASN CG  ND2  sing N N 51  
ASN ND2 HD21 sing N N 52  
ASN ND2 HD22 sing N N 53  
ASN OXT HXT  sing N N 54  
ASP N   CA   sing N N 55  
ASP N   H    sing N N 56  
ASP N   H2   sing N N 57  
ASP CA  C    sing N N 58  
ASP CA  CB   sing N N 59  
ASP CA  HA   sing N N 60  
ASP C   O    doub N N 61  
ASP C   OXT  sing N N 62  
ASP CB  CG   sing N N 63  
ASP CB  HB2  sing N N 64  
ASP CB  HB3  sing N N 65  
ASP CG  OD1  doub N N 66  
ASP CG  OD2  sing N N 67  
ASP OD2 HD2  sing N N 68  
ASP OXT HXT  sing N N 69  
CYS N   CA   sing N N 70  
CYS N   H    sing N N 71  
CYS N   H2   sing N N 72  
CYS CA  C    sing N N 73  
CYS CA  CB   sing N N 74  
CYS CA  HA   sing N N 75  
CYS C   O    doub N N 76  
CYS C   OXT  sing N N 77  
CYS CB  SG   sing N N 78  
CYS CB  HB2  sing N N 79  
CYS CB  HB3  sing N N 80  
CYS SG  HG   sing N N 81  
CYS OXT HXT  sing N N 82  
FES FE1 S1   sing N N 83  
FES FE1 S2   sing N N 84  
FES FE2 S1   sing N N 85  
FES FE2 S2   sing N N 86  
GLN N   CA   sing N N 87  
GLN N   H    sing N N 88  
GLN N   H2   sing N N 89  
GLN CA  C    sing N N 90  
GLN CA  CB   sing N N 91  
GLN CA  HA   sing N N 92  
GLN C   O    doub N N 93  
GLN C   OXT  sing N N 94  
GLN CB  CG   sing N N 95  
GLN CB  HB2  sing N N 96  
GLN CB  HB3  sing N N 97  
GLN CG  CD   sing N N 98  
GLN CG  HG2  sing N N 99  
GLN CG  HG3  sing N N 100 
GLN CD  OE1  doub N N 101 
GLN CD  NE2  sing N N 102 
GLN NE2 HE21 sing N N 103 
GLN NE2 HE22 sing N N 104 
GLN OXT HXT  sing N N 105 
GLU N   CA   sing N N 106 
GLU N   H    sing N N 107 
GLU N   H2   sing N N 108 
GLU CA  C    sing N N 109 
GLU CA  CB   sing N N 110 
GLU CA  HA   sing N N 111 
GLU C   O    doub N N 112 
GLU C   OXT  sing N N 113 
GLU CB  CG   sing N N 114 
GLU CB  HB2  sing N N 115 
GLU CB  HB3  sing N N 116 
GLU CG  CD   sing N N 117 
GLU CG  HG2  sing N N 118 
GLU CG  HG3  sing N N 119 
GLU CD  OE1  doub N N 120 
GLU CD  OE2  sing N N 121 
GLU OE2 HE2  sing N N 122 
GLU OXT HXT  sing N N 123 
GLY N   CA   sing N N 124 
GLY N   H    sing N N 125 
GLY N   H2   sing N N 126 
GLY CA  C    sing N N 127 
GLY CA  HA2  sing N N 128 
GLY CA  HA3  sing N N 129 
GLY C   O    doub N N 130 
GLY C   OXT  sing N N 131 
GLY OXT HXT  sing N N 132 
HIS N   CA   sing N N 133 
HIS N   H    sing N N 134 
HIS N   H2   sing N N 135 
HIS CA  C    sing N N 136 
HIS CA  CB   sing N N 137 
HIS CA  HA   sing N N 138 
HIS C   O    doub N N 139 
HIS C   OXT  sing N N 140 
HIS CB  CG   sing N N 141 
HIS CB  HB2  sing N N 142 
HIS CB  HB3  sing N N 143 
HIS CG  ND1  sing Y N 144 
HIS CG  CD2  doub Y N 145 
HIS ND1 CE1  doub Y N 146 
HIS ND1 HD1  sing N N 147 
HIS CD2 NE2  sing Y N 148 
HIS CD2 HD2  sing N N 149 
HIS CE1 NE2  sing Y N 150 
HIS CE1 HE1  sing N N 151 
HIS NE2 HE2  sing N N 152 
HIS OXT HXT  sing N N 153 
HOH O   H1   sing N N 154 
HOH O   H2   sing N N 155 
ILE N   CA   sing N N 156 
ILE N   H    sing N N 157 
ILE N   H2   sing N N 158 
ILE CA  C    sing N N 159 
ILE CA  CB   sing N N 160 
ILE CA  HA   sing N N 161 
ILE C   O    doub N N 162 
ILE C   OXT  sing N N 163 
ILE CB  CG1  sing N N 164 
ILE CB  CG2  sing N N 165 
ILE CB  HB   sing N N 166 
ILE CG1 CD1  sing N N 167 
ILE CG1 HG12 sing N N 168 
ILE CG1 HG13 sing N N 169 
ILE CG2 HG21 sing N N 170 
ILE CG2 HG22 sing N N 171 
ILE CG2 HG23 sing N N 172 
ILE CD1 HD11 sing N N 173 
ILE CD1 HD12 sing N N 174 
ILE CD1 HD13 sing N N 175 
ILE OXT HXT  sing N N 176 
LEU N   CA   sing N N 177 
LEU N   H    sing N N 178 
LEU N   H2   sing N N 179 
LEU CA  C    sing N N 180 
LEU CA  CB   sing N N 181 
LEU CA  HA   sing N N 182 
LEU C   O    doub N N 183 
LEU C   OXT  sing N N 184 
LEU CB  CG   sing N N 185 
LEU CB  HB2  sing N N 186 
LEU CB  HB3  sing N N 187 
LEU CG  CD1  sing N N 188 
LEU CG  CD2  sing N N 189 
LEU CG  HG   sing N N 190 
LEU CD1 HD11 sing N N 191 
LEU CD1 HD12 sing N N 192 
LEU CD1 HD13 sing N N 193 
LEU CD2 HD21 sing N N 194 
LEU CD2 HD22 sing N N 195 
LEU CD2 HD23 sing N N 196 
LEU OXT HXT  sing N N 197 
LYS N   CA   sing N N 198 
LYS N   H    sing N N 199 
LYS N   H2   sing N N 200 
LYS CA  C    sing N N 201 
LYS CA  CB   sing N N 202 
LYS CA  HA   sing N N 203 
LYS C   O    doub N N 204 
LYS C   OXT  sing N N 205 
LYS CB  CG   sing N N 206 
LYS CB  HB2  sing N N 207 
LYS CB  HB3  sing N N 208 
LYS CG  CD   sing N N 209 
LYS CG  HG2  sing N N 210 
LYS CG  HG3  sing N N 211 
LYS CD  CE   sing N N 212 
LYS CD  HD2  sing N N 213 
LYS CD  HD3  sing N N 214 
LYS CE  NZ   sing N N 215 
LYS CE  HE2  sing N N 216 
LYS CE  HE3  sing N N 217 
LYS NZ  HZ1  sing N N 218 
LYS NZ  HZ2  sing N N 219 
LYS NZ  HZ3  sing N N 220 
LYS OXT HXT  sing N N 221 
MET N   CA   sing N N 222 
MET N   H    sing N N 223 
MET N   H2   sing N N 224 
MET CA  C    sing N N 225 
MET CA  CB   sing N N 226 
MET CA  HA   sing N N 227 
MET C   O    doub N N 228 
MET C   OXT  sing N N 229 
MET CB  CG   sing N N 230 
MET CB  HB2  sing N N 231 
MET CB  HB3  sing N N 232 
MET CG  SD   sing N N 233 
MET CG  HG2  sing N N 234 
MET CG  HG3  sing N N 235 
MET SD  CE   sing N N 236 
MET CE  HE1  sing N N 237 
MET CE  HE2  sing N N 238 
MET CE  HE3  sing N N 239 
MET OXT HXT  sing N N 240 
PHE N   CA   sing N N 241 
PHE N   H    sing N N 242 
PHE N   H2   sing N N 243 
PHE CA  C    sing N N 244 
PHE CA  CB   sing N N 245 
PHE CA  HA   sing N N 246 
PHE C   O    doub N N 247 
PHE C   OXT  sing N N 248 
PHE CB  CG   sing N N 249 
PHE CB  HB2  sing N N 250 
PHE CB  HB3  sing N N 251 
PHE CG  CD1  doub Y N 252 
PHE CG  CD2  sing Y N 253 
PHE CD1 CE1  sing Y N 254 
PHE CD1 HD1  sing N N 255 
PHE CD2 CE2  doub Y N 256 
PHE CD2 HD2  sing N N 257 
PHE CE1 CZ   doub Y N 258 
PHE CE1 HE1  sing N N 259 
PHE CE2 CZ   sing Y N 260 
PHE CE2 HE2  sing N N 261 
PHE CZ  HZ   sing N N 262 
PHE OXT HXT  sing N N 263 
PRO N   CA   sing N N 264 
PRO N   CD   sing N N 265 
PRO N   H    sing N N 266 
PRO CA  C    sing N N 267 
PRO CA  CB   sing N N 268 
PRO CA  HA   sing N N 269 
PRO C   O    doub N N 270 
PRO C   OXT  sing N N 271 
PRO CB  CG   sing N N 272 
PRO CB  HB2  sing N N 273 
PRO CB  HB3  sing N N 274 
PRO CG  CD   sing N N 275 
PRO CG  HG2  sing N N 276 
PRO CG  HG3  sing N N 277 
PRO CD  HD2  sing N N 278 
PRO CD  HD3  sing N N 279 
PRO OXT HXT  sing N N 280 
SER N   CA   sing N N 281 
SER N   H    sing N N 282 
SER N   H2   sing N N 283 
SER CA  C    sing N N 284 
SER CA  CB   sing N N 285 
SER CA  HA   sing N N 286 
SER C   O    doub N N 287 
SER C   OXT  sing N N 288 
SER CB  OG   sing N N 289 
SER CB  HB2  sing N N 290 
SER CB  HB3  sing N N 291 
SER OG  HG   sing N N 292 
SER OXT HXT  sing N N 293 
THR N   CA   sing N N 294 
THR N   H    sing N N 295 
THR N   H2   sing N N 296 
THR CA  C    sing N N 297 
THR CA  CB   sing N N 298 
THR CA  HA   sing N N 299 
THR C   O    doub N N 300 
THR C   OXT  sing N N 301 
THR CB  OG1  sing N N 302 
THR CB  CG2  sing N N 303 
THR CB  HB   sing N N 304 
THR OG1 HG1  sing N N 305 
THR CG2 HG21 sing N N 306 
THR CG2 HG22 sing N N 307 
THR CG2 HG23 sing N N 308 
THR OXT HXT  sing N N 309 
TRP N   CA   sing N N 310 
TRP N   H    sing N N 311 
TRP N   H2   sing N N 312 
TRP CA  C    sing N N 313 
TRP CA  CB   sing N N 314 
TRP CA  HA   sing N N 315 
TRP C   O    doub N N 316 
TRP C   OXT  sing N N 317 
TRP CB  CG   sing N N 318 
TRP CB  HB2  sing N N 319 
TRP CB  HB3  sing N N 320 
TRP CG  CD1  doub Y N 321 
TRP CG  CD2  sing Y N 322 
TRP CD1 NE1  sing Y N 323 
TRP CD1 HD1  sing N N 324 
TRP CD2 CE2  doub Y N 325 
TRP CD2 CE3  sing Y N 326 
TRP NE1 CE2  sing Y N 327 
TRP NE1 HE1  sing N N 328 
TRP CE2 CZ2  sing Y N 329 
TRP CE3 CZ3  doub Y N 330 
TRP CE3 HE3  sing N N 331 
TRP CZ2 CH2  doub Y N 332 
TRP CZ2 HZ2  sing N N 333 
TRP CZ3 CH2  sing Y N 334 
TRP CZ3 HZ3  sing N N 335 
TRP CH2 HH2  sing N N 336 
TRP OXT HXT  sing N N 337 
TYR N   CA   sing N N 338 
TYR N   H    sing N N 339 
TYR N   H2   sing N N 340 
TYR CA  C    sing N N 341 
TYR CA  CB   sing N N 342 
TYR CA  HA   sing N N 343 
TYR C   O    doub N N 344 
TYR C   OXT  sing N N 345 
TYR CB  CG   sing N N 346 
TYR CB  HB2  sing N N 347 
TYR CB  HB3  sing N N 348 
TYR CG  CD1  doub Y N 349 
TYR CG  CD2  sing Y N 350 
TYR CD1 CE1  sing Y N 351 
TYR CD1 HD1  sing N N 352 
TYR CD2 CE2  doub Y N 353 
TYR CD2 HD2  sing N N 354 
TYR CE1 CZ   doub Y N 355 
TYR CE1 HE1  sing N N 356 
TYR CE2 CZ   sing Y N 357 
TYR CE2 HE2  sing N N 358 
TYR CZ  OH   sing N N 359 
TYR OH  HH   sing N N 360 
TYR OXT HXT  sing N N 361 
VAL N   CA   sing N N 362 
VAL N   H    sing N N 363 
VAL N   H2   sing N N 364 
VAL CA  C    sing N N 365 
VAL CA  CB   sing N N 366 
VAL CA  HA   sing N N 367 
VAL C   O    doub N N 368 
VAL C   OXT  sing N N 369 
VAL CB  CG1  sing N N 370 
VAL CB  CG2  sing N N 371 
VAL CB  HB   sing N N 372 
VAL CG1 HG11 sing N N 373 
VAL CG1 HG12 sing N N 374 
VAL CG1 HG13 sing N N 375 
VAL CG2 HG21 sing N N 376 
VAL CG2 HG22 sing N N 377 
VAL CG2 HG23 sing N N 378 
VAL OXT HXT  sing N N 379 
# 
loop_
_pdbx_entity_nonpoly.entity_id 
_pdbx_entity_nonpoly.name 
_pdbx_entity_nonpoly.comp_id 
2 'FE2/S2 (INORGANIC) CLUSTER' FES 
3 water                        HOH 
# 
_pdbx_initial_refinement_model.id               1 
_pdbx_initial_refinement_model.entity_id_list   ? 
_pdbx_initial_refinement_model.type             'experimental model' 
_pdbx_initial_refinement_model.source_name      PDB 
_pdbx_initial_refinement_model.accession_code   1E9M 
_pdbx_initial_refinement_model.details          'PDB ENTRY 1E9M' 
# 
